data_8UBH
#
_entry.id   8UBH
#
_entity_poly.entity_id   1
_entity_poly.type   'polypeptide(L)'
_entity_poly.pdbx_seq_one_letter_code
;MYVFRLYVRGETHAAEVALKNLHDLLSSALKVPYTLKVVDVTKQPDLAEKDQVQATPTLVRVYPQPVRRLVGQLDHRYRL
QHLLSP
;
_entity_poly.pdbx_strand_id   A
#
# COMPACT_ATOMS: atom_id res chain seq x y z
N MET A 1 -0.80 13.76 10.30
CA MET A 1 0.66 13.69 10.04
C MET A 1 1.07 12.21 9.87
N TYR A 2 0.73 11.63 8.72
CA TYR A 2 1.05 10.23 8.42
C TYR A 2 1.64 10.12 7.02
N VAL A 3 2.57 9.16 6.81
CA VAL A 3 3.16 8.96 5.49
C VAL A 3 2.76 7.57 4.98
N PHE A 4 2.25 7.51 3.75
CA PHE A 4 1.77 6.26 3.17
C PHE A 4 2.60 5.84 1.95
N ARG A 5 2.81 4.53 1.81
CA ARG A 5 3.59 3.97 0.70
C ARG A 5 2.89 2.74 0.11
N LEU A 6 2.71 2.74 -1.21
CA LEU A 6 2.06 1.62 -1.91
C LEU A 6 2.97 1.10 -3.02
N TYR A 7 3.07 -0.23 -3.12
CA TYR A 7 3.93 -0.88 -4.08
C TYR A 7 3.14 -1.52 -5.21
N VAL A 8 3.65 -1.34 -6.44
CA VAL A 8 3.06 -1.95 -7.63
C VAL A 8 4.15 -2.55 -8.52
N ARG A 9 3.76 -3.51 -9.37
CA ARG A 9 4.71 -4.18 -10.28
C ARG A 9 4.52 -3.70 -11.72
N GLY A 10 5.52 -3.00 -12.25
CA GLY A 10 5.49 -2.51 -13.63
C GLY A 10 4.22 -1.71 -13.89
N GLU A 11 3.54 -2.03 -15.01
CA GLU A 11 2.28 -1.38 -15.36
C GLU A 11 1.18 -2.43 -15.47
N THR A 12 0.30 -2.47 -14.46
CA THR A 12 -0.81 -3.42 -14.43
C THR A 12 -2.12 -2.69 -14.16
N HIS A 13 -3.15 -2.99 -14.95
CA HIS A 13 -4.46 -2.37 -14.78
C HIS A 13 -5.04 -2.70 -13.42
N ALA A 14 -4.88 -3.97 -13.00
CA ALA A 14 -5.36 -4.42 -11.71
C ALA A 14 -4.66 -3.68 -10.57
N ALA A 15 -3.34 -3.49 -10.73
CA ALA A 15 -2.55 -2.79 -9.72
C ALA A 15 -3.01 -1.35 -9.53
N GLU A 16 -3.31 -0.67 -10.64
CA GLU A 16 -3.77 0.72 -10.60
C GLU A 16 -5.15 0.81 -9.97
N VAL A 17 -6.03 -0.14 -10.33
CA VAL A 17 -7.37 -0.19 -9.77
C VAL A 17 -7.29 -0.45 -8.26
N ALA A 18 -6.42 -1.40 -7.90
CA ALA A 18 -6.18 -1.75 -6.51
C ALA A 18 -5.61 -0.57 -5.76
N LEU A 19 -4.69 0.17 -6.40
CA LEU A 19 -4.06 1.34 -5.78
C LEU A 19 -5.11 2.40 -5.50
N LYS A 20 -5.95 2.68 -6.49
CA LYS A 20 -7.02 3.66 -6.36
C LYS A 20 -8.04 3.19 -5.32
N ASN A 21 -8.35 1.89 -5.33
CA ASN A 21 -9.31 1.31 -4.38
C ASN A 21 -8.78 1.37 -2.96
N LEU A 22 -7.48 1.09 -2.81
CA LEU A 22 -6.83 1.14 -1.50
C LEU A 22 -6.74 2.59 -1.03
N HIS A 23 -6.39 3.48 -1.96
CA HIS A 23 -6.31 4.90 -1.67
C HIS A 23 -7.70 5.41 -1.26
N ASP A 24 -8.70 4.98 -2.02
CA ASP A 24 -10.09 5.33 -1.79
C ASP A 24 -10.58 4.84 -0.42
N LEU A 25 -10.30 3.57 -0.13
CA LEU A 25 -10.71 2.96 1.14
C LEU A 25 -10.03 3.64 2.33
N LEU A 26 -8.73 3.96 2.17
CA LEU A 26 -7.95 4.61 3.22
C LEU A 26 -8.49 6.01 3.53
N SER A 27 -8.87 6.74 2.48
CA SER A 27 -9.38 8.10 2.64
C SER A 27 -10.66 8.09 3.44
N SER A 28 -11.56 7.17 3.07
CA SER A 28 -12.84 7.04 3.76
C SER A 28 -12.64 6.50 5.18
N ALA A 29 -11.69 5.56 5.31
CA ALA A 29 -11.39 4.94 6.60
C ALA A 29 -10.83 5.95 7.59
N LEU A 30 -9.99 6.86 7.09
CA LEU A 30 -9.35 7.87 7.94
C LEU A 30 -9.92 9.25 7.70
N LYS A 31 -10.38 9.90 8.79
CA LYS A 31 -10.95 11.23 8.71
C LYS A 31 -9.89 12.24 8.23
N VAL A 32 -8.67 12.12 8.79
CA VAL A 32 -7.58 13.04 8.46
C VAL A 32 -6.94 12.70 7.09
N PRO A 33 -6.41 13.70 6.35
CA PRO A 33 -5.73 13.46 5.02
C PRO A 33 -4.36 12.82 5.19
N TYR A 34 -3.86 12.20 4.11
CA TYR A 34 -2.55 11.55 4.12
C TYR A 34 -1.88 11.64 2.74
N THR A 35 -0.56 11.41 2.71
CA THR A 35 0.21 11.47 1.47
C THR A 35 0.63 10.06 1.05
N LEU A 36 0.31 9.70 -0.21
CA LEU A 36 0.63 8.38 -0.75
C LEU A 36 1.46 8.51 -2.01
N LYS A 37 2.57 7.74 -2.07
CA LYS A 37 3.47 7.76 -3.23
C LYS A 37 3.51 6.39 -3.89
N VAL A 38 3.70 6.38 -5.22
CA VAL A 38 3.75 5.13 -5.99
C VAL A 38 5.21 4.70 -6.18
N VAL A 39 5.51 3.46 -5.81
CA VAL A 39 6.88 2.92 -5.92
C VAL A 39 6.89 1.69 -6.83
N ASP A 40 7.78 1.71 -7.83
CA ASP A 40 7.92 0.61 -8.77
C ASP A 40 8.84 -0.46 -8.19
N VAL A 41 8.25 -1.60 -7.84
CA VAL A 41 8.98 -2.71 -7.21
C VAL A 41 10.09 -3.23 -8.15
N THR A 42 9.75 -3.39 -9.42
CA THR A 42 10.71 -3.93 -10.40
C THR A 42 11.84 -2.96 -10.71
N LYS A 43 11.53 -1.65 -10.70
CA LYS A 43 12.54 -0.63 -11.05
C LYS A 43 13.55 -0.41 -9.92
N GLN A 44 13.07 -0.28 -8.67
CA GLN A 44 13.95 -0.03 -7.52
C GLN A 44 14.21 -1.32 -6.67
N PRO A 45 15.36 -2.01 -6.82
CA PRO A 45 15.69 -3.23 -6.01
C PRO A 45 15.76 -2.94 -4.51
N ASP A 46 16.19 -1.74 -4.14
CA ASP A 46 16.41 -1.41 -2.72
C ASP A 46 15.12 -1.56 -1.92
N LEU A 47 14.04 -0.92 -2.38
CA LEU A 47 12.75 -1.02 -1.69
C LEU A 47 12.10 -2.39 -1.88
N ALA A 48 12.15 -2.92 -3.11
CA ALA A 48 11.52 -4.21 -3.42
C ALA A 48 12.16 -5.37 -2.66
N GLU A 49 13.50 -5.38 -2.63
CA GLU A 49 14.26 -6.44 -1.98
C GLU A 49 14.12 -6.34 -0.47
N LYS A 50 14.30 -5.12 0.03
CA LYS A 50 14.23 -4.85 1.46
C LYS A 50 12.83 -5.13 1.99
N ASP A 51 11.83 -4.76 1.21
CA ASP A 51 10.42 -4.91 1.61
C ASP A 51 9.95 -6.39 1.53
N GLN A 52 10.72 -7.24 0.85
CA GLN A 52 10.40 -8.67 0.74
C GLN A 52 8.95 -8.89 0.22
N VAL A 53 8.65 -8.28 -0.93
CA VAL A 53 7.32 -8.39 -1.55
C VAL A 53 7.20 -9.68 -2.41
N GLN A 54 6.15 -10.47 -2.13
CA GLN A 54 5.87 -11.70 -2.87
C GLN A 54 4.63 -11.54 -3.77
N ALA A 55 3.49 -11.17 -3.15
CA ALA A 55 2.24 -10.96 -3.90
C ALA A 55 1.83 -9.48 -3.83
N THR A 56 1.51 -8.92 -5.00
CA THR A 56 1.16 -7.50 -5.13
C THR A 56 -0.36 -7.20 -4.92
N PRO A 57 -0.73 -5.95 -4.57
CA PRO A 57 0.21 -4.80 -4.24
C PRO A 57 0.70 -4.97 -2.80
N THR A 58 1.69 -4.16 -2.38
CA THR A 58 2.15 -4.21 -0.99
C THR A 58 1.89 -2.86 -0.32
N LEU A 59 1.14 -2.90 0.79
CA LEU A 59 0.80 -1.69 1.53
C LEU A 59 1.74 -1.52 2.69
N VAL A 60 2.48 -0.42 2.68
CA VAL A 60 3.41 -0.11 3.76
C VAL A 60 3.05 1.24 4.38
N ARG A 61 2.77 1.23 5.69
CA ARG A 61 2.43 2.46 6.41
C ARG A 61 3.69 3.13 6.92
N VAL A 62 4.03 4.28 6.33
CA VAL A 62 5.24 5.02 6.67
C VAL A 62 4.97 5.98 7.85
N TYR A 63 6.00 6.17 8.66
CA TYR A 63 5.92 6.98 9.87
C TYR A 63 5.49 8.44 9.54
N PRO A 64 4.98 9.23 10.53
CA PRO A 64 4.78 8.85 12.00
C PRO A 64 3.92 7.60 12.21
N GLN A 65 4.08 7.00 13.39
CA GLN A 65 3.40 5.75 13.74
C GLN A 65 1.87 5.81 13.45
N PRO A 66 1.19 4.65 13.25
CA PRO A 66 1.79 3.25 13.28
C PRO A 66 2.47 2.86 11.97
N VAL A 67 3.62 2.17 12.08
CA VAL A 67 4.34 1.66 10.91
C VAL A 67 3.96 0.20 10.65
N ARG A 68 3.58 -0.12 9.40
CA ARG A 68 3.16 -1.50 9.05
C ARG A 68 3.61 -1.93 7.67
N ARG A 69 3.70 -3.26 7.49
CA ARG A 69 3.98 -3.85 6.18
C ARG A 69 2.95 -4.95 5.90
N LEU A 70 2.16 -4.76 4.85
CA LEU A 70 1.16 -5.74 4.44
C LEU A 70 1.40 -6.14 3.00
N VAL A 71 1.65 -7.43 2.77
CA VAL A 71 1.97 -7.92 1.43
C VAL A 71 1.10 -9.14 1.06
N GLY A 72 0.52 -9.08 -0.15
CA GLY A 72 -0.30 -10.20 -0.66
C GLY A 72 -1.16 -9.75 -1.82
N GLN A 73 -1.98 -10.66 -2.35
CA GLN A 73 -2.91 -10.33 -3.42
C GLN A 73 -3.97 -9.39 -2.86
N LEU A 74 -3.65 -8.10 -2.86
CA LEU A 74 -4.56 -7.09 -2.25
C LEU A 74 -5.58 -6.56 -3.26
N ASP A 75 -6.61 -7.38 -3.54
CA ASP A 75 -7.69 -6.99 -4.44
C ASP A 75 -9.07 -6.94 -3.72
N HIS A 76 -9.06 -7.15 -2.37
CA HIS A 76 -10.31 -7.11 -1.58
C HIS A 76 -10.14 -6.33 -0.26
N ARG A 77 -11.28 -5.86 0.29
CA ARG A 77 -11.30 -5.04 1.51
C ARG A 77 -11.02 -5.84 2.79
N TYR A 78 -11.13 -7.16 2.75
CA TYR A 78 -10.96 -7.98 3.98
C TYR A 78 -9.56 -7.72 4.59
N ARG A 79 -8.51 -7.79 3.76
CA ARG A 79 -7.14 -7.57 4.22
C ARG A 79 -6.98 -6.15 4.78
N LEU A 80 -7.57 -5.18 4.07
CA LEU A 80 -7.51 -3.78 4.47
C LEU A 80 -8.27 -3.56 5.78
N GLN A 81 -9.38 -4.29 5.95
CA GLN A 81 -10.20 -4.18 7.15
C GLN A 81 -9.43 -4.55 8.42
N HIS A 82 -8.65 -5.67 8.38
CA HIS A 82 -7.83 -6.03 9.57
C HIS A 82 -6.64 -5.05 9.73
N LEU A 83 -6.20 -4.49 8.59
CA LEU A 83 -5.07 -3.56 8.56
C LEU A 83 -5.37 -2.32 9.39
N LEU A 84 -6.60 -1.81 9.25
CA LEU A 84 -7.03 -0.60 9.98
C LEU A 84 -7.21 -0.87 11.49
N SER A 85 -7.47 -2.13 11.85
CA SER A 85 -7.69 -2.50 13.24
C SER A 85 -6.44 -2.20 14.09
N PRO A 86 -6.59 -1.84 15.39
CA PRO A 86 -5.42 -1.52 16.27
C PRO A 86 -4.64 -2.78 16.65
N MET A 1 3.05 15.29 9.98
CA MET A 1 2.19 14.50 9.06
C MET A 1 2.59 13.02 9.12
N TYR A 2 2.03 12.20 8.22
CA TYR A 2 2.30 10.77 8.19
C TYR A 2 2.82 10.38 6.81
N VAL A 3 3.69 9.35 6.75
CA VAL A 3 4.27 8.92 5.47
C VAL A 3 3.64 7.60 5.06
N PHE A 4 3.11 7.55 3.83
CA PHE A 4 2.41 6.34 3.36
C PHE A 4 3.04 5.86 2.04
N ARG A 5 3.24 4.54 1.94
CA ARG A 5 3.83 3.94 0.74
C ARG A 5 2.98 2.81 0.20
N LEU A 6 2.96 2.67 -1.12
CA LEU A 6 2.23 1.61 -1.80
C LEU A 6 3.08 1.04 -2.93
N TYR A 7 3.20 -0.28 -2.96
CA TYR A 7 4.01 -0.95 -3.99
C TYR A 7 3.12 -1.60 -5.04
N VAL A 8 3.30 -1.18 -6.30
CA VAL A 8 2.47 -1.70 -7.40
C VAL A 8 3.32 -1.97 -8.65
N ARG A 9 2.79 -2.80 -9.55
CA ARG A 9 3.46 -3.09 -10.82
C ARG A 9 3.14 -1.99 -11.83
N GLY A 10 4.12 -1.66 -12.67
CA GLY A 10 3.95 -0.60 -13.67
C GLY A 10 3.00 -1.02 -14.78
N GLU A 11 2.31 -0.04 -15.37
CA GLU A 11 1.37 -0.27 -16.47
C GLU A 11 0.44 -1.46 -16.19
N THR A 12 -0.16 -1.48 -14.98
CA THR A 12 -1.11 -2.54 -14.61
C THR A 12 -2.47 -1.91 -14.26
N HIS A 13 -3.49 -2.30 -15.03
CA HIS A 13 -4.85 -1.81 -14.81
C HIS A 13 -5.38 -2.21 -13.41
N ALA A 14 -5.18 -3.49 -13.06
CA ALA A 14 -5.65 -4.02 -11.79
C ALA A 14 -5.00 -3.32 -10.61
N ALA A 15 -3.69 -3.06 -10.72
CA ALA A 15 -2.93 -2.42 -9.65
C ALA A 15 -3.48 -1.02 -9.37
N GLU A 16 -3.81 -0.29 -10.44
CA GLU A 16 -4.34 1.07 -10.32
C GLU A 16 -5.71 1.07 -9.64
N VAL A 17 -6.55 0.09 -10.01
CA VAL A 17 -7.88 -0.03 -9.43
C VAL A 17 -7.76 -0.29 -7.92
N ALA A 18 -6.88 -1.23 -7.58
CA ALA A 18 -6.61 -1.58 -6.19
C ALA A 18 -6.03 -0.39 -5.45
N LEU A 19 -5.12 0.34 -6.12
CA LEU A 19 -4.49 1.51 -5.52
C LEU A 19 -5.53 2.58 -5.19
N LYS A 20 -6.41 2.83 -6.15
CA LYS A 20 -7.48 3.80 -5.97
C LYS A 20 -8.45 3.32 -4.88
N ASN A 21 -8.76 2.02 -4.89
CA ASN A 21 -9.69 1.42 -3.93
C ASN A 21 -9.16 1.45 -2.50
N LEU A 22 -7.85 1.17 -2.33
CA LEU A 22 -7.24 1.19 -1.00
C LEU A 22 -6.93 2.61 -0.56
N HIS A 23 -6.52 3.44 -1.53
CA HIS A 23 -6.30 4.87 -1.26
C HIS A 23 -7.61 5.50 -0.83
N ASP A 24 -8.67 5.16 -1.56
CA ASP A 24 -10.02 5.64 -1.30
C ASP A 24 -10.50 5.23 0.10
N LEU A 25 -10.31 3.94 0.45
CA LEU A 25 -10.71 3.43 1.76
C LEU A 25 -9.94 4.11 2.89
N LEU A 26 -8.64 4.35 2.67
CA LEU A 26 -7.79 5.02 3.68
C LEU A 26 -8.27 6.43 3.93
N SER A 27 -8.66 7.13 2.85
CA SER A 27 -9.14 8.50 2.95
C SER A 27 -10.37 8.57 3.82
N SER A 28 -11.31 7.65 3.57
CA SER A 28 -12.54 7.60 4.33
C SER A 28 -12.27 7.32 5.80
N ALA A 29 -11.35 6.38 6.05
CA ALA A 29 -10.98 5.99 7.41
C ALA A 29 -10.31 7.16 8.15
N LEU A 30 -9.50 7.94 7.42
CA LEU A 30 -8.76 9.06 8.02
C LEU A 30 -9.42 10.40 7.70
N LYS A 31 -9.88 11.08 8.76
CA LYS A 31 -10.51 12.40 8.61
C LYS A 31 -9.52 13.39 8.00
N VAL A 32 -8.28 13.38 8.54
CA VAL A 32 -7.23 14.28 8.07
C VAL A 32 -6.55 13.73 6.78
N PRO A 33 -6.00 14.61 5.91
CA PRO A 33 -5.32 14.17 4.65
C PRO A 33 -3.96 13.53 4.94
N TYR A 34 -3.47 12.73 3.98
CA TYR A 34 -2.18 12.06 4.12
C TYR A 34 -1.47 11.96 2.76
N THR A 35 -0.15 11.74 2.80
CA THR A 35 0.65 11.63 1.56
C THR A 35 0.99 10.18 1.25
N LEU A 36 0.61 9.75 0.04
CA LEU A 36 0.85 8.40 -0.42
C LEU A 36 1.69 8.40 -1.69
N LYS A 37 2.79 7.65 -1.65
CA LYS A 37 3.69 7.56 -2.81
C LYS A 37 3.63 6.16 -3.42
N VAL A 38 3.82 6.11 -4.76
CA VAL A 38 3.74 4.85 -5.50
C VAL A 38 5.15 4.36 -5.84
N VAL A 39 5.42 3.10 -5.50
CA VAL A 39 6.74 2.49 -5.74
C VAL A 39 6.59 1.27 -6.65
N ASP A 40 7.37 1.26 -7.74
CA ASP A 40 7.34 0.17 -8.71
C ASP A 40 8.32 -0.94 -8.33
N VAL A 41 7.77 -2.08 -7.91
CA VAL A 41 8.57 -3.23 -7.48
C VAL A 41 9.46 -3.74 -8.63
N THR A 42 8.87 -3.82 -9.83
CA THR A 42 9.57 -4.33 -11.01
C THR A 42 10.66 -3.37 -11.49
N LYS A 43 10.50 -2.05 -11.20
CA LYS A 43 11.46 -1.05 -11.66
C LYS A 43 12.61 -0.82 -10.67
N GLN A 44 12.28 -0.68 -9.37
CA GLN A 44 13.30 -0.43 -8.34
C GLN A 44 13.63 -1.70 -7.49
N PRO A 45 14.74 -2.42 -7.78
CA PRO A 45 15.17 -3.60 -6.93
C PRO A 45 15.49 -3.18 -5.50
N ASP A 46 16.03 -1.97 -5.35
CA ASP A 46 16.48 -1.51 -4.02
C ASP A 46 15.34 -1.51 -3.01
N LEU A 47 14.22 -0.88 -3.36
CA LEU A 47 13.07 -0.82 -2.46
C LEU A 47 12.40 -2.19 -2.30
N ALA A 48 12.23 -2.91 -3.43
CA ALA A 48 11.57 -4.22 -3.41
C ALA A 48 12.36 -5.29 -2.66
N GLU A 49 13.68 -5.30 -2.90
CA GLU A 49 14.58 -6.29 -2.30
C GLU A 49 14.70 -6.08 -0.80
N LYS A 50 14.88 -4.83 -0.41
CA LYS A 50 15.05 -4.48 1.00
C LYS A 50 13.75 -4.69 1.78
N ASP A 51 12.62 -4.45 1.10
CA ASP A 51 11.30 -4.60 1.74
C ASP A 51 10.90 -6.08 1.92
N GLN A 52 11.61 -6.99 1.23
CA GLN A 52 11.37 -8.44 1.37
C GLN A 52 9.87 -8.78 1.39
N VAL A 53 9.13 -8.29 0.40
CA VAL A 53 7.68 -8.49 0.32
C VAL A 53 7.34 -9.80 -0.39
N GLN A 54 6.54 -10.64 0.28
CA GLN A 54 6.17 -11.96 -0.23
C GLN A 54 5.34 -11.89 -1.52
N ALA A 55 4.39 -10.93 -1.59
CA ALA A 55 3.54 -10.81 -2.77
C ALA A 55 3.00 -9.37 -2.96
N THR A 56 2.76 -9.03 -4.22
CA THR A 56 2.30 -7.69 -4.62
C THR A 56 0.72 -7.54 -4.63
N PRO A 57 0.17 -6.32 -4.40
CA PRO A 57 0.93 -5.07 -3.99
C PRO A 57 1.29 -5.13 -2.52
N THR A 58 2.13 -4.19 -2.07
CA THR A 58 2.49 -4.13 -0.66
C THR A 58 2.10 -2.78 -0.11
N LEU A 59 1.35 -2.78 0.99
CA LEU A 59 0.96 -1.55 1.65
C LEU A 59 1.84 -1.33 2.86
N VAL A 60 2.70 -0.32 2.77
CA VAL A 60 3.62 0.01 3.85
C VAL A 60 3.32 1.42 4.35
N ARG A 61 2.93 1.52 5.62
CA ARG A 61 2.64 2.82 6.23
C ARG A 61 3.85 3.27 7.05
N VAL A 62 4.53 4.29 6.54
CA VAL A 62 5.73 4.82 7.18
C VAL A 62 5.38 5.84 8.29
N TYR A 63 6.18 5.78 9.34
CA TYR A 63 5.99 6.60 10.53
C TYR A 63 6.00 8.11 10.17
N PRO A 64 5.55 9.04 11.08
CA PRO A 64 5.03 8.73 12.49
C PRO A 64 3.92 7.67 12.54
N GLN A 65 3.82 7.02 13.70
CA GLN A 65 2.86 5.93 13.93
C GLN A 65 1.42 6.35 13.52
N PRO A 66 0.52 5.38 13.19
CA PRO A 66 0.80 3.88 13.20
C PRO A 66 1.55 3.40 11.95
N VAL A 67 2.52 2.50 12.16
CA VAL A 67 3.27 1.90 11.06
C VAL A 67 2.64 0.53 10.67
N ARG A 68 2.54 0.28 9.35
CA ARG A 68 1.93 -0.96 8.86
C ARG A 68 2.77 -1.61 7.75
N ARG A 69 2.70 -2.95 7.69
CA ARG A 69 3.38 -3.72 6.65
C ARG A 69 2.48 -4.86 6.22
N LEU A 70 2.07 -4.86 4.95
CA LEU A 70 1.19 -5.91 4.43
C LEU A 70 1.69 -6.42 3.08
N VAL A 71 1.95 -7.73 3.00
CA VAL A 71 2.45 -8.34 1.76
C VAL A 71 1.57 -9.51 1.34
N GLY A 72 1.06 -9.47 0.10
CA GLY A 72 0.25 -10.56 -0.42
C GLY A 72 -0.43 -10.16 -1.72
N GLN A 73 -1.06 -11.15 -2.38
CA GLN A 73 -1.81 -10.89 -3.59
C GLN A 73 -3.04 -10.10 -3.22
N LEU A 74 -2.88 -8.78 -3.14
CA LEU A 74 -3.98 -7.90 -2.68
C LEU A 74 -4.97 -7.60 -3.81
N ASP A 75 -5.86 -8.56 -4.08
CA ASP A 75 -6.91 -8.40 -5.10
C ASP A 75 -8.33 -8.47 -4.49
N HIS A 76 -8.42 -8.53 -3.15
CA HIS A 76 -9.73 -8.60 -2.46
C HIS A 76 -9.79 -7.65 -1.26
N ARG A 77 -11.02 -7.27 -0.88
CA ARG A 77 -11.26 -6.30 0.20
C ARG A 77 -11.05 -6.88 1.61
N TYR A 78 -11.05 -8.22 1.73
CA TYR A 78 -10.94 -8.87 3.06
C TYR A 78 -9.63 -8.51 3.78
N ARG A 79 -8.51 -8.54 3.04
CA ARG A 79 -7.21 -8.23 3.62
C ARG A 79 -7.18 -6.77 4.09
N LEU A 80 -7.72 -5.89 3.26
CA LEU A 80 -7.81 -4.47 3.58
C LEU A 80 -8.74 -4.22 4.76
N GLN A 81 -9.82 -5.01 4.83
CA GLN A 81 -10.82 -4.85 5.87
C GLN A 81 -10.18 -4.99 7.26
N HIS A 82 -9.37 -6.05 7.47
CA HIS A 82 -8.68 -6.22 8.76
C HIS A 82 -7.55 -5.18 8.94
N LEU A 83 -6.98 -4.75 7.80
CA LEU A 83 -5.88 -3.80 7.79
C LEU A 83 -6.29 -2.45 8.37
N LEU A 84 -7.50 -2.00 8.01
CA LEU A 84 -8.01 -0.71 8.45
C LEU A 84 -8.31 -0.68 9.95
N SER A 85 -8.61 -1.86 10.52
CA SER A 85 -8.91 -1.96 11.95
C SER A 85 -7.60 -1.84 12.79
N PRO A 86 -7.69 -1.49 14.09
CA PRO A 86 -6.48 -1.36 14.96
C PRO A 86 -5.56 -2.58 14.83
N MET A 1 6.41 12.71 9.21
CA MET A 1 5.37 12.39 10.23
C MET A 1 4.53 11.22 9.75
N TYR A 2 4.00 11.35 8.53
CA TYR A 2 3.16 10.29 7.93
C TYR A 2 3.47 10.10 6.46
N VAL A 3 3.78 8.84 6.07
CA VAL A 3 4.14 8.54 4.66
C VAL A 3 3.49 7.22 4.17
N PHE A 4 2.89 7.26 2.96
CA PHE A 4 2.32 6.05 2.33
C PHE A 4 3.12 5.67 1.08
N ARG A 5 3.54 4.40 0.99
CA ARG A 5 4.27 3.90 -0.19
C ARG A 5 3.60 2.63 -0.71
N LEU A 6 3.06 2.69 -1.93
CA LEU A 6 2.40 1.53 -2.52
C LEU A 6 3.34 0.83 -3.50
N TYR A 7 3.47 -0.49 -3.35
CA TYR A 7 4.34 -1.29 -4.23
C TYR A 7 3.52 -2.05 -5.26
N VAL A 8 3.92 -1.95 -6.53
CA VAL A 8 3.20 -2.61 -7.63
C VAL A 8 4.17 -3.31 -8.59
N ARG A 9 3.64 -4.26 -9.37
CA ARG A 9 4.44 -4.98 -10.37
C ARG A 9 4.20 -4.38 -11.75
N GLY A 10 5.26 -3.75 -12.31
CA GLY A 10 5.16 -3.12 -13.63
C GLY A 10 3.99 -2.14 -13.69
N GLU A 11 3.21 -2.22 -14.78
CA GLU A 11 2.03 -1.38 -14.95
C GLU A 11 0.83 -2.22 -15.39
N THR A 12 -0.21 -2.24 -14.55
CA THR A 12 -1.42 -3.01 -14.86
C THR A 12 -2.68 -2.18 -14.57
N HIS A 13 -3.78 -2.53 -15.25
CA HIS A 13 -5.06 -1.83 -15.06
C HIS A 13 -5.66 -2.14 -13.68
N ALA A 14 -5.45 -3.38 -13.21
CA ALA A 14 -5.96 -3.80 -11.91
C ALA A 14 -5.34 -2.98 -10.79
N ALA A 15 -4.03 -2.71 -10.92
CA ALA A 15 -3.30 -1.93 -9.94
C ALA A 15 -3.85 -0.51 -9.85
N GLU A 16 -4.18 0.07 -11.00
CA GLU A 16 -4.68 1.44 -11.08
C GLU A 16 -6.02 1.57 -10.35
N VAL A 17 -6.89 0.58 -10.53
CA VAL A 17 -8.21 0.57 -9.87
C VAL A 17 -8.09 0.20 -8.40
N ALA A 18 -7.21 -0.75 -8.11
CA ALA A 18 -6.93 -1.18 -6.74
C ALA A 18 -6.35 -0.03 -5.94
N LEU A 19 -5.46 0.74 -6.59
CA LEU A 19 -4.82 1.89 -5.95
C LEU A 19 -5.87 2.94 -5.61
N LYS A 20 -6.76 3.21 -6.56
CA LYS A 20 -7.83 4.17 -6.34
C LYS A 20 -8.80 3.67 -5.27
N ASN A 21 -9.08 2.36 -5.29
CA ASN A 21 -10.00 1.72 -4.34
C ASN A 21 -9.45 1.75 -2.90
N LEU A 22 -8.13 1.51 -2.75
CA LEU A 22 -7.52 1.53 -1.41
C LEU A 22 -7.24 2.96 -0.97
N HIS A 23 -6.83 3.80 -1.93
CA HIS A 23 -6.60 5.22 -1.66
C HIS A 23 -7.91 5.86 -1.22
N ASP A 24 -8.97 5.55 -1.96
CA ASP A 24 -10.31 6.02 -1.68
C ASP A 24 -10.79 5.53 -0.32
N LEU A 25 -10.55 4.24 -0.05
CA LEU A 25 -10.96 3.63 1.20
C LEU A 25 -10.26 4.29 2.40
N LEU A 26 -8.95 4.52 2.26
CA LEU A 26 -8.15 5.12 3.33
C LEU A 26 -8.61 6.54 3.66
N SER A 27 -8.90 7.33 2.62
CA SER A 27 -9.32 8.72 2.81
C SER A 27 -10.63 8.80 3.55
N SER A 28 -11.58 7.95 3.14
CA SER A 28 -12.90 7.94 3.76
C SER A 28 -12.85 7.34 5.16
N ALA A 29 -12.06 6.27 5.30
CA ALA A 29 -11.90 5.59 6.58
C ALA A 29 -11.23 6.48 7.62
N LEU A 30 -10.24 7.26 7.17
CA LEU A 30 -9.47 8.13 8.06
C LEU A 30 -9.83 9.59 7.84
N LYS A 31 -10.30 10.25 8.90
CA LYS A 31 -10.67 11.66 8.84
C LYS A 31 -9.46 12.54 8.50
N VAL A 32 -8.31 12.20 9.09
CA VAL A 32 -7.07 12.98 8.89
C VAL A 32 -6.49 12.77 7.46
N PRO A 33 -5.84 13.81 6.87
CA PRO A 33 -5.21 13.69 5.51
C PRO A 33 -3.88 12.93 5.54
N TYR A 34 -3.45 12.43 4.38
CA TYR A 34 -2.18 11.71 4.26
C TYR A 34 -1.57 11.88 2.87
N THR A 35 -0.26 11.61 2.76
CA THR A 35 0.45 11.71 1.46
C THR A 35 0.76 10.33 0.92
N LEU A 36 0.33 10.06 -0.32
CA LEU A 36 0.52 8.76 -0.96
C LEU A 36 1.40 8.86 -2.20
N LYS A 37 2.43 8.01 -2.26
CA LYS A 37 3.36 7.98 -3.41
C LYS A 37 3.50 6.55 -3.96
N VAL A 38 3.73 6.45 -5.27
CA VAL A 38 3.82 5.14 -5.94
C VAL A 38 5.28 4.66 -6.05
N VAL A 39 5.49 3.37 -5.77
CA VAL A 39 6.82 2.75 -5.85
C VAL A 39 6.73 1.47 -6.70
N ASP A 40 7.63 1.34 -7.68
CA ASP A 40 7.65 0.18 -8.58
C ASP A 40 8.70 -0.85 -8.14
N VAL A 41 8.23 -2.06 -7.82
CA VAL A 41 9.09 -3.15 -7.35
C VAL A 41 10.10 -3.58 -8.42
N THR A 42 9.62 -3.70 -9.66
CA THR A 42 10.45 -4.18 -10.77
C THR A 42 11.58 -3.21 -11.14
N LYS A 43 11.40 -1.92 -10.80
CA LYS A 43 12.40 -0.90 -11.15
C LYS A 43 13.38 -0.61 -10.00
N GLN A 44 12.87 -0.48 -8.76
CA GLN A 44 13.73 -0.14 -7.60
C GLN A 44 14.06 -1.39 -6.71
N PRO A 45 15.25 -2.03 -6.86
CA PRO A 45 15.67 -3.17 -5.97
C PRO A 45 15.81 -2.78 -4.50
N ASP A 46 16.25 -1.53 -4.24
CA ASP A 46 16.52 -1.10 -2.87
C ASP A 46 15.28 -1.22 -1.98
N LEU A 47 14.17 -0.61 -2.42
CA LEU A 47 12.91 -0.67 -1.66
C LEU A 47 12.28 -2.07 -1.73
N ALA A 48 12.29 -2.66 -2.93
CA ALA A 48 11.69 -3.99 -3.17
C ALA A 48 12.38 -5.10 -2.37
N GLU A 49 13.69 -5.05 -2.33
CA GLU A 49 14.50 -6.06 -1.64
C GLU A 49 14.42 -5.87 -0.13
N LYS A 50 14.61 -4.62 0.28
CA LYS A 50 14.63 -4.25 1.69
C LYS A 50 13.29 -4.47 2.37
N ASP A 51 12.21 -4.23 1.63
CA ASP A 51 10.84 -4.36 2.21
C ASP A 51 10.40 -5.83 2.38
N GLN A 52 11.25 -6.78 1.94
CA GLN A 52 10.98 -8.22 2.11
C GLN A 52 9.55 -8.59 1.65
N VAL A 53 9.16 -8.10 0.46
CA VAL A 53 7.83 -8.38 -0.09
C VAL A 53 7.84 -9.58 -1.04
N GLN A 54 6.72 -10.30 -1.09
CA GLN A 54 6.58 -11.48 -1.96
C GLN A 54 5.33 -11.37 -2.84
N ALA A 55 4.14 -11.32 -2.21
CA ALA A 55 2.87 -11.21 -2.95
C ALA A 55 2.51 -9.73 -3.14
N THR A 56 2.18 -9.37 -4.37
CA THR A 56 1.86 -7.97 -4.71
C THR A 56 0.34 -7.63 -4.51
N PRO A 57 0.00 -6.36 -4.23
CA PRO A 57 0.97 -5.21 -3.99
C PRO A 57 1.36 -5.17 -2.51
N THR A 58 2.33 -4.31 -2.14
CA THR A 58 2.67 -4.15 -0.72
C THR A 58 2.27 -2.76 -0.26
N LEU A 59 1.39 -2.71 0.72
CA LEU A 59 0.93 -1.45 1.28
C LEU A 59 1.73 -1.12 2.51
N VAL A 60 2.55 -0.08 2.41
CA VAL A 60 3.41 0.33 3.52
C VAL A 60 2.86 1.62 4.14
N ARG A 61 2.38 1.51 5.38
CA ARG A 61 1.78 2.64 6.08
C ARG A 61 2.73 3.18 7.15
N VAL A 62 3.23 4.41 6.92
CA VAL A 62 4.15 5.06 7.86
C VAL A 62 3.40 6.13 8.68
N TYR A 63 2.15 5.81 9.05
CA TYR A 63 1.33 6.74 9.84
C TYR A 63 0.48 5.96 10.89
N PRO A 64 0.78 6.05 12.21
CA PRO A 64 1.95 6.80 12.82
C PRO A 64 3.19 5.90 12.92
N GLN A 65 4.35 6.53 13.17
CA GLN A 65 5.60 5.79 13.37
C GLN A 65 5.43 4.85 14.60
N PRO A 66 5.92 3.58 14.57
CA PRO A 66 6.69 2.94 13.41
C PRO A 66 5.81 2.58 12.22
N VAL A 67 6.46 2.14 11.13
CA VAL A 67 5.77 1.78 9.89
C VAL A 67 5.40 0.28 9.87
N ARG A 68 4.25 0.00 9.25
CA ARG A 68 3.76 -1.38 9.08
C ARG A 68 3.47 -1.64 7.59
N ARG A 69 3.89 -2.81 7.09
CA ARG A 69 3.64 -3.18 5.70
C ARG A 69 2.79 -4.46 5.60
N LEU A 70 1.97 -4.52 4.56
CA LEU A 70 1.10 -5.67 4.33
C LEU A 70 1.42 -6.32 2.99
N VAL A 71 1.69 -7.63 3.02
CA VAL A 71 2.06 -8.36 1.80
C VAL A 71 1.03 -9.44 1.48
N GLY A 72 0.44 -9.35 0.28
CA GLY A 72 -0.51 -10.35 -0.17
C GLY A 72 -1.10 -9.99 -1.51
N GLN A 73 -1.78 -10.97 -2.13
CA GLN A 73 -2.46 -10.74 -3.39
C GLN A 73 -3.72 -9.96 -3.12
N LEU A 74 -3.69 -8.63 -3.38
CA LEU A 74 -4.88 -7.80 -3.04
C LEU A 74 -6.07 -8.06 -3.95
N ASP A 75 -6.69 -9.21 -3.76
CA ASP A 75 -7.93 -9.57 -4.44
C ASP A 75 -9.14 -9.47 -3.47
N HIS A 76 -8.89 -9.04 -2.21
CA HIS A 76 -9.95 -8.96 -1.19
C HIS A 76 -9.89 -7.63 -0.45
N ARG A 77 -11.06 -7.12 -0.08
CA ARG A 77 -11.16 -5.93 0.78
C ARG A 77 -10.95 -6.31 2.26
N TYR A 78 -11.07 -7.62 2.57
CA TYR A 78 -10.90 -8.12 3.93
C TYR A 78 -9.49 -7.86 4.44
N ARG A 79 -8.50 -8.01 3.55
CA ARG A 79 -7.09 -7.79 3.94
C ARG A 79 -6.91 -6.34 4.42
N LEU A 80 -7.51 -5.41 3.68
CA LEU A 80 -7.48 -3.99 4.06
C LEU A 80 -8.37 -3.76 5.29
N GLN A 81 -9.46 -4.54 5.39
CA GLN A 81 -10.42 -4.37 6.48
C GLN A 81 -9.72 -4.53 7.84
N HIS A 82 -8.92 -5.61 7.98
CA HIS A 82 -8.19 -5.83 9.25
C HIS A 82 -7.02 -4.83 9.40
N LEU A 83 -6.46 -4.41 8.24
CA LEU A 83 -5.32 -3.51 8.22
C LEU A 83 -5.66 -2.18 8.90
N LEU A 84 -6.84 -1.64 8.57
CA LEU A 84 -7.27 -0.35 9.13
C LEU A 84 -7.62 -0.45 10.62
N SER A 85 -7.99 -1.65 11.09
CA SER A 85 -8.35 -1.84 12.50
C SER A 85 -7.10 -1.80 13.42
N PRO A 86 -7.27 -1.52 14.73
CA PRO A 86 -6.11 -1.47 15.69
C PRO A 86 -5.14 -2.63 15.48
N MET A 1 0.63 13.95 11.33
CA MET A 1 0.30 13.55 9.93
C MET A 1 0.57 12.05 9.74
N TYR A 2 0.34 11.56 8.53
CA TYR A 2 0.53 10.14 8.20
C TYR A 2 0.93 10.01 6.72
N VAL A 3 1.92 9.15 6.40
CA VAL A 3 2.34 8.97 4.99
C VAL A 3 2.34 7.49 4.60
N PHE A 4 1.97 7.23 3.34
CA PHE A 4 1.80 5.86 2.83
C PHE A 4 2.75 5.54 1.67
N ARG A 5 2.94 4.23 1.45
CA ARG A 5 3.70 3.71 0.31
C ARG A 5 2.97 2.54 -0.31
N LEU A 6 2.90 2.53 -1.65
CA LEU A 6 2.26 1.44 -2.38
C LEU A 6 3.24 0.81 -3.36
N TYR A 7 3.32 -0.52 -3.34
CA TYR A 7 4.22 -1.25 -4.22
C TYR A 7 3.44 -2.04 -5.27
N VAL A 8 3.84 -1.91 -6.54
CA VAL A 8 3.19 -2.62 -7.64
C VAL A 8 4.17 -2.88 -8.80
N ARG A 9 4.03 -4.06 -9.45
CA ARG A 9 4.89 -4.44 -10.57
C ARG A 9 4.11 -4.34 -11.90
N GLY A 10 4.70 -3.64 -12.88
CA GLY A 10 4.08 -3.46 -14.19
C GLY A 10 3.22 -2.21 -14.23
N GLU A 11 2.90 -1.75 -15.45
CA GLU A 11 2.07 -0.56 -15.64
C GLU A 11 0.76 -0.94 -16.33
N THR A 12 -0.35 -0.79 -15.61
CA THR A 12 -1.66 -1.13 -16.13
C THR A 12 -2.71 -0.12 -15.63
N HIS A 13 -3.69 0.20 -16.48
CA HIS A 13 -4.75 1.15 -16.12
C HIS A 13 -5.54 0.66 -14.90
N ALA A 14 -5.75 -0.66 -14.85
CA ALA A 14 -6.48 -1.28 -13.74
C ALA A 14 -5.77 -1.01 -12.41
N ALA A 15 -4.42 -1.02 -12.43
CA ALA A 15 -3.64 -0.77 -11.22
C ALA A 15 -3.93 0.63 -10.66
N GLU A 16 -4.08 1.60 -11.56
CA GLU A 16 -4.40 2.98 -11.17
C GLU A 16 -5.78 3.03 -10.50
N VAL A 17 -6.73 2.28 -11.07
CA VAL A 17 -8.08 2.20 -10.51
C VAL A 17 -8.01 1.61 -9.10
N ALA A 18 -7.24 0.53 -8.96
CA ALA A 18 -7.03 -0.12 -7.68
C ALA A 18 -6.37 0.83 -6.71
N LEU A 19 -5.42 1.62 -7.21
CA LEU A 19 -4.70 2.58 -6.38
C LEU A 19 -5.67 3.64 -5.87
N LYS A 20 -6.51 4.14 -6.77
CA LYS A 20 -7.50 5.16 -6.41
C LYS A 20 -8.55 4.62 -5.44
N ASN A 21 -8.99 3.36 -5.67
CA ASN A 21 -9.99 2.72 -4.82
C ASN A 21 -9.42 2.40 -3.46
N LEU A 22 -8.17 1.91 -3.46
CA LEU A 22 -7.46 1.58 -2.22
C LEU A 22 -7.19 2.86 -1.44
N HIS A 23 -6.74 3.89 -2.16
CA HIS A 23 -6.48 5.20 -1.57
C HIS A 23 -7.76 5.76 -0.98
N ASP A 24 -8.84 5.63 -1.76
CA ASP A 24 -10.16 6.10 -1.38
C ASP A 24 -10.65 5.40 -0.11
N LEU A 25 -10.48 4.07 -0.09
CA LEU A 25 -10.91 3.28 1.06
C LEU A 25 -10.12 3.65 2.33
N LEU A 26 -8.79 3.76 2.18
CA LEU A 26 -7.91 4.08 3.32
C LEU A 26 -8.21 5.48 3.85
N SER A 27 -8.42 6.43 2.94
CA SER A 27 -8.68 7.82 3.32
C SER A 27 -10.02 7.95 4.02
N SER A 28 -11.02 7.20 3.54
CA SER A 28 -12.35 7.23 4.13
C SER A 28 -12.33 6.73 5.57
N ALA A 29 -11.58 5.65 5.79
CA ALA A 29 -11.45 5.07 7.12
C ALA A 29 -10.75 6.02 8.08
N LEU A 30 -9.74 6.75 7.56
CA LEU A 30 -8.95 7.67 8.38
C LEU A 30 -9.55 9.07 8.37
N LYS A 31 -9.40 9.77 9.51
CA LYS A 31 -9.91 11.14 9.65
C LYS A 31 -8.74 12.14 9.66
N VAL A 32 -7.67 11.81 8.92
CA VAL A 32 -6.47 12.66 8.83
C VAL A 32 -5.96 12.77 7.37
N PRO A 33 -5.17 13.81 7.02
CA PRO A 33 -4.63 13.96 5.62
C PRO A 33 -3.89 12.70 5.19
N TYR A 34 -4.08 12.33 3.91
CA TYR A 34 -3.49 11.10 3.38
C TYR A 34 -2.52 11.41 2.25
N THR A 35 -1.33 10.80 2.32
CA THR A 35 -0.31 10.94 1.29
C THR A 35 0.04 9.55 0.75
N LEU A 36 -0.11 9.37 -0.57
CA LEU A 36 0.16 8.07 -1.20
C LEU A 36 1.13 8.20 -2.35
N LYS A 37 2.25 7.46 -2.28
CA LYS A 37 3.26 7.44 -3.34
C LYS A 37 3.47 6.02 -3.85
N VAL A 38 3.80 5.91 -5.14
CA VAL A 38 3.96 4.60 -5.78
C VAL A 38 5.44 4.26 -5.99
N VAL A 39 5.77 3.00 -5.69
CA VAL A 39 7.13 2.49 -5.85
C VAL A 39 7.10 1.21 -6.69
N ASP A 40 7.91 1.16 -7.74
CA ASP A 40 7.96 -0.02 -8.61
C ASP A 40 8.91 -1.07 -8.05
N VAL A 41 8.35 -2.24 -7.72
CA VAL A 41 9.13 -3.35 -7.15
C VAL A 41 10.15 -3.83 -8.18
N THR A 42 9.68 -3.98 -9.42
CA THR A 42 10.49 -4.52 -10.50
C THR A 42 11.63 -3.57 -10.90
N LYS A 43 11.34 -2.25 -10.91
CA LYS A 43 12.33 -1.26 -11.33
C LYS A 43 13.41 -1.03 -10.26
N GLN A 44 12.99 -0.88 -9.00
CA GLN A 44 13.93 -0.63 -7.89
C GLN A 44 14.19 -1.90 -7.03
N PRO A 45 15.32 -2.62 -7.21
CA PRO A 45 15.67 -3.81 -6.36
C PRO A 45 15.81 -3.45 -4.88
N ASP A 46 16.33 -2.25 -4.60
CA ASP A 46 16.61 -1.86 -3.22
C ASP A 46 15.35 -1.89 -2.35
N LEU A 47 14.29 -1.24 -2.83
CA LEU A 47 13.02 -1.22 -2.11
C LEU A 47 12.33 -2.58 -2.15
N ALA A 48 12.33 -3.20 -3.32
CA ALA A 48 11.67 -4.51 -3.52
C ALA A 48 12.31 -5.62 -2.69
N GLU A 49 13.64 -5.64 -2.67
CA GLU A 49 14.40 -6.66 -1.99
C GLU A 49 14.17 -6.54 -0.48
N LYS A 50 14.26 -5.31 0.03
CA LYS A 50 14.07 -5.06 1.44
C LYS A 50 12.60 -5.17 1.88
N ASP A 51 11.68 -5.09 0.90
CA ASP A 51 10.24 -5.17 1.20
C ASP A 51 9.78 -6.59 1.55
N GLN A 52 10.61 -7.61 1.23
CA GLN A 52 10.28 -9.01 1.53
C GLN A 52 8.82 -9.32 1.12
N VAL A 53 8.40 -8.78 -0.03
CA VAL A 53 7.03 -8.95 -0.51
C VAL A 53 6.75 -10.39 -0.95
N GLN A 54 5.87 -11.08 -0.20
CA GLN A 54 5.45 -12.43 -0.56
C GLN A 54 4.62 -12.38 -1.84
N ALA A 55 3.74 -11.37 -1.94
CA ALA A 55 2.89 -11.18 -3.11
C ALA A 55 2.51 -9.70 -3.27
N THR A 56 2.38 -9.27 -4.51
CA THR A 56 2.08 -7.87 -4.85
C THR A 56 0.55 -7.56 -4.90
N PRO A 57 0.13 -6.31 -4.61
CA PRO A 57 0.97 -5.13 -4.14
C PRO A 57 1.33 -5.26 -2.66
N THR A 58 2.19 -4.36 -2.17
CA THR A 58 2.54 -4.33 -0.74
C THR A 58 1.99 -3.06 -0.11
N LEU A 59 1.26 -3.23 0.99
CA LEU A 59 0.71 -2.09 1.72
C LEU A 59 1.64 -1.73 2.86
N VAL A 60 2.32 -0.59 2.71
CA VAL A 60 3.29 -0.16 3.72
C VAL A 60 2.86 1.16 4.38
N ARG A 61 2.67 1.11 5.70
CA ARG A 61 2.32 2.29 6.50
C ARG A 61 3.58 2.99 6.97
N VAL A 62 3.73 4.27 6.57
CA VAL A 62 4.90 5.07 6.91
C VAL A 62 4.56 6.13 7.97
N TYR A 63 5.51 6.33 8.88
CA TYR A 63 5.37 7.25 10.00
C TYR A 63 4.84 8.63 9.54
N PRO A 64 4.37 9.53 10.45
CA PRO A 64 4.32 9.35 11.97
C PRO A 64 3.60 8.07 12.41
N GLN A 65 3.96 7.60 13.61
CA GLN A 65 3.44 6.36 14.17
C GLN A 65 1.90 6.36 14.26
N PRO A 66 1.23 5.17 14.30
CA PRO A 66 1.88 3.80 14.25
C PRO A 66 2.31 3.38 12.83
N VAL A 67 3.48 2.72 12.75
CA VAL A 67 3.99 2.20 11.48
C VAL A 67 3.62 0.73 11.31
N ARG A 68 3.47 0.27 10.05
CA ARG A 68 3.10 -1.14 9.80
C ARG A 68 3.51 -1.57 8.39
N ARG A 69 3.79 -2.88 8.23
CA ARG A 69 4.15 -3.44 6.93
C ARG A 69 3.27 -4.66 6.62
N LEU A 70 2.53 -4.58 5.51
CA LEU A 70 1.65 -5.68 5.08
C LEU A 70 2.04 -6.10 3.66
N VAL A 71 2.36 -7.40 3.49
CA VAL A 71 2.76 -7.92 2.18
C VAL A 71 1.87 -9.09 1.75
N GLY A 72 1.40 -9.08 0.49
CA GLY A 72 0.61 -10.19 -0.03
C GLY A 72 -0.19 -9.80 -1.25
N GLN A 73 -0.79 -10.80 -1.89
CA GLN A 73 -1.64 -10.57 -3.05
C GLN A 73 -2.86 -9.79 -2.61
N LEU A 74 -3.06 -8.60 -3.20
CA LEU A 74 -4.20 -7.74 -2.78
C LEU A 74 -5.49 -8.07 -3.53
N ASP A 75 -5.89 -9.33 -3.43
CA ASP A 75 -7.14 -9.81 -4.01
C ASP A 75 -8.23 -10.02 -2.92
N HIS A 76 -7.92 -9.63 -1.66
CA HIS A 76 -8.86 -9.82 -0.54
C HIS A 76 -9.05 -8.52 0.23
N ARG A 77 -10.31 -8.23 0.58
CA ARG A 77 -10.62 -7.07 1.41
C ARG A 77 -10.37 -7.38 2.90
N TYR A 78 -10.29 -8.67 3.25
CA TYR A 78 -10.07 -9.11 4.63
C TYR A 78 -8.70 -8.64 5.14
N ARG A 79 -7.67 -8.74 4.28
CA ARG A 79 -6.33 -8.31 4.65
C ARG A 79 -6.32 -6.81 4.97
N LEU A 80 -7.01 -6.05 4.12
CA LEU A 80 -7.16 -4.62 4.32
C LEU A 80 -8.04 -4.32 5.53
N GLN A 81 -9.03 -5.19 5.78
CA GLN A 81 -9.98 -4.98 6.87
C GLN A 81 -9.26 -4.88 8.22
N HIS A 82 -8.35 -5.84 8.50
CA HIS A 82 -7.57 -5.79 9.76
C HIS A 82 -6.50 -4.68 9.69
N LEU A 83 -6.05 -4.35 8.46
CA LEU A 83 -5.05 -3.32 8.25
C LEU A 83 -5.56 -1.96 8.74
N LEU A 84 -6.85 -1.69 8.51
CA LEU A 84 -7.46 -0.40 8.89
C LEU A 84 -7.53 -0.23 10.41
N SER A 85 -7.57 -1.36 11.15
CA SER A 85 -7.63 -1.32 12.61
C SER A 85 -6.35 -0.63 13.19
N PRO A 86 -6.49 0.38 14.07
CA PRO A 86 -5.30 1.08 14.66
C PRO A 86 -4.66 0.28 15.79
N MET A 1 0.96 15.06 10.10
CA MET A 1 2.20 14.28 9.86
C MET A 1 1.85 12.80 9.68
N TYR A 2 1.65 12.39 8.42
CA TYR A 2 1.31 11.00 8.09
C TYR A 2 1.84 10.66 6.71
N VAL A 3 2.64 9.56 6.59
CA VAL A 3 3.20 9.20 5.27
C VAL A 3 2.70 7.80 4.88
N PHE A 4 2.24 7.67 3.63
CA PHE A 4 1.70 6.39 3.15
C PHE A 4 2.45 5.97 1.87
N ARG A 5 2.82 4.68 1.80
CA ARG A 5 3.59 4.15 0.66
C ARG A 5 2.87 2.95 0.02
N LEU A 6 2.94 2.86 -1.32
CA LEU A 6 2.32 1.76 -2.06
C LEU A 6 3.29 1.14 -3.07
N TYR A 7 3.31 -0.18 -3.11
CA TYR A 7 4.18 -0.93 -4.03
C TYR A 7 3.35 -1.62 -5.12
N VAL A 8 3.81 -1.51 -6.38
CA VAL A 8 3.12 -2.15 -7.51
C VAL A 8 4.10 -2.84 -8.46
N ARG A 9 3.59 -3.79 -9.24
CA ARG A 9 4.40 -4.50 -10.23
C ARG A 9 4.11 -3.94 -11.63
N GLY A 10 5.17 -3.54 -12.34
CA GLY A 10 5.02 -2.95 -13.67
C GLY A 10 4.16 -1.68 -13.59
N GLU A 11 3.14 -1.59 -14.45
CA GLU A 11 2.24 -0.42 -14.46
C GLU A 11 0.92 -0.72 -15.18
N THR A 12 0.22 -1.77 -14.72
CA THR A 12 -1.07 -2.17 -15.30
C THR A 12 -2.20 -1.30 -14.75
N HIS A 13 -3.32 -1.26 -15.48
CA HIS A 13 -4.50 -0.49 -15.08
C HIS A 13 -5.16 -1.08 -13.84
N ALA A 14 -5.17 -2.42 -13.75
CA ALA A 14 -5.81 -3.11 -12.63
C ALA A 14 -5.21 -2.70 -11.29
N ALA A 15 -3.88 -2.55 -11.26
CA ALA A 15 -3.18 -2.13 -10.04
C ALA A 15 -3.65 -0.75 -9.60
N GLU A 16 -3.87 0.14 -10.56
CA GLU A 16 -4.34 1.50 -10.30
C GLU A 16 -5.72 1.45 -9.65
N VAL A 17 -6.58 0.56 -10.14
CA VAL A 17 -7.93 0.39 -9.59
C VAL A 17 -7.82 -0.04 -8.12
N ALA A 18 -6.92 -1.00 -7.87
CA ALA A 18 -6.65 -1.48 -6.52
C ALA A 18 -6.15 -0.33 -5.65
N LEU A 19 -5.27 0.51 -6.24
CA LEU A 19 -4.76 1.68 -5.54
C LEU A 19 -5.90 2.61 -5.18
N LYS A 20 -6.82 2.80 -6.13
CA LYS A 20 -7.98 3.66 -5.91
C LYS A 20 -8.86 3.10 -4.78
N ASN A 21 -9.05 1.77 -4.78
CA ASN A 21 -9.89 1.12 -3.76
C ASN A 21 -9.26 1.22 -2.38
N LEU A 22 -7.93 1.01 -2.31
CA LEU A 22 -7.21 1.11 -1.04
C LEU A 22 -7.14 2.55 -0.58
N HIS A 23 -6.89 3.45 -1.53
CA HIS A 23 -6.82 4.88 -1.27
C HIS A 23 -8.18 5.40 -0.79
N ASP A 24 -9.22 4.96 -1.49
CA ASP A 24 -10.58 5.33 -1.19
C ASP A 24 -10.98 4.87 0.20
N LEU A 25 -10.65 3.63 0.53
CA LEU A 25 -10.95 3.07 1.83
C LEU A 25 -10.20 3.83 2.93
N LEU A 26 -8.91 4.12 2.66
CA LEU A 26 -8.05 4.82 3.62
C LEU A 26 -8.54 6.24 3.89
N SER A 27 -8.98 6.95 2.83
CA SER A 27 -9.47 8.31 2.97
C SER A 27 -10.70 8.34 3.85
N SER A 28 -11.61 7.41 3.56
CA SER A 28 -12.85 7.30 4.30
C SER A 28 -12.60 6.87 5.75
N ALA A 29 -11.66 5.94 5.92
CA ALA A 29 -11.33 5.40 7.24
C ALA A 29 -10.72 6.45 8.15
N LEU A 30 -9.87 7.32 7.57
CA LEU A 30 -9.18 8.36 8.35
C LEU A 30 -9.58 9.77 7.92
N LYS A 31 -10.00 10.58 8.88
CA LYS A 31 -10.38 11.98 8.64
C LYS A 31 -9.17 12.80 8.20
N VAL A 32 -8.02 12.53 8.83
CA VAL A 32 -6.78 13.28 8.54
C VAL A 32 -6.23 12.95 7.14
N PRO A 33 -5.57 13.92 6.45
CA PRO A 33 -5.01 13.69 5.08
C PRO A 33 -3.72 12.87 5.12
N TYR A 34 -3.41 12.24 3.98
CA TYR A 34 -2.18 11.45 3.84
C TYR A 34 -1.73 11.44 2.38
N THR A 35 -0.46 11.05 2.14
CA THR A 35 0.10 11.01 0.78
C THR A 35 0.52 9.61 0.39
N LEU A 36 0.44 9.33 -0.91
CA LEU A 36 0.83 8.03 -1.48
C LEU A 36 1.82 8.22 -2.63
N LYS A 37 2.73 7.25 -2.76
CA LYS A 37 3.76 7.31 -3.81
C LYS A 37 3.77 6.00 -4.61
N VAL A 38 4.12 6.10 -5.90
CA VAL A 38 4.18 4.94 -6.77
C VAL A 38 5.62 4.41 -6.86
N VAL A 39 5.82 3.17 -6.39
CA VAL A 39 7.14 2.54 -6.41
C VAL A 39 7.08 1.23 -7.19
N ASP A 40 7.95 1.11 -8.21
CA ASP A 40 8.02 -0.09 -9.03
C ASP A 40 8.92 -1.12 -8.37
N VAL A 41 8.31 -2.20 -7.90
CA VAL A 41 9.04 -3.26 -7.19
C VAL A 41 10.11 -3.89 -8.09
N THR A 42 9.75 -4.14 -9.35
CA THR A 42 10.67 -4.76 -10.31
C THR A 42 11.81 -3.83 -10.71
N LYS A 43 11.50 -2.53 -10.85
CA LYS A 43 12.48 -1.55 -11.32
C LYS A 43 13.51 -1.20 -10.25
N GLN A 44 13.06 -0.96 -9.02
CA GLN A 44 13.97 -0.59 -7.92
C GLN A 44 14.28 -1.79 -6.97
N PRO A 45 15.44 -2.48 -7.08
CA PRO A 45 15.81 -3.61 -6.17
C PRO A 45 15.91 -3.19 -4.71
N ASP A 46 16.42 -1.97 -4.46
CA ASP A 46 16.65 -1.53 -3.08
C ASP A 46 15.36 -1.52 -2.27
N LEU A 47 14.30 -0.92 -2.83
CA LEU A 47 13.01 -0.86 -2.14
C LEU A 47 12.33 -2.23 -2.09
N ALA A 48 12.34 -2.94 -3.22
CA ALA A 48 11.67 -4.25 -3.33
C ALA A 48 12.33 -5.32 -2.45
N GLU A 49 13.67 -5.37 -2.50
CA GLU A 49 14.44 -6.33 -1.75
C GLU A 49 14.29 -6.08 -0.26
N LYS A 50 14.43 -4.81 0.11
CA LYS A 50 14.31 -4.40 1.49
C LYS A 50 12.91 -4.63 2.03
N ASP A 51 11.91 -4.43 1.15
CA ASP A 51 10.50 -4.56 1.54
C ASP A 51 10.06 -6.03 1.74
N GLN A 52 10.87 -6.98 1.26
CA GLN A 52 10.56 -8.41 1.40
C GLN A 52 9.12 -8.71 0.94
N VAL A 53 8.71 -8.08 -0.17
CA VAL A 53 7.36 -8.26 -0.71
C VAL A 53 7.20 -9.66 -1.34
N GLN A 54 6.36 -10.49 -0.72
CA GLN A 54 6.08 -11.84 -1.23
C GLN A 54 5.05 -11.81 -2.35
N ALA A 55 3.92 -11.11 -2.11
CA ALA A 55 2.85 -10.98 -3.09
C ALA A 55 2.34 -9.54 -3.14
N THR A 56 2.20 -9.02 -4.36
CA THR A 56 1.79 -7.62 -4.59
C THR A 56 0.25 -7.42 -4.62
N PRO A 57 -0.24 -6.17 -4.43
CA PRO A 57 0.57 -4.94 -4.08
C PRO A 57 0.93 -4.95 -2.60
N THR A 58 1.81 -4.04 -2.18
CA THR A 58 2.13 -3.90 -0.76
C THR A 58 1.92 -2.46 -0.33
N LEU A 59 1.06 -2.27 0.68
CA LEU A 59 0.82 -0.95 1.23
C LEU A 59 1.53 -0.83 2.57
N VAL A 60 2.41 0.15 2.67
CA VAL A 60 3.24 0.32 3.86
C VAL A 60 2.93 1.66 4.54
N ARG A 61 2.55 1.59 5.82
CA ARG A 61 2.26 2.78 6.60
C ARG A 61 3.59 3.41 7.04
N VAL A 62 3.83 4.62 6.55
CA VAL A 62 5.10 5.31 6.79
C VAL A 62 4.99 6.37 7.91
N TYR A 63 6.12 6.57 8.59
CA TYR A 63 6.23 7.45 9.75
C TYR A 63 5.42 8.76 9.60
N PRO A 64 5.00 9.42 10.72
CA PRO A 64 5.29 8.98 12.15
C PRO A 64 4.56 7.69 12.54
N GLN A 65 4.98 7.11 13.68
CA GLN A 65 4.43 5.83 14.15
C GLN A 65 2.91 5.91 14.43
N PRO A 66 2.17 4.77 14.42
CA PRO A 66 2.72 3.37 14.16
C PRO A 66 2.94 3.06 12.67
N VAL A 67 4.00 2.29 12.38
CA VAL A 67 4.30 1.84 11.02
C VAL A 67 3.69 0.47 10.76
N ARG A 68 3.45 0.15 9.48
CA ARG A 68 2.83 -1.14 9.13
C ARG A 68 3.24 -1.61 7.72
N ARG A 69 3.39 -2.92 7.56
CA ARG A 69 3.71 -3.52 6.26
C ARG A 69 2.82 -4.75 6.02
N LEU A 70 2.05 -4.70 4.93
CA LEU A 70 1.16 -5.80 4.56
C LEU A 70 1.46 -6.24 3.12
N VAL A 71 1.83 -7.52 2.97
CA VAL A 71 2.15 -8.08 1.64
C VAL A 71 1.23 -9.25 1.30
N GLY A 72 0.70 -9.26 0.07
CA GLY A 72 -0.15 -10.36 -0.39
C GLY A 72 -0.89 -9.96 -1.65
N GLN A 73 -1.66 -10.92 -2.19
CA GLN A 73 -2.48 -10.65 -3.36
C GLN A 73 -3.59 -9.71 -2.94
N LEU A 74 -3.28 -8.41 -2.96
CA LEU A 74 -4.23 -7.40 -2.46
C LEU A 74 -5.20 -6.92 -3.56
N ASP A 75 -5.98 -7.88 -4.07
CA ASP A 75 -7.01 -7.59 -5.08
C ASP A 75 -8.42 -7.53 -4.45
N HIS A 76 -8.51 -7.74 -3.12
CA HIS A 76 -9.80 -7.73 -2.41
C HIS A 76 -9.73 -6.93 -1.10
N ARG A 77 -10.90 -6.51 -0.63
CA ARG A 77 -11.01 -5.63 0.55
C ARG A 77 -10.74 -6.33 1.89
N TYR A 78 -10.80 -7.67 1.93
CA TYR A 78 -10.62 -8.41 3.20
C TYR A 78 -9.25 -8.14 3.82
N ARG A 79 -8.20 -8.07 2.97
CA ARG A 79 -6.85 -7.81 3.47
C ARG A 79 -6.78 -6.45 4.16
N LEU A 80 -7.41 -5.45 3.56
CA LEU A 80 -7.45 -4.10 4.14
C LEU A 80 -8.40 -4.05 5.34
N GLN A 81 -9.45 -4.89 5.33
CA GLN A 81 -10.44 -4.89 6.40
C GLN A 81 -9.77 -5.19 7.74
N HIS A 82 -8.92 -6.25 7.77
CA HIS A 82 -8.18 -6.57 9.00
C HIS A 82 -7.03 -5.57 9.23
N LEU A 83 -6.48 -5.02 8.13
CA LEU A 83 -5.38 -4.06 8.22
C LEU A 83 -5.81 -2.81 9.00
N LEU A 84 -6.99 -2.29 8.67
CA LEU A 84 -7.51 -1.08 9.33
C LEU A 84 -7.93 -1.35 10.78
N SER A 85 -8.31 -2.60 11.08
CA SER A 85 -8.75 -2.97 12.43
C SER A 85 -7.56 -3.04 13.40
N PRO A 86 -7.79 -2.94 14.73
CA PRO A 86 -6.69 -2.99 15.74
C PRO A 86 -6.31 -4.43 16.08
N MET A 1 1.43 13.65 11.72
CA MET A 1 0.94 13.14 10.40
C MET A 1 1.49 11.73 10.16
N TYR A 2 1.15 11.15 9.02
CA TYR A 2 1.60 9.80 8.67
C TYR A 2 2.17 9.76 7.25
N VAL A 3 3.15 8.87 7.02
CA VAL A 3 3.73 8.71 5.68
C VAL A 3 3.23 7.39 5.10
N PHE A 4 2.67 7.43 3.88
CA PHE A 4 2.05 6.24 3.30
C PHE A 4 2.78 5.81 2.02
N ARG A 5 3.05 4.50 1.92
CA ARG A 5 3.75 3.93 0.76
C ARG A 5 2.98 2.72 0.20
N LEU A 6 2.74 2.73 -1.12
CA LEU A 6 2.03 1.63 -1.79
C LEU A 6 2.82 1.16 -3.01
N TYR A 7 3.06 -0.15 -3.09
CA TYR A 7 3.79 -0.73 -4.21
C TYR A 7 2.83 -1.26 -5.25
N VAL A 8 3.10 -0.92 -6.51
CA VAL A 8 2.25 -1.34 -7.62
C VAL A 8 3.12 -1.86 -8.79
N ARG A 9 2.68 -2.95 -9.41
CA ARG A 9 3.40 -3.57 -10.52
C ARG A 9 2.76 -3.18 -11.85
N GLY A 10 3.61 -2.83 -12.83
CA GLY A 10 3.15 -2.42 -14.16
C GLY A 10 2.80 -3.63 -15.02
N GLU A 11 2.63 -3.39 -16.34
CA GLU A 11 2.26 -4.44 -17.32
C GLU A 11 0.75 -4.65 -17.38
N THR A 12 0.07 -4.46 -16.23
CA THR A 12 -1.39 -4.63 -16.16
C THR A 12 -2.04 -3.40 -15.52
N HIS A 13 -3.29 -3.13 -15.94
CA HIS A 13 -4.05 -1.99 -15.41
C HIS A 13 -4.71 -2.30 -14.05
N ALA A 14 -4.79 -3.60 -13.70
CA ALA A 14 -5.42 -4.03 -12.46
C ALA A 14 -4.71 -3.45 -11.23
N ALA A 15 -3.37 -3.41 -11.28
CA ALA A 15 -2.58 -2.91 -10.16
C ALA A 15 -2.90 -1.45 -9.85
N GLU A 16 -3.04 -0.65 -10.91
CA GLU A 16 -3.36 0.77 -10.77
C GLU A 16 -4.75 0.96 -10.19
N VAL A 17 -5.69 0.12 -10.65
CA VAL A 17 -7.07 0.16 -10.16
C VAL A 17 -7.08 -0.20 -8.67
N ALA A 18 -6.33 -1.25 -8.33
CA ALA A 18 -6.20 -1.70 -6.94
C ALA A 18 -5.58 -0.62 -6.10
N LEU A 19 -4.56 0.06 -6.65
CA LEU A 19 -3.90 1.15 -5.95
C LEU A 19 -4.88 2.28 -5.70
N LYS A 20 -5.69 2.59 -6.72
CA LYS A 20 -6.71 3.62 -6.62
C LYS A 20 -7.72 3.23 -5.54
N ASN A 21 -8.10 1.93 -5.51
CA ASN A 21 -9.02 1.41 -4.51
C ASN A 21 -8.42 1.53 -3.12
N LEU A 22 -7.10 1.25 -3.02
CA LEU A 22 -6.39 1.40 -1.75
C LEU A 22 -6.42 2.86 -1.32
N HIS A 23 -6.20 3.75 -2.29
CA HIS A 23 -6.25 5.20 -2.03
C HIS A 23 -7.65 5.58 -1.55
N ASP A 24 -8.65 5.05 -2.23
CA ASP A 24 -10.05 5.30 -1.93
C ASP A 24 -10.42 4.83 -0.51
N LEU A 25 -10.03 3.60 -0.19
CA LEU A 25 -10.32 3.01 1.12
C LEU A 25 -9.62 3.78 2.24
N LEU A 26 -8.38 4.19 1.98
CA LEU A 26 -7.58 4.91 2.97
C LEU A 26 -8.21 6.26 3.31
N SER A 27 -8.71 6.96 2.27
CA SER A 27 -9.32 8.27 2.47
C SER A 27 -10.59 8.15 3.29
N SER A 28 -11.39 7.12 3.01
CA SER A 28 -12.61 6.87 3.74
C SER A 28 -12.34 6.40 5.17
N ALA A 29 -11.32 5.54 5.30
CA ALA A 29 -10.93 4.98 6.59
C ALA A 29 -10.41 6.05 7.53
N LEU A 30 -9.64 7.00 6.97
CA LEU A 30 -9.03 8.06 7.78
C LEU A 30 -9.55 9.44 7.40
N LYS A 31 -10.20 10.10 8.35
CA LYS A 31 -10.71 11.46 8.15
C LYS A 31 -9.55 12.43 7.90
N VAL A 32 -8.48 12.27 8.70
CA VAL A 32 -7.29 13.14 8.61
C VAL A 32 -6.56 12.93 7.25
N PRO A 33 -6.21 14.02 6.50
CA PRO A 33 -5.46 13.88 5.20
C PRO A 33 -4.11 13.19 5.39
N TYR A 34 -3.66 12.49 4.34
CA TYR A 34 -2.39 11.77 4.37
C TYR A 34 -1.66 11.88 3.02
N THR A 35 -0.35 11.60 3.03
CA THR A 35 0.45 11.68 1.80
C THR A 35 0.73 10.27 1.26
N LEU A 36 0.36 10.06 -0.01
CA LEU A 36 0.57 8.77 -0.67
C LEU A 36 1.53 8.94 -1.86
N LYS A 37 2.55 8.08 -1.92
CA LYS A 37 3.54 8.13 -3.01
C LYS A 37 3.51 6.84 -3.82
N VAL A 38 3.80 6.96 -5.12
CA VAL A 38 3.81 5.80 -6.02
C VAL A 38 5.24 5.28 -6.19
N VAL A 39 5.43 4.01 -5.82
CA VAL A 39 6.76 3.37 -5.92
C VAL A 39 6.63 2.09 -6.75
N ASP A 40 7.49 1.96 -7.77
CA ASP A 40 7.48 0.77 -8.62
C ASP A 40 8.32 -0.33 -7.99
N VAL A 41 7.65 -1.44 -7.67
CA VAL A 41 8.30 -2.59 -7.04
C VAL A 41 9.31 -3.26 -7.98
N THR A 42 8.97 -3.30 -9.27
CA THR A 42 9.82 -3.95 -10.27
C THR A 42 10.97 -3.04 -10.74
N LYS A 43 10.73 -1.73 -10.79
CA LYS A 43 11.74 -0.79 -11.29
C LYS A 43 12.87 -0.59 -10.27
N GLN A 44 12.51 -0.42 -8.98
CA GLN A 44 13.52 -0.22 -7.91
C GLN A 44 13.77 -1.52 -7.09
N PRO A 45 14.85 -2.30 -7.35
CA PRO A 45 15.16 -3.53 -6.54
C PRO A 45 15.40 -3.22 -5.07
N ASP A 46 16.04 -2.08 -4.80
CA ASP A 46 16.41 -1.73 -3.43
C ASP A 46 15.20 -1.63 -2.51
N LEU A 47 14.14 -0.99 -3.00
CA LEU A 47 12.92 -0.82 -2.20
C LEU A 47 12.15 -2.14 -2.09
N ALA A 48 11.94 -2.79 -3.25
CA ALA A 48 11.17 -4.05 -3.30
C ALA A 48 11.86 -5.20 -2.55
N GLU A 49 13.17 -5.32 -2.74
CA GLU A 49 13.97 -6.39 -2.14
C GLU A 49 14.09 -6.18 -0.64
N LYS A 50 14.45 -4.95 -0.27
CA LYS A 50 14.63 -4.58 1.13
C LYS A 50 13.31 -4.69 1.88
N ASP A 51 12.23 -4.31 1.20
CA ASP A 51 10.88 -4.33 1.80
C ASP A 51 10.33 -5.76 1.96
N GLN A 52 11.05 -6.77 1.41
CA GLN A 52 10.63 -8.17 1.51
C GLN A 52 9.23 -8.37 0.90
N VAL A 53 9.04 -7.82 -0.29
CA VAL A 53 7.76 -7.93 -1.01
C VAL A 53 7.65 -9.31 -1.69
N GLN A 54 6.56 -10.03 -1.38
CA GLN A 54 6.33 -11.36 -1.96
C GLN A 54 5.22 -11.33 -3.01
N ALA A 55 4.04 -10.85 -2.62
CA ALA A 55 2.88 -10.78 -3.52
C ALA A 55 2.33 -9.34 -3.62
N THR A 56 2.00 -8.94 -4.85
CA THR A 56 1.54 -7.58 -5.16
C THR A 56 -0.01 -7.37 -5.01
N PRO A 57 -0.47 -6.15 -4.67
CA PRO A 57 0.37 -4.93 -4.31
C PRO A 57 0.88 -5.06 -2.88
N THR A 58 1.77 -4.15 -2.46
CA THR A 58 2.25 -4.17 -1.07
C THR A 58 1.80 -2.92 -0.35
N LEU A 59 1.09 -3.11 0.76
CA LEU A 59 0.57 -2.01 1.55
C LEU A 59 1.54 -1.70 2.68
N VAL A 60 2.16 -0.52 2.63
CA VAL A 60 3.16 -0.14 3.63
C VAL A 60 2.77 1.19 4.31
N ARG A 61 2.70 1.17 5.65
CA ARG A 61 2.41 2.38 6.42
C ARG A 61 3.70 2.90 7.04
N VAL A 62 4.22 3.97 6.46
CA VAL A 62 5.49 4.59 6.87
C VAL A 62 5.30 5.53 8.07
N TYR A 63 6.39 5.69 8.83
CA TYR A 63 6.43 6.52 10.03
C TYR A 63 5.97 7.96 9.73
N PRO A 64 5.55 8.78 10.74
CA PRO A 64 5.50 8.42 12.23
C PRO A 64 4.61 7.22 12.53
N GLN A 65 4.80 6.66 13.73
CA GLN A 65 4.08 5.46 14.17
C GLN A 65 2.54 5.69 14.19
N PRO A 66 1.70 4.62 14.12
CA PRO A 66 2.15 3.18 14.01
C PRO A 66 2.59 2.78 12.59
N VAL A 67 3.68 2.01 12.51
CA VAL A 67 4.18 1.49 11.24
C VAL A 67 3.65 0.06 11.01
N ARG A 68 3.23 -0.25 9.77
CA ARG A 68 2.70 -1.59 9.47
C ARG A 68 2.97 -1.99 8.01
N ARG A 69 3.46 -3.22 7.83
CA ARG A 69 3.70 -3.76 6.48
C ARG A 69 2.78 -4.95 6.21
N LEU A 70 1.95 -4.81 5.18
CA LEU A 70 1.03 -5.87 4.76
C LEU A 70 1.25 -6.18 3.29
N VAL A 71 1.69 -7.42 3.01
CA VAL A 71 2.00 -7.83 1.64
C VAL A 71 1.29 -9.13 1.26
N GLY A 72 0.71 -9.14 0.06
CA GLY A 72 0.04 -10.32 -0.45
C GLY A 72 -0.79 -9.95 -1.66
N GLN A 73 -1.43 -10.95 -2.28
CA GLN A 73 -2.31 -10.69 -3.42
C GLN A 73 -3.48 -9.88 -2.91
N LEU A 74 -3.35 -8.55 -2.97
CA LEU A 74 -4.38 -7.66 -2.37
C LEU A 74 -5.66 -7.63 -3.23
N ASP A 75 -6.38 -8.75 -3.24
CA ASP A 75 -7.62 -8.87 -3.99
C ASP A 75 -8.86 -8.96 -3.05
N HIS A 76 -8.63 -8.80 -1.73
CA HIS A 76 -9.72 -8.89 -0.74
C HIS A 76 -9.80 -7.65 0.15
N ARG A 77 -11.02 -7.15 0.33
CA ARG A 77 -11.27 -6.00 1.22
C ARG A 77 -11.13 -6.41 2.69
N TYR A 78 -11.31 -7.71 2.98
CA TYR A 78 -11.26 -8.23 4.34
C TYR A 78 -9.90 -7.98 4.98
N ARG A 79 -8.84 -8.15 4.18
CA ARG A 79 -7.47 -7.91 4.68
C ARG A 79 -7.36 -6.47 5.16
N LEU A 80 -7.83 -5.56 4.32
CA LEU A 80 -7.83 -4.14 4.59
C LEU A 80 -8.77 -3.80 5.77
N GLN A 81 -9.88 -4.54 5.86
CA GLN A 81 -10.90 -4.25 6.86
C GLN A 81 -10.32 -4.35 8.28
N HIS A 82 -9.56 -5.42 8.56
CA HIS A 82 -8.93 -5.60 9.88
C HIS A 82 -7.62 -4.79 9.99
N LEU A 83 -6.90 -4.76 8.87
CA LEU A 83 -5.61 -4.09 8.78
C LEU A 83 -5.74 -2.58 9.04
N LEU A 84 -6.74 -1.95 8.43
CA LEU A 84 -6.97 -0.51 8.57
C LEU A 84 -7.43 -0.15 9.99
N SER A 85 -8.09 -1.10 10.67
CA SER A 85 -8.58 -0.87 12.03
C SER A 85 -7.41 -0.90 13.05
N PRO A 86 -7.56 -0.30 14.26
CA PRO A 86 -6.48 -0.30 15.28
C PRO A 86 -6.43 -1.62 16.06
N MET A 1 7.20 13.24 9.46
CA MET A 1 7.61 12.08 10.32
C MET A 1 6.79 10.84 9.95
N TYR A 2 5.53 11.07 9.57
CA TYR A 2 4.63 9.97 9.20
C TYR A 2 4.38 9.96 7.69
N VAL A 3 4.38 8.76 7.11
CA VAL A 3 4.23 8.62 5.64
C VAL A 3 3.45 7.33 5.28
N PHE A 4 2.77 7.35 4.11
CA PHE A 4 2.08 6.16 3.60
C PHE A 4 2.67 5.78 2.24
N ARG A 5 2.96 4.49 2.05
CA ARG A 5 3.57 4.01 0.79
C ARG A 5 2.83 2.83 0.21
N LEU A 6 2.75 2.80 -1.12
CA LEU A 6 2.12 1.70 -1.85
C LEU A 6 2.95 1.35 -3.08
N TYR A 7 3.22 0.05 -3.25
CA TYR A 7 4.05 -0.43 -4.36
C TYR A 7 3.20 -1.17 -5.39
N VAL A 8 3.46 -0.90 -6.68
CA VAL A 8 2.71 -1.54 -7.77
C VAL A 8 3.66 -2.06 -8.86
N ARG A 9 3.20 -3.06 -9.62
CA ARG A 9 3.96 -3.63 -10.73
C ARG A 9 3.90 -2.70 -11.95
N GLY A 10 4.98 -2.70 -12.73
CA GLY A 10 5.08 -1.84 -13.91
C GLY A 10 3.99 -2.11 -14.94
N GLU A 11 3.66 -3.40 -15.14
CA GLU A 11 2.64 -3.78 -16.16
C GLU A 11 1.56 -4.71 -15.59
N THR A 12 0.49 -4.11 -15.05
CA THR A 12 -0.66 -4.87 -14.54
C THR A 12 -1.88 -3.97 -14.33
N HIS A 13 -3.06 -4.51 -14.64
CA HIS A 13 -4.32 -3.77 -14.46
C HIS A 13 -4.79 -3.80 -13.01
N ALA A 14 -4.57 -4.94 -12.34
CA ALA A 14 -5.02 -5.16 -10.97
C ALA A 14 -4.39 -4.17 -9.98
N ALA A 15 -3.10 -3.89 -10.14
CA ALA A 15 -2.38 -2.99 -9.23
C ALA A 15 -2.96 -1.58 -9.26
N GLU A 16 -3.28 -1.10 -10.47
CA GLU A 16 -3.83 0.25 -10.65
C GLU A 16 -5.22 0.36 -10.00
N VAL A 17 -6.06 -0.64 -10.25
CA VAL A 17 -7.41 -0.68 -9.71
C VAL A 17 -7.34 -0.81 -8.18
N ALA A 18 -6.47 -1.71 -7.73
CA ALA A 18 -6.28 -1.96 -6.31
C ALA A 18 -5.75 -0.72 -5.61
N LEU A 19 -4.83 -0.01 -6.29
CA LEU A 19 -4.24 1.20 -5.71
C LEU A 19 -5.31 2.26 -5.49
N LYS A 20 -6.15 2.46 -6.51
CA LYS A 20 -7.26 3.40 -6.41
C LYS A 20 -8.27 2.93 -5.36
N ASN A 21 -8.49 1.61 -5.32
CA ASN A 21 -9.45 0.99 -4.40
C ASN A 21 -9.02 1.18 -2.95
N LEU A 22 -7.72 0.94 -2.64
CA LEU A 22 -7.22 1.10 -1.28
C LEU A 22 -7.03 2.57 -0.95
N HIS A 23 -6.60 3.35 -1.95
CA HIS A 23 -6.46 4.80 -1.78
C HIS A 23 -7.82 5.39 -1.46
N ASP A 24 -8.83 4.93 -2.20
CA ASP A 24 -10.20 5.35 -2.05
C ASP A 24 -10.74 5.02 -0.65
N LEU A 25 -10.50 3.79 -0.20
CA LEU A 25 -10.95 3.34 1.12
C LEU A 25 -10.21 4.09 2.24
N LEU A 26 -8.92 4.35 2.01
CA LEU A 26 -8.08 5.05 3.00
C LEU A 26 -8.64 6.46 3.25
N SER A 27 -8.96 7.17 2.16
CA SER A 27 -9.50 8.52 2.24
C SER A 27 -10.83 8.52 2.97
N SER A 28 -11.68 7.53 2.66
CA SER A 28 -12.98 7.43 3.29
C SER A 28 -12.88 7.08 4.77
N ALA A 29 -11.93 6.20 5.09
CA ALA A 29 -11.69 5.78 6.47
C ALA A 29 -11.19 6.92 7.33
N LEU A 30 -10.33 7.77 6.73
CA LEU A 30 -9.71 8.87 7.47
C LEU A 30 -10.31 10.23 7.05
N LYS A 31 -10.70 11.02 8.05
CA LYS A 31 -11.25 12.36 7.80
C LYS A 31 -10.10 13.41 7.88
N VAL A 32 -8.95 13.03 7.30
CA VAL A 32 -7.75 13.89 7.32
C VAL A 32 -6.86 13.56 6.08
N PRO A 33 -6.25 14.57 5.41
CA PRO A 33 -5.38 14.32 4.21
C PRO A 33 -4.11 13.56 4.58
N TYR A 34 -3.57 12.82 3.60
CA TYR A 34 -2.37 12.00 3.81
C TYR A 34 -1.55 11.88 2.52
N THR A 35 -0.29 11.46 2.66
CA THR A 35 0.61 11.33 1.51
C THR A 35 0.85 9.85 1.17
N LEU A 36 0.55 9.49 -0.09
CA LEU A 36 0.73 8.14 -0.60
C LEU A 36 1.66 8.17 -1.81
N LYS A 37 2.71 7.31 -1.79
CA LYS A 37 3.67 7.28 -2.89
C LYS A 37 3.33 6.20 -3.90
N VAL A 38 3.52 6.53 -5.18
CA VAL A 38 3.36 5.55 -6.25
C VAL A 38 4.75 5.05 -6.65
N VAL A 39 5.07 3.84 -6.21
CA VAL A 39 6.42 3.28 -6.40
C VAL A 39 6.36 1.97 -7.17
N ASP A 40 7.15 1.88 -8.24
CA ASP A 40 7.22 0.67 -9.05
C ASP A 40 8.21 -0.32 -8.44
N VAL A 41 7.68 -1.39 -7.88
CA VAL A 41 8.48 -2.39 -7.18
C VAL A 41 9.55 -3.04 -8.09
N THR A 42 9.17 -3.32 -9.34
CA THR A 42 10.09 -3.98 -10.28
C THR A 42 11.22 -3.05 -10.74
N LYS A 43 10.92 -1.74 -10.88
CA LYS A 43 11.92 -0.77 -11.35
C LYS A 43 12.97 -0.44 -10.27
N GLN A 44 12.52 -0.24 -9.01
CA GLN A 44 13.43 0.13 -7.91
C GLN A 44 13.80 -1.09 -7.00
N PRO A 45 15.00 -1.71 -7.17
CA PRO A 45 15.44 -2.85 -6.30
C PRO A 45 15.54 -2.48 -4.83
N ASP A 46 15.96 -1.24 -4.54
CA ASP A 46 16.20 -0.82 -3.16
C ASP A 46 14.97 -1.02 -2.28
N LEU A 47 13.85 -0.41 -2.67
CA LEU A 47 12.62 -0.52 -1.89
C LEU A 47 12.01 -1.93 -1.98
N ALA A 48 12.02 -2.52 -3.18
CA ALA A 48 11.43 -3.84 -3.40
C ALA A 48 12.18 -4.96 -2.67
N GLU A 49 13.52 -4.90 -2.71
CA GLU A 49 14.38 -5.90 -2.08
C GLU A 49 14.21 -5.84 -0.57
N LYS A 50 14.23 -4.61 -0.05
CA LYS A 50 14.05 -4.40 1.37
C LYS A 50 12.68 -4.88 1.83
N ASP A 51 11.68 -4.68 0.95
CA ASP A 51 10.30 -5.04 1.26
C ASP A 51 10.06 -6.58 1.21
N GLN A 52 11.02 -7.33 0.61
CA GLN A 52 10.90 -8.80 0.52
C GLN A 52 9.49 -9.20 0.04
N VAL A 53 9.00 -8.49 -0.98
CA VAL A 53 7.66 -8.74 -1.52
C VAL A 53 7.50 -10.17 -2.07
N GLN A 54 6.39 -10.81 -1.72
CA GLN A 54 6.06 -12.15 -2.21
C GLN A 54 4.92 -12.08 -3.23
N ALA A 55 3.93 -11.22 -2.94
CA ALA A 55 2.80 -10.99 -3.83
C ALA A 55 2.40 -9.50 -3.82
N THR A 56 2.22 -8.94 -5.01
CA THR A 56 1.93 -7.51 -5.18
C THR A 56 0.40 -7.17 -5.12
N PRO A 57 0.04 -5.90 -4.85
CA PRO A 57 0.97 -4.74 -4.49
C PRO A 57 1.47 -4.90 -3.07
N THR A 58 2.43 -4.07 -2.66
CA THR A 58 2.93 -4.11 -1.29
C THR A 58 2.53 -2.82 -0.57
N LEU A 59 1.84 -2.98 0.55
CA LEU A 59 1.40 -1.85 1.34
C LEU A 59 2.33 -1.62 2.52
N VAL A 60 3.05 -0.51 2.46
CA VAL A 60 3.97 -0.12 3.53
C VAL A 60 3.42 1.12 4.21
N ARG A 61 3.14 1.01 5.51
CA ARG A 61 2.54 2.13 6.25
C ARG A 61 3.44 2.58 7.40
N VAL A 62 3.81 3.86 7.37
CA VAL A 62 4.54 4.49 8.47
C VAL A 62 3.75 5.74 8.98
N TYR A 63 2.42 5.70 8.76
CA TYR A 63 1.50 6.74 9.22
C TYR A 63 0.15 6.08 9.70
N PRO A 64 -0.16 6.02 11.02
CA PRO A 64 0.73 6.47 12.17
C PRO A 64 1.70 5.35 12.57
N GLN A 65 2.74 5.70 13.31
CA GLN A 65 3.71 4.70 13.80
C GLN A 65 3.08 3.85 14.94
N PRO A 66 3.57 2.63 15.24
CA PRO A 66 4.74 1.95 14.54
C PRO A 66 4.42 1.59 13.07
N VAL A 67 5.46 1.24 12.32
CA VAL A 67 5.33 0.89 10.90
C VAL A 67 4.62 -0.46 10.74
N ARG A 68 3.59 -0.47 9.89
CA ARG A 68 2.83 -1.69 9.59
C ARG A 68 3.04 -2.09 8.13
N ARG A 69 3.35 -3.38 7.90
CA ARG A 69 3.61 -3.88 6.55
C ARG A 69 2.68 -5.06 6.21
N LEU A 70 2.00 -4.93 5.07
CA LEU A 70 1.13 -6.00 4.55
C LEU A 70 1.54 -6.36 3.14
N VAL A 71 1.91 -7.62 2.92
CA VAL A 71 2.39 -8.08 1.61
C VAL A 71 1.54 -9.25 1.11
N GLY A 72 0.95 -9.11 -0.10
CA GLY A 72 0.16 -10.18 -0.70
C GLY A 72 -0.64 -9.68 -1.88
N GLN A 73 -1.39 -10.60 -2.51
CA GLN A 73 -2.25 -10.25 -3.63
C GLN A 73 -3.35 -9.36 -3.11
N LEU A 74 -3.14 -8.05 -3.24
CA LEU A 74 -4.11 -7.07 -2.66
C LEU A 74 -5.42 -7.02 -3.46
N ASP A 75 -6.22 -8.08 -3.32
CA ASP A 75 -7.54 -8.17 -3.98
C ASP A 75 -8.69 -8.30 -2.96
N HIS A 76 -8.42 -7.96 -1.67
CA HIS A 76 -9.42 -8.09 -0.61
C HIS A 76 -9.60 -6.80 0.17
N ARG A 77 -10.88 -6.42 0.35
CA ARG A 77 -11.22 -5.28 1.20
C ARG A 77 -10.91 -5.62 2.66
N TYR A 78 -11.13 -6.89 3.01
CA TYR A 78 -10.97 -7.36 4.38
C TYR A 78 -9.56 -7.06 4.89
N ARG A 79 -8.55 -7.26 4.05
CA ARG A 79 -7.16 -7.03 4.44
C ARG A 79 -6.95 -5.55 4.79
N LEU A 80 -7.46 -4.66 3.94
CA LEU A 80 -7.35 -3.21 4.14
C LEU A 80 -8.22 -2.72 5.29
N GLN A 81 -9.41 -3.32 5.42
CA GLN A 81 -10.36 -2.92 6.45
C GLN A 81 -9.80 -3.09 7.86
N HIS A 82 -9.10 -4.21 8.12
CA HIS A 82 -8.47 -4.41 9.45
C HIS A 82 -7.07 -3.76 9.53
N LEU A 83 -6.45 -3.51 8.37
CA LEU A 83 -5.11 -2.90 8.32
C LEU A 83 -5.15 -1.49 8.91
N LEU A 84 -6.19 -0.73 8.55
CA LEU A 84 -6.32 0.67 9.02
C LEU A 84 -6.59 0.74 10.53
N SER A 85 -7.19 -0.32 11.10
CA SER A 85 -7.49 -0.35 12.53
C SER A 85 -6.19 -0.55 13.35
N PRO A 86 -6.18 -0.16 14.65
CA PRO A 86 -4.96 -0.33 15.51
C PRO A 86 -4.82 -1.75 16.03
N MET A 1 0.53 13.69 11.79
CA MET A 1 0.60 13.31 10.36
C MET A 1 1.60 12.16 10.19
N TYR A 2 1.48 11.44 9.07
CA TYR A 2 2.38 10.31 8.78
C TYR A 2 2.57 10.15 7.26
N VAL A 3 3.55 9.33 6.87
CA VAL A 3 3.84 9.10 5.44
C VAL A 3 3.27 7.75 5.02
N PHE A 4 2.55 7.74 3.88
CA PHE A 4 1.93 6.50 3.38
C PHE A 4 2.67 6.03 2.11
N ARG A 5 3.03 4.74 2.08
CA ARG A 5 3.77 4.16 0.95
C ARG A 5 3.13 2.84 0.48
N LEU A 6 3.03 2.66 -0.84
CA LEU A 6 2.45 1.43 -1.40
C LEU A 6 3.25 0.96 -2.61
N TYR A 7 3.41 -0.36 -2.71
CA TYR A 7 4.21 -0.98 -3.79
C TYR A 7 3.33 -1.66 -4.83
N VAL A 8 3.70 -1.47 -6.10
CA VAL A 8 3.02 -2.12 -7.22
C VAL A 8 4.00 -2.32 -8.39
N ARG A 9 3.93 -3.49 -9.04
CA ARG A 9 4.81 -3.80 -10.17
C ARG A 9 4.31 -3.15 -11.46
N GLY A 10 5.19 -2.36 -12.10
CA GLY A 10 4.84 -1.68 -13.36
C GLY A 10 3.56 -0.88 -13.20
N GLU A 11 2.66 -1.04 -14.18
CA GLU A 11 1.35 -0.38 -14.13
C GLU A 11 0.32 -1.14 -14.96
N THR A 12 -0.89 -1.29 -14.40
CA THR A 12 -1.98 -1.98 -15.07
C THR A 12 -3.30 -1.28 -14.80
N HIS A 13 -4.31 -1.55 -15.64
CA HIS A 13 -5.63 -0.95 -15.45
C HIS A 13 -6.20 -1.36 -14.10
N ALA A 14 -6.11 -2.66 -13.80
CA ALA A 14 -6.61 -3.21 -12.54
C ALA A 14 -5.85 -2.62 -11.35
N ALA A 15 -4.52 -2.47 -11.50
CA ALA A 15 -3.68 -1.94 -10.43
C ALA A 15 -4.08 -0.51 -10.07
N GLU A 16 -4.37 0.29 -11.09
CA GLU A 16 -4.77 1.69 -10.90
C GLU A 16 -6.11 1.76 -10.16
N VAL A 17 -7.04 0.88 -10.56
CA VAL A 17 -8.35 0.80 -9.93
C VAL A 17 -8.18 0.37 -8.47
N ALA A 18 -7.32 -0.64 -8.27
CA ALA A 18 -7.03 -1.17 -6.94
C ALA A 18 -6.42 -0.08 -6.07
N LEU A 19 -5.50 0.71 -6.67
CA LEU A 19 -4.87 1.81 -5.93
C LEU A 19 -5.89 2.88 -5.60
N LYS A 20 -6.79 3.16 -6.57
CA LYS A 20 -7.83 4.14 -6.36
C LYS A 20 -8.75 3.68 -5.22
N ASN A 21 -9.09 2.38 -5.21
CA ASN A 21 -9.93 1.79 -4.16
C ASN A 21 -9.21 1.83 -2.81
N LEU A 22 -7.90 1.54 -2.85
CA LEU A 22 -7.05 1.58 -1.66
C LEU A 22 -7.00 3.00 -1.10
N HIS A 23 -6.91 3.96 -2.01
CA HIS A 23 -6.86 5.37 -1.67
C HIS A 23 -8.22 5.82 -1.12
N ASP A 24 -9.27 5.37 -1.79
CA ASP A 24 -10.64 5.67 -1.45
C ASP A 24 -11.01 5.15 -0.06
N LEU A 25 -10.64 3.90 0.21
CA LEU A 25 -10.93 3.28 1.51
C LEU A 25 -10.16 3.98 2.63
N LEU A 26 -8.88 4.28 2.36
CA LEU A 26 -8.02 4.97 3.34
C LEU A 26 -8.53 6.38 3.63
N SER A 27 -8.98 7.09 2.58
CA SER A 27 -9.49 8.44 2.74
C SER A 27 -10.75 8.45 3.57
N SER A 28 -11.65 7.51 3.26
CA SER A 28 -12.90 7.40 3.99
C SER A 28 -12.66 6.98 5.44
N ALA A 29 -11.72 6.05 5.63
CA ALA A 29 -11.38 5.56 6.96
C ALA A 29 -10.78 6.65 7.84
N LEU A 30 -9.95 7.51 7.23
CA LEU A 30 -9.26 8.58 7.98
C LEU A 30 -9.80 9.95 7.61
N LYS A 31 -10.24 10.70 8.64
CA LYS A 31 -10.80 12.04 8.46
C LYS A 31 -9.76 13.00 7.88
N VAL A 32 -8.52 12.91 8.41
CA VAL A 32 -7.44 13.83 7.99
C VAL A 32 -6.80 13.39 6.63
N PRO A 33 -6.34 14.35 5.78
CA PRO A 33 -5.65 14.02 4.48
C PRO A 33 -4.32 13.29 4.71
N TYR A 34 -3.88 12.52 3.70
CA TYR A 34 -2.61 11.79 3.79
C TYR A 34 -1.89 11.76 2.42
N THR A 35 -0.59 11.45 2.44
CA THR A 35 0.21 11.41 1.22
C THR A 35 0.53 9.94 0.85
N LEU A 36 0.17 9.57 -0.39
CA LEU A 36 0.40 8.20 -0.88
C LEU A 36 1.59 8.17 -1.84
N LYS A 37 2.55 7.30 -1.53
CA LYS A 37 3.75 7.14 -2.35
C LYS A 37 3.66 5.84 -3.18
N VAL A 38 3.95 5.96 -4.48
CA VAL A 38 3.93 4.80 -5.37
C VAL A 38 5.37 4.39 -5.73
N VAL A 39 5.70 3.13 -5.45
CA VAL A 39 7.05 2.60 -5.69
C VAL A 39 6.98 1.33 -6.56
N ASP A 40 7.80 1.31 -7.62
CA ASP A 40 7.87 0.15 -8.52
C ASP A 40 8.85 -0.88 -7.98
N VAL A 41 8.33 -2.06 -7.62
CA VAL A 41 9.14 -3.14 -7.06
C VAL A 41 10.21 -3.60 -8.08
N THR A 42 9.78 -3.76 -9.33
CA THR A 42 10.66 -4.26 -10.40
C THR A 42 11.77 -3.26 -10.75
N LYS A 43 11.44 -1.96 -10.79
CA LYS A 43 12.41 -0.94 -11.23
C LYS A 43 13.49 -0.66 -10.17
N GLN A 44 13.08 -0.51 -8.90
CA GLN A 44 14.04 -0.22 -7.80
C GLN A 44 14.34 -1.47 -6.94
N PRO A 45 15.49 -2.17 -7.15
CA PRO A 45 15.87 -3.34 -6.28
C PRO A 45 16.03 -2.97 -4.82
N ASP A 46 16.53 -1.76 -4.55
CA ASP A 46 16.82 -1.37 -3.16
C ASP A 46 15.57 -1.41 -2.28
N LEU A 47 14.48 -0.81 -2.77
CA LEU A 47 13.22 -0.80 -2.02
C LEU A 47 12.54 -2.17 -2.02
N ALA A 48 12.52 -2.82 -3.18
CA ALA A 48 11.88 -4.13 -3.32
C ALA A 48 12.58 -5.22 -2.51
N GLU A 49 13.91 -5.21 -2.55
CA GLU A 49 14.74 -6.19 -1.87
C GLU A 49 14.57 -6.07 -0.38
N LYS A 50 14.66 -4.83 0.12
CA LYS A 50 14.53 -4.57 1.55
C LYS A 50 13.08 -4.79 2.04
N ASP A 51 12.12 -4.68 1.11
CA ASP A 51 10.70 -4.85 1.43
C ASP A 51 10.34 -6.33 1.66
N GLN A 52 11.22 -7.25 1.22
CA GLN A 52 10.98 -8.69 1.39
C GLN A 52 9.58 -9.07 0.86
N VAL A 53 9.23 -8.52 -0.32
CA VAL A 53 7.90 -8.74 -0.91
C VAL A 53 7.77 -10.16 -1.52
N GLN A 54 6.63 -10.81 -1.22
CA GLN A 54 6.34 -12.15 -1.74
C GLN A 54 5.21 -12.09 -2.78
N ALA A 55 4.22 -11.21 -2.54
CA ALA A 55 3.08 -11.05 -3.46
C ALA A 55 2.61 -9.60 -3.47
N THR A 56 2.24 -9.11 -4.67
CA THR A 56 1.83 -7.71 -4.84
C THR A 56 0.30 -7.48 -4.61
N PRO A 57 -0.11 -6.27 -4.20
CA PRO A 57 0.77 -5.09 -3.84
C PRO A 57 1.15 -5.18 -2.36
N THR A 58 2.04 -4.31 -1.89
CA THR A 58 2.36 -4.29 -0.45
C THR A 58 2.06 -2.92 0.12
N LEU A 59 1.26 -2.90 1.21
CA LEU A 59 0.89 -1.65 1.85
C LEU A 59 1.82 -1.36 2.99
N VAL A 60 2.59 -0.30 2.84
CA VAL A 60 3.55 0.11 3.87
C VAL A 60 3.20 1.51 4.41
N ARG A 61 2.88 1.58 5.71
CA ARG A 61 2.59 2.86 6.34
C ARG A 61 3.88 3.42 6.92
N VAL A 62 4.46 4.37 6.19
CA VAL A 62 5.73 4.98 6.56
C VAL A 62 5.60 5.91 7.77
N TYR A 63 6.64 5.90 8.59
CA TYR A 63 6.71 6.70 9.82
C TYR A 63 6.58 8.21 9.51
N PRO A 64 6.32 9.11 10.50
CA PRO A 64 6.17 8.79 11.99
C PRO A 64 5.14 7.70 12.31
N GLN A 65 5.29 7.11 13.48
CA GLN A 65 4.45 6.00 13.94
C GLN A 65 2.95 6.38 13.94
N PRO A 66 2.03 5.39 13.84
CA PRO A 66 2.34 3.90 13.74
C PRO A 66 2.76 3.46 12.34
N VAL A 67 3.77 2.57 12.28
CA VAL A 67 4.24 2.00 11.00
C VAL A 67 3.55 0.65 10.75
N ARG A 68 3.21 0.38 9.48
CA ARG A 68 2.54 -0.87 9.10
C ARG A 68 3.16 -1.48 7.84
N ARG A 69 3.05 -2.80 7.71
CA ARG A 69 3.53 -3.51 6.54
C ARG A 69 2.60 -4.69 6.22
N LEU A 70 2.00 -4.64 5.03
CA LEU A 70 1.09 -5.70 4.57
C LEU A 70 1.54 -6.19 3.20
N VAL A 71 1.77 -7.51 3.09
CA VAL A 71 2.24 -8.10 1.84
C VAL A 71 1.37 -9.30 1.44
N GLY A 72 0.83 -9.27 0.21
CA GLY A 72 0.02 -10.38 -0.29
C GLY A 72 -0.69 -10.01 -1.58
N GLN A 73 -1.43 -10.97 -2.14
CA GLN A 73 -2.20 -10.74 -3.35
C GLN A 73 -3.49 -10.06 -2.99
N LEU A 74 -3.63 -8.75 -3.32
CA LEU A 74 -4.89 -8.04 -2.91
C LEU A 74 -6.06 -8.34 -3.86
N ASP A 75 -6.71 -9.47 -3.61
CA ASP A 75 -7.91 -9.87 -4.36
C ASP A 75 -9.16 -9.94 -3.46
N HIS A 76 -9.00 -9.58 -2.15
CA HIS A 76 -10.11 -9.66 -1.18
C HIS A 76 -10.18 -8.40 -0.33
N ARG A 77 -11.41 -8.03 0.04
CA ARG A 77 -11.61 -6.91 0.98
C ARG A 77 -11.22 -7.32 2.40
N TYR A 78 -11.14 -8.64 2.67
CA TYR A 78 -10.79 -9.14 3.99
C TYR A 78 -9.42 -8.63 4.44
N ARG A 79 -8.45 -8.66 3.52
CA ARG A 79 -7.11 -8.17 3.83
C ARG A 79 -7.11 -6.66 4.16
N LEU A 80 -7.82 -5.88 3.35
CA LEU A 80 -7.92 -4.43 3.55
C LEU A 80 -8.71 -4.09 4.82
N GLN A 81 -9.76 -4.86 5.07
CA GLN A 81 -10.64 -4.62 6.21
C GLN A 81 -9.90 -4.75 7.54
N HIS A 82 -9.06 -5.79 7.70
CA HIS A 82 -8.28 -5.93 8.94
C HIS A 82 -7.16 -4.85 9.00
N LEU A 83 -6.67 -4.46 7.81
CA LEU A 83 -5.61 -3.49 7.69
C LEU A 83 -6.05 -2.16 8.30
N LEU A 84 -7.28 -1.75 8.01
CA LEU A 84 -7.83 -0.50 8.56
C LEU A 84 -8.09 -0.64 10.08
N SER A 85 -8.33 -1.89 10.53
CA SER A 85 -8.60 -2.16 11.94
C SER A 85 -7.28 -2.08 12.78
N PRO A 86 -7.22 -1.25 13.85
CA PRO A 86 -5.98 -1.14 14.69
C PRO A 86 -5.73 -2.40 15.51
N MET A 1 2.20 13.37 12.90
CA MET A 1 1.92 13.13 11.45
C MET A 1 2.50 11.79 11.04
N TYR A 2 2.20 11.36 9.81
CA TYR A 2 2.70 10.08 9.28
C TYR A 2 2.90 10.15 7.77
N VAL A 3 3.73 9.23 7.24
CA VAL A 3 4.00 9.17 5.80
C VAL A 3 3.58 7.81 5.28
N PHE A 4 2.80 7.79 4.18
CA PHE A 4 2.32 6.53 3.62
C PHE A 4 3.14 6.13 2.38
N ARG A 5 3.16 4.82 2.09
CA ARG A 5 3.91 4.29 0.95
C ARG A 5 3.18 3.10 0.33
N LEU A 6 3.28 2.95 -1.00
CA LEU A 6 2.61 1.85 -1.72
C LEU A 6 3.52 1.26 -2.79
N TYR A 7 3.56 -0.08 -2.87
CA TYR A 7 4.34 -0.78 -3.90
C TYR A 7 3.40 -1.40 -4.91
N VAL A 8 3.66 -1.17 -6.21
CA VAL A 8 2.82 -1.73 -7.25
C VAL A 8 3.58 -1.92 -8.57
N ARG A 9 3.25 -3.01 -9.29
CA ARG A 9 3.88 -3.30 -10.57
C ARG A 9 3.22 -2.49 -11.69
N GLY A 10 4.05 -1.88 -12.54
CA GLY A 10 3.57 -1.04 -13.63
C GLY A 10 3.01 -1.87 -14.79
N GLU A 11 2.41 -1.17 -15.77
CA GLU A 11 1.84 -1.83 -16.95
C GLU A 11 0.72 -2.81 -16.58
N THR A 12 0.00 -2.50 -15.49
CA THR A 12 -1.11 -3.35 -15.03
C THR A 12 -2.37 -2.51 -14.76
N HIS A 13 -3.51 -2.92 -15.35
CA HIS A 13 -4.79 -2.24 -15.13
C HIS A 13 -5.25 -2.41 -13.68
N ALA A 14 -5.01 -3.60 -13.14
CA ALA A 14 -5.38 -3.94 -11.76
C ALA A 14 -4.70 -3.01 -10.77
N ALA A 15 -3.47 -2.58 -11.09
CA ALA A 15 -2.70 -1.72 -10.21
C ALA A 15 -3.43 -0.40 -9.92
N GLU A 16 -4.00 0.21 -10.96
CA GLU A 16 -4.73 1.46 -10.82
C GLU A 16 -6.05 1.27 -10.07
N VAL A 17 -6.74 0.16 -10.38
CA VAL A 17 -8.01 -0.15 -9.73
C VAL A 17 -7.77 -0.40 -8.24
N ALA A 18 -6.75 -1.20 -7.96
CA ALA A 18 -6.37 -1.54 -6.59
C ALA A 18 -5.87 -0.32 -5.85
N LEU A 19 -5.08 0.52 -6.54
CA LEU A 19 -4.51 1.72 -5.92
C LEU A 19 -5.62 2.67 -5.50
N LYS A 20 -6.54 2.94 -6.43
CA LYS A 20 -7.68 3.81 -6.14
C LYS A 20 -8.59 3.16 -5.09
N ASN A 21 -8.74 1.83 -5.19
CA ASN A 21 -9.59 1.05 -4.30
C ASN A 21 -9.09 1.11 -2.86
N LEU A 22 -7.76 0.94 -2.68
CA LEU A 22 -7.16 0.98 -1.34
C LEU A 22 -7.00 2.42 -0.86
N HIS A 23 -6.68 3.33 -1.80
CA HIS A 23 -6.60 4.76 -1.50
C HIS A 23 -7.97 5.22 -0.98
N ASP A 24 -9.00 4.81 -1.70
CA ASP A 24 -10.38 5.12 -1.39
C ASP A 24 -10.81 4.53 -0.04
N LEU A 25 -10.40 3.28 0.23
CA LEU A 25 -10.80 2.58 1.46
C LEU A 25 -10.30 3.30 2.72
N LEU A 26 -8.99 3.51 2.82
CA LEU A 26 -8.40 4.17 4.02
C LEU A 26 -8.66 5.67 4.04
N SER A 27 -8.77 6.29 2.86
CA SER A 27 -9.05 7.72 2.79
C SER A 27 -10.45 8.01 3.33
N SER A 28 -11.40 7.13 2.97
CA SER A 28 -12.77 7.27 3.43
C SER A 28 -12.86 7.08 4.94
N ALA A 29 -12.14 6.08 5.44
CA ALA A 29 -12.12 5.78 6.88
C ALA A 29 -11.48 6.93 7.65
N LEU A 30 -10.43 7.52 7.07
CA LEU A 30 -9.71 8.63 7.71
C LEU A 30 -10.44 9.95 7.48
N LYS A 31 -10.47 10.78 8.53
CA LYS A 31 -11.12 12.09 8.47
C LYS A 31 -10.13 13.24 8.19
N VAL A 32 -8.83 12.89 8.00
CA VAL A 32 -7.79 13.90 7.76
C VAL A 32 -6.96 13.54 6.49
N PRO A 33 -6.48 14.55 5.71
CA PRO A 33 -5.64 14.29 4.49
C PRO A 33 -4.34 13.55 4.83
N TYR A 34 -3.84 12.77 3.86
CA TYR A 34 -2.60 12.02 4.03
C TYR A 34 -1.79 11.99 2.74
N THR A 35 -0.49 11.65 2.86
CA THR A 35 0.40 11.60 1.70
C THR A 35 0.68 10.14 1.30
N LEU A 36 0.38 9.81 0.03
CA LEU A 36 0.58 8.47 -0.50
C LEU A 36 1.49 8.51 -1.72
N LYS A 37 2.54 7.67 -1.70
CA LYS A 37 3.50 7.59 -2.80
C LYS A 37 3.58 6.17 -3.34
N VAL A 38 3.86 6.04 -4.65
CA VAL A 38 3.95 4.72 -5.30
C VAL A 38 5.38 4.40 -5.71
N VAL A 39 5.74 3.12 -5.59
CA VAL A 39 7.10 2.65 -5.92
C VAL A 39 7.01 1.42 -6.85
N ASP A 40 7.78 1.46 -7.95
CA ASP A 40 7.81 0.34 -8.90
C ASP A 40 8.59 -0.84 -8.31
N VAL A 41 7.89 -1.95 -8.10
CA VAL A 41 8.51 -3.15 -7.52
C VAL A 41 9.58 -3.71 -8.47
N THR A 42 9.23 -3.79 -9.76
CA THR A 42 10.12 -4.34 -10.78
C THR A 42 11.24 -3.38 -11.17
N LYS A 43 10.96 -2.07 -11.16
CA LYS A 43 11.95 -1.08 -11.60
C LYS A 43 13.07 -0.88 -10.57
N GLN A 44 12.70 -0.75 -9.28
CA GLN A 44 13.70 -0.58 -8.22
C GLN A 44 13.90 -1.88 -7.39
N PRO A 45 14.96 -2.69 -7.65
CA PRO A 45 15.24 -3.92 -6.83
C PRO A 45 15.51 -3.60 -5.38
N ASP A 46 16.15 -2.44 -5.14
CA ASP A 46 16.55 -2.07 -3.77
C ASP A 46 15.35 -1.97 -2.84
N LEU A 47 14.32 -1.22 -3.27
CA LEU A 47 13.12 -1.03 -2.45
C LEU A 47 12.28 -2.32 -2.37
N ALA A 48 12.10 -3.00 -3.51
CA ALA A 48 11.30 -4.23 -3.56
C ALA A 48 11.94 -5.39 -2.79
N GLU A 49 13.24 -5.57 -2.98
CA GLU A 49 13.99 -6.65 -2.35
C GLU A 49 14.13 -6.41 -0.86
N LYS A 50 14.48 -5.17 -0.51
CA LYS A 50 14.67 -4.78 0.87
C LYS A 50 13.38 -4.91 1.67
N ASP A 51 12.26 -4.60 1.00
CA ASP A 51 10.93 -4.65 1.66
C ASP A 51 10.46 -6.09 1.92
N GLN A 52 11.13 -7.07 1.28
CA GLN A 52 10.79 -8.49 1.45
C GLN A 52 9.33 -8.74 0.99
N VAL A 53 9.02 -8.28 -0.22
CA VAL A 53 7.69 -8.46 -0.80
C VAL A 53 7.65 -9.71 -1.68
N GLN A 54 6.74 -10.64 -1.35
CA GLN A 54 6.57 -11.88 -2.11
C GLN A 54 5.44 -11.73 -3.12
N ALA A 55 4.37 -11.01 -2.73
CA ALA A 55 3.23 -10.78 -3.62
C ALA A 55 2.77 -9.33 -3.52
N THR A 56 2.57 -8.72 -4.69
CA THR A 56 2.17 -7.31 -4.79
C THR A 56 0.62 -7.11 -4.78
N PRO A 57 0.12 -5.90 -4.48
CA PRO A 57 0.92 -4.69 -4.02
C PRO A 57 1.31 -4.84 -2.56
N THR A 58 2.17 -3.96 -2.07
CA THR A 58 2.52 -3.95 -0.65
C THR A 58 2.17 -2.59 -0.06
N LEU A 59 1.27 -2.61 0.94
CA LEU A 59 0.86 -1.38 1.61
C LEU A 59 1.68 -1.18 2.85
N VAL A 60 2.58 -0.20 2.80
CA VAL A 60 3.46 0.08 3.92
C VAL A 60 3.29 1.54 4.36
N ARG A 61 2.89 1.75 5.63
CA ARG A 61 2.78 3.11 6.16
C ARG A 61 4.03 3.47 6.95
N VAL A 62 4.80 4.37 6.37
CA VAL A 62 6.07 4.83 6.92
C VAL A 62 5.86 5.72 8.16
N TYR A 63 6.86 5.70 9.03
CA TYR A 63 6.85 6.46 10.27
C TYR A 63 6.81 7.99 10.00
N PRO A 64 6.50 8.87 10.99
CA PRO A 64 6.17 8.51 12.45
C PRO A 64 5.02 7.50 12.61
N GLN A 65 4.98 6.88 13.78
CA GLN A 65 3.99 5.84 14.08
C GLN A 65 2.55 6.33 13.83
N PRO A 66 1.57 5.41 13.57
CA PRO A 66 1.80 3.91 13.52
C PRO A 66 2.39 3.43 12.19
N VAL A 67 3.43 2.59 12.29
CA VAL A 67 4.05 1.97 11.12
C VAL A 67 3.46 0.56 10.88
N ARG A 68 3.22 0.20 9.61
CA ARG A 68 2.67 -1.13 9.29
C ARG A 68 3.09 -1.58 7.90
N ARG A 69 3.37 -2.90 7.77
CA ARG A 69 3.75 -3.49 6.48
C ARG A 69 2.78 -4.63 6.11
N LEU A 70 2.14 -4.51 4.94
CA LEU A 70 1.24 -5.54 4.45
C LEU A 70 1.76 -6.09 3.11
N VAL A 71 2.04 -7.39 3.07
CA VAL A 71 2.58 -8.03 1.86
C VAL A 71 1.69 -9.19 1.41
N GLY A 72 1.21 -9.12 0.15
CA GLY A 72 0.41 -10.22 -0.41
C GLY A 72 -0.30 -9.78 -1.68
N GLN A 73 -0.93 -10.76 -2.35
CA GLN A 73 -1.73 -10.46 -3.53
C GLN A 73 -2.93 -9.67 -3.07
N LEU A 74 -2.78 -8.33 -3.05
CA LEU A 74 -3.85 -7.47 -2.47
C LEU A 74 -5.06 -7.36 -3.40
N ASP A 75 -5.76 -8.49 -3.56
CA ASP A 75 -6.98 -8.55 -4.37
C ASP A 75 -8.24 -8.80 -3.49
N HIS A 76 -8.08 -8.76 -2.15
CA HIS A 76 -9.20 -9.02 -1.23
C HIS A 76 -9.47 -7.81 -0.34
N ARG A 77 -10.75 -7.43 -0.27
CA ARG A 77 -11.18 -6.35 0.63
C ARG A 77 -11.12 -6.79 2.10
N TYR A 78 -11.21 -8.12 2.32
CA TYR A 78 -11.21 -8.68 3.67
C TYR A 78 -9.91 -8.35 4.42
N ARG A 79 -8.78 -8.48 3.71
CA ARG A 79 -7.48 -8.17 4.31
C ARG A 79 -7.43 -6.69 4.69
N LEU A 80 -7.95 -5.84 3.79
CA LEU A 80 -8.03 -4.41 4.03
C LEU A 80 -8.98 -4.09 5.19
N GLN A 81 -10.08 -4.88 5.28
CA GLN A 81 -11.11 -4.62 6.28
C GLN A 81 -10.53 -4.65 7.68
N HIS A 82 -9.75 -5.71 8.01
CA HIS A 82 -9.12 -5.79 9.34
C HIS A 82 -7.96 -4.77 9.47
N LEU A 83 -7.31 -4.47 8.33
CA LEU A 83 -6.20 -3.52 8.31
C LEU A 83 -6.67 -2.13 8.70
N LEU A 84 -7.85 -1.74 8.20
CA LEU A 84 -8.43 -0.43 8.49
C LEU A 84 -8.88 -0.34 9.96
N SER A 85 -9.20 -1.50 10.56
CA SER A 85 -9.64 -1.55 11.96
C SER A 85 -8.55 -1.00 12.92
N PRO A 86 -8.90 -0.13 13.90
CA PRO A 86 -7.88 0.44 14.85
C PRO A 86 -7.44 -0.58 15.90
N MET A 1 -0.75 13.70 9.95
CA MET A 1 0.10 13.54 8.74
C MET A 1 0.84 12.19 8.81
N TYR A 2 0.67 11.38 7.76
CA TYR A 2 1.31 10.05 7.71
C TYR A 2 2.03 9.89 6.37
N VAL A 3 3.06 9.02 6.34
CA VAL A 3 3.80 8.77 5.09
C VAL A 3 3.43 7.39 4.57
N PHE A 4 3.00 7.33 3.30
CA PHE A 4 2.57 6.06 2.68
C PHE A 4 3.42 5.73 1.46
N ARG A 5 3.62 4.42 1.26
CA ARG A 5 4.33 3.91 0.10
C ARG A 5 3.60 2.70 -0.46
N LEU A 6 3.36 2.70 -1.77
CA LEU A 6 2.64 1.61 -2.43
C LEU A 6 3.52 0.99 -3.52
N TYR A 7 3.58 -0.35 -3.53
CA TYR A 7 4.39 -1.06 -4.52
C TYR A 7 3.49 -1.77 -5.52
N VAL A 8 3.82 -1.60 -6.81
CA VAL A 8 3.07 -2.23 -7.89
C VAL A 8 4.01 -2.70 -9.00
N ARG A 9 3.75 -3.90 -9.53
CA ARG A 9 4.55 -4.48 -10.61
C ARG A 9 3.76 -4.44 -11.91
N GLY A 10 4.36 -3.83 -12.94
CA GLY A 10 3.70 -3.69 -14.25
C GLY A 10 2.64 -2.60 -14.19
N GLU A 11 1.76 -2.56 -15.19
CA GLU A 11 0.69 -1.56 -15.24
C GLU A 11 -0.66 -2.18 -14.76
N THR A 12 -1.32 -2.94 -15.66
CA THR A 12 -2.60 -3.63 -15.35
C THR A 12 -3.68 -2.67 -14.79
N HIS A 13 -4.91 -2.82 -15.31
CA HIS A 13 -6.04 -1.98 -14.85
C HIS A 13 -6.39 -2.28 -13.37
N ALA A 14 -6.03 -3.49 -12.90
CA ALA A 14 -6.29 -3.89 -11.53
C ALA A 14 -5.55 -3.01 -10.54
N ALA A 15 -4.31 -2.64 -10.89
CA ALA A 15 -3.47 -1.81 -10.02
C ALA A 15 -4.10 -0.44 -9.78
N GLU A 16 -4.68 0.15 -10.83
CA GLU A 16 -5.32 1.46 -10.73
C GLU A 16 -6.57 1.40 -9.87
N VAL A 17 -7.37 0.34 -10.06
CA VAL A 17 -8.61 0.16 -9.30
C VAL A 17 -8.26 -0.08 -7.82
N ALA A 18 -7.29 -0.95 -7.59
CA ALA A 18 -6.83 -1.29 -6.26
C ALA A 18 -6.21 -0.08 -5.59
N LEU A 19 -5.44 0.69 -6.37
CA LEU A 19 -4.76 1.87 -5.83
C LEU A 19 -5.75 2.93 -5.40
N LYS A 20 -6.71 3.25 -6.29
CA LYS A 20 -7.73 4.25 -5.99
C LYS A 20 -8.66 3.77 -4.89
N ASN A 21 -9.03 2.48 -4.94
CA ASN A 21 -9.91 1.88 -3.95
C ASN A 21 -9.22 1.86 -2.58
N LEU A 22 -7.94 1.47 -2.60
CA LEU A 22 -7.13 1.41 -1.38
C LEU A 22 -6.93 2.82 -0.83
N HIS A 23 -6.67 3.76 -1.74
CA HIS A 23 -6.51 5.16 -1.37
C HIS A 23 -7.81 5.66 -0.74
N ASP A 24 -8.92 5.29 -1.37
CA ASP A 24 -10.25 5.64 -0.93
C ASP A 24 -10.53 5.07 0.46
N LEU A 25 -10.19 3.80 0.67
CA LEU A 25 -10.39 3.13 1.96
C LEU A 25 -9.53 3.78 3.05
N LEU A 26 -8.29 4.13 2.69
CA LEU A 26 -7.36 4.75 3.64
C LEU A 26 -7.86 6.12 4.08
N SER A 27 -8.42 6.90 3.13
CA SER A 27 -8.92 8.23 3.44
C SER A 27 -10.16 8.17 4.30
N SER A 28 -11.04 7.21 4.00
CA SER A 28 -12.26 7.03 4.76
C SER A 28 -11.97 6.50 6.15
N ALA A 29 -11.04 5.56 6.22
CA ALA A 29 -10.65 4.93 7.49
C ALA A 29 -9.98 5.94 8.41
N LEU A 30 -9.15 6.82 7.83
CA LEU A 30 -8.39 7.80 8.63
C LEU A 30 -8.77 9.24 8.27
N LYS A 31 -9.32 9.94 9.26
CA LYS A 31 -9.71 11.34 9.10
C LYS A 31 -8.47 12.21 8.83
N VAL A 32 -7.38 11.92 9.55
CA VAL A 32 -6.14 12.70 9.44
C VAL A 32 -5.54 12.61 8.00
N PRO A 33 -5.21 13.74 7.32
CA PRO A 33 -4.62 13.73 5.94
C PRO A 33 -3.28 12.97 5.88
N TYR A 34 -3.00 12.37 4.72
CA TYR A 34 -1.75 11.63 4.50
C TYR A 34 -1.36 11.68 3.02
N THR A 35 -0.08 11.37 2.74
CA THR A 35 0.42 11.38 1.35
C THR A 35 0.69 9.95 0.88
N LEU A 36 0.07 9.56 -0.24
CA LEU A 36 0.24 8.24 -0.82
C LEU A 36 1.03 8.34 -2.13
N LYS A 37 2.14 7.60 -2.21
CA LYS A 37 3.01 7.63 -3.41
C LYS A 37 3.24 6.22 -3.94
N VAL A 38 3.41 6.12 -5.26
CA VAL A 38 3.63 4.83 -5.93
C VAL A 38 5.12 4.62 -6.20
N VAL A 39 5.58 3.37 -6.00
CA VAL A 39 6.99 3.02 -6.19
C VAL A 39 7.14 1.83 -7.14
N ASP A 40 8.01 1.98 -8.14
CA ASP A 40 8.31 0.90 -9.10
C ASP A 40 9.15 -0.17 -8.40
N VAL A 41 8.47 -1.19 -7.88
CA VAL A 41 9.11 -2.27 -7.12
C VAL A 41 10.07 -3.12 -7.98
N THR A 42 9.63 -3.43 -9.21
CA THR A 42 10.43 -4.29 -10.10
C THR A 42 11.73 -3.61 -10.54
N LYS A 43 11.66 -2.30 -10.82
CA LYS A 43 12.82 -1.54 -11.27
C LYS A 43 13.81 -1.26 -10.13
N GLN A 44 13.28 -0.87 -8.95
CA GLN A 44 14.13 -0.53 -7.80
C GLN A 44 14.24 -1.70 -6.78
N PRO A 45 15.34 -2.48 -6.77
CA PRO A 45 15.53 -3.57 -5.76
C PRO A 45 15.79 -3.03 -4.36
N ASP A 46 16.21 -1.76 -4.24
CA ASP A 46 16.51 -1.21 -2.93
C ASP A 46 15.30 -1.28 -2.02
N LEU A 47 14.16 -0.79 -2.53
CA LEU A 47 12.90 -0.84 -1.79
C LEU A 47 12.27 -2.24 -1.82
N ALA A 48 12.27 -2.87 -3.00
CA ALA A 48 11.64 -4.19 -3.16
C ALA A 48 12.33 -5.28 -2.32
N GLU A 49 13.66 -5.29 -2.37
CA GLU A 49 14.45 -6.28 -1.65
C GLU A 49 14.42 -6.01 -0.17
N LYS A 50 14.55 -4.72 0.20
CA LYS A 50 14.53 -4.33 1.60
C LYS A 50 13.20 -4.71 2.23
N ASP A 51 12.13 -4.53 1.46
CA ASP A 51 10.77 -4.87 1.92
C ASP A 51 10.49 -6.39 1.87
N GLN A 52 11.38 -7.15 1.20
CA GLN A 52 11.22 -8.61 1.10
C GLN A 52 9.82 -8.96 0.53
N VAL A 53 9.43 -8.27 -0.53
CA VAL A 53 8.13 -8.47 -1.17
C VAL A 53 8.01 -9.91 -1.73
N GLN A 54 6.77 -10.41 -1.77
CA GLN A 54 6.48 -11.75 -2.28
C GLN A 54 5.33 -11.72 -3.30
N ALA A 55 4.30 -10.91 -3.00
CA ALA A 55 3.14 -10.78 -3.89
C ALA A 55 2.67 -9.32 -3.99
N THR A 56 2.27 -8.93 -5.20
CA THR A 56 1.86 -7.55 -5.49
C THR A 56 0.34 -7.29 -5.20
N PRO A 57 -0.04 -6.07 -4.76
CA PRO A 57 0.87 -4.91 -4.36
C PRO A 57 1.39 -5.12 -2.95
N THR A 58 2.33 -4.28 -2.52
CA THR A 58 2.81 -4.31 -1.14
C THR A 58 2.44 -3.00 -0.47
N LEU A 59 1.78 -3.09 0.67
CA LEU A 59 1.36 -1.91 1.41
C LEU A 59 2.39 -1.56 2.45
N VAL A 60 3.06 -0.43 2.23
CA VAL A 60 4.08 0.06 3.15
C VAL A 60 3.58 1.34 3.80
N ARG A 61 3.32 1.26 5.12
CA ARG A 61 2.84 2.41 5.87
C ARG A 61 3.98 3.01 6.68
N VAL A 62 4.50 4.11 6.15
CA VAL A 62 5.63 4.83 6.75
C VAL A 62 5.15 5.79 7.86
N TYR A 63 6.00 5.93 8.87
CA TYR A 63 5.72 6.78 10.03
C TYR A 63 5.46 8.26 9.60
N PRO A 64 4.93 9.16 10.46
CA PRO A 64 4.54 8.89 11.93
C PRO A 64 3.59 7.70 12.12
N GLN A 65 3.58 7.19 13.36
CA GLN A 65 2.77 6.03 13.72
C GLN A 65 1.29 6.23 13.36
N PRO A 66 0.50 5.14 13.15
CA PRO A 66 0.97 3.70 13.28
C PRO A 66 1.82 3.23 12.09
N VAL A 67 2.80 2.38 12.40
CA VAL A 67 3.68 1.78 11.38
C VAL A 67 3.10 0.42 10.98
N ARG A 68 2.93 0.20 9.67
CA ARG A 68 2.32 -1.06 9.19
C ARG A 68 2.89 -1.50 7.84
N ARG A 69 3.12 -2.81 7.70
CA ARG A 69 3.64 -3.38 6.44
C ARG A 69 2.91 -4.69 6.11
N LEU A 70 2.25 -4.72 4.95
CA LEU A 70 1.50 -5.89 4.49
C LEU A 70 2.01 -6.33 3.12
N VAL A 71 2.45 -7.59 3.02
CA VAL A 71 2.96 -8.13 1.76
C VAL A 71 2.10 -9.31 1.31
N GLY A 72 1.47 -9.19 0.13
CA GLY A 72 0.66 -10.28 -0.42
C GLY A 72 -0.17 -9.80 -1.58
N GLN A 73 -0.93 -10.73 -2.18
CA GLN A 73 -1.81 -10.38 -3.28
C GLN A 73 -2.96 -9.57 -2.70
N LEU A 74 -3.10 -8.34 -3.19
CA LEU A 74 -4.17 -7.44 -2.63
C LEU A 74 -5.38 -7.36 -3.57
N ASP A 75 -6.03 -8.50 -3.77
CA ASP A 75 -7.24 -8.58 -4.60
C ASP A 75 -8.53 -8.64 -3.76
N HIS A 76 -8.38 -8.59 -2.41
CA HIS A 76 -9.54 -8.67 -1.50
C HIS A 76 -9.60 -7.47 -0.57
N ARG A 77 -10.81 -6.90 -0.43
CA ARG A 77 -11.03 -5.79 0.49
C ARG A 77 -11.10 -6.29 1.94
N TYR A 78 -11.32 -7.61 2.13
CA TYR A 78 -11.44 -8.21 3.46
C TYR A 78 -10.14 -8.04 4.27
N ARG A 79 -8.99 -8.23 3.60
CA ARG A 79 -7.69 -8.06 4.25
C ARG A 79 -7.58 -6.63 4.77
N LEU A 80 -7.96 -5.69 3.90
CA LEU A 80 -7.95 -4.27 4.23
C LEU A 80 -8.95 -3.94 5.32
N GLN A 81 -10.11 -4.61 5.29
CA GLN A 81 -11.19 -4.31 6.21
C GLN A 81 -10.73 -4.46 7.67
N HIS A 82 -10.07 -5.59 8.00
CA HIS A 82 -9.56 -5.79 9.36
C HIS A 82 -8.29 -4.92 9.61
N LEU A 83 -7.52 -4.70 8.54
CA LEU A 83 -6.28 -3.92 8.61
C LEU A 83 -6.55 -2.48 9.01
N LEU A 84 -7.60 -1.90 8.42
CA LEU A 84 -7.97 -0.51 8.69
C LEU A 84 -8.55 -0.34 10.10
N SER A 85 -9.11 -1.43 10.66
CA SER A 85 -9.70 -1.39 12.00
C SER A 85 -8.62 -1.04 13.06
N PRO A 86 -8.88 -0.08 13.99
CA PRO A 86 -7.89 0.32 15.03
C PRO A 86 -7.22 -0.91 15.67
N MET A 1 5.14 13.41 12.18
CA MET A 1 5.62 12.96 10.85
C MET A 1 4.78 11.78 10.38
N TYR A 2 4.25 11.88 9.15
CA TYR A 2 3.42 10.81 8.58
C TYR A 2 3.76 10.58 7.11
N VAL A 3 3.87 9.30 6.70
CA VAL A 3 4.20 8.98 5.29
C VAL A 3 3.42 7.73 4.81
N PHE A 4 2.86 7.81 3.58
CA PHE A 4 2.16 6.66 2.99
C PHE A 4 2.87 6.16 1.74
N ARG A 5 3.16 4.86 1.72
CA ARG A 5 3.85 4.22 0.59
C ARG A 5 3.00 3.10 0.00
N LEU A 6 3.10 2.93 -1.32
CA LEU A 6 2.37 1.88 -2.01
C LEU A 6 3.26 1.21 -3.07
N TYR A 7 3.30 -0.11 -3.06
CA TYR A 7 4.09 -0.87 -4.02
C TYR A 7 3.20 -1.64 -4.97
N VAL A 8 3.26 -1.27 -6.26
CA VAL A 8 2.47 -1.95 -7.28
C VAL A 8 3.14 -1.82 -8.67
N ARG A 9 3.22 -2.96 -9.37
CA ARG A 9 3.78 -2.98 -10.73
C ARG A 9 2.72 -2.58 -11.75
N GLY A 10 3.17 -1.91 -12.82
CA GLY A 10 2.25 -1.43 -13.86
C GLY A 10 2.23 -2.33 -15.09
N GLU A 11 1.46 -3.42 -14.99
CA GLU A 11 1.31 -4.37 -16.11
C GLU A 11 -0.16 -4.50 -16.53
N THR A 12 -1.06 -4.41 -15.55
CA THR A 12 -2.51 -4.52 -15.80
C THR A 12 -3.26 -3.36 -15.14
N HIS A 13 -4.25 -2.82 -15.84
CA HIS A 13 -5.06 -1.69 -15.35
C HIS A 13 -5.70 -2.04 -13.97
N ALA A 14 -5.81 -3.33 -13.66
CA ALA A 14 -6.40 -3.78 -12.40
C ALA A 14 -5.62 -3.23 -11.21
N ALA A 15 -4.29 -3.17 -11.34
CA ALA A 15 -3.43 -2.65 -10.27
C ALA A 15 -3.80 -1.20 -9.95
N GLU A 16 -4.08 -0.42 -10.99
CA GLU A 16 -4.49 0.97 -10.84
C GLU A 16 -5.82 1.04 -10.09
N VAL A 17 -6.74 0.13 -10.44
CA VAL A 17 -8.05 0.06 -9.78
C VAL A 17 -7.85 -0.25 -8.29
N ALA A 18 -6.95 -1.22 -8.02
CA ALA A 18 -6.61 -1.59 -6.65
C ALA A 18 -6.01 -0.40 -5.92
N LEU A 19 -5.15 0.36 -6.62
CA LEU A 19 -4.53 1.54 -6.05
C LEU A 19 -5.59 2.57 -5.68
N LYS A 20 -6.54 2.78 -6.60
CA LYS A 20 -7.63 3.71 -6.38
C LYS A 20 -8.50 3.23 -5.20
N ASN A 21 -8.71 1.90 -5.13
CA ASN A 21 -9.52 1.30 -4.06
C ASN A 21 -8.85 1.48 -2.70
N LEU A 22 -7.53 1.22 -2.65
CA LEU A 22 -6.76 1.39 -1.41
C LEU A 22 -6.73 2.86 -1.03
N HIS A 23 -6.55 3.71 -2.04
CA HIS A 23 -6.55 5.16 -1.86
C HIS A 23 -7.91 5.62 -1.34
N ASP A 24 -8.95 5.05 -1.94
CA ASP A 24 -10.33 5.36 -1.61
C ASP A 24 -10.66 5.01 -0.16
N LEU A 25 -10.27 3.81 0.27
CA LEU A 25 -10.53 3.35 1.64
C LEU A 25 -9.77 4.22 2.65
N LEU A 26 -8.52 4.56 2.32
CA LEU A 26 -7.70 5.38 3.21
C LEU A 26 -8.29 6.77 3.41
N SER A 27 -8.78 7.37 2.31
CA SER A 27 -9.36 8.71 2.38
C SER A 27 -10.64 8.70 3.19
N SER A 28 -11.48 7.68 2.94
CA SER A 28 -12.75 7.55 3.64
C SER A 28 -12.53 7.29 5.12
N ALA A 29 -11.58 6.40 5.42
CA ALA A 29 -11.25 6.04 6.79
C ALA A 29 -10.69 7.23 7.55
N LEU A 30 -9.86 8.04 6.87
CA LEU A 30 -9.22 9.21 7.50
C LEU A 30 -9.55 10.50 6.77
N LYS A 31 -10.21 11.41 7.50
CA LYS A 31 -10.54 12.73 6.97
C LYS A 31 -9.28 13.56 6.71
N VAL A 32 -8.30 13.42 7.62
CA VAL A 32 -7.04 14.19 7.54
C VAL A 32 -6.27 13.86 6.21
N PRO A 33 -5.85 14.88 5.41
CA PRO A 33 -5.08 14.62 4.13
C PRO A 33 -3.77 13.88 4.39
N TYR A 34 -3.35 13.08 3.41
CA TYR A 34 -2.12 12.29 3.52
C TYR A 34 -1.43 12.16 2.14
N THR A 35 -0.14 11.82 2.16
CA THR A 35 0.64 11.68 0.92
C THR A 35 0.94 10.21 0.62
N LEU A 36 0.64 9.81 -0.62
CA LEU A 36 0.86 8.43 -1.07
C LEU A 36 1.72 8.43 -2.33
N LYS A 37 2.80 7.63 -2.31
CA LYS A 37 3.72 7.54 -3.46
C LYS A 37 3.70 6.13 -4.04
N VAL A 38 3.92 6.03 -5.36
CA VAL A 38 3.90 4.75 -6.06
C VAL A 38 5.32 4.33 -6.48
N VAL A 39 5.69 3.11 -6.09
CA VAL A 39 7.01 2.55 -6.41
C VAL A 39 6.84 1.16 -7.05
N ASP A 40 7.52 0.94 -8.20
CA ASP A 40 7.44 -0.35 -8.88
C ASP A 40 8.43 -1.33 -8.27
N VAL A 41 7.92 -2.47 -7.80
CA VAL A 41 8.74 -3.50 -7.15
C VAL A 41 9.76 -4.07 -8.14
N THR A 42 9.31 -4.35 -9.37
CA THR A 42 10.18 -4.97 -10.37
C THR A 42 11.27 -4.02 -10.87
N LYS A 43 10.93 -2.73 -11.01
CA LYS A 43 11.89 -1.76 -11.54
C LYS A 43 12.97 -1.37 -10.54
N GLN A 44 12.58 -1.11 -9.29
CA GLN A 44 13.54 -0.69 -8.23
C GLN A 44 13.89 -1.84 -7.25
N PRO A 45 15.05 -2.54 -7.40
CA PRO A 45 15.47 -3.59 -6.43
C PRO A 45 15.68 -3.06 -5.02
N ASP A 46 16.22 -1.85 -4.90
CA ASP A 46 16.56 -1.28 -3.59
C ASP A 46 15.34 -1.20 -2.68
N LEU A 47 14.25 -0.61 -3.19
CA LEU A 47 13.03 -0.48 -2.41
C LEU A 47 12.32 -1.83 -2.20
N ALA A 48 12.23 -2.62 -3.26
CA ALA A 48 11.57 -3.94 -3.18
C ALA A 48 12.31 -4.91 -2.26
N GLU A 49 13.62 -4.93 -2.39
CA GLU A 49 14.48 -5.81 -1.60
C GLU A 49 14.47 -5.37 -0.14
N LYS A 50 14.58 -4.05 0.05
CA LYS A 50 14.59 -3.47 1.38
C LYS A 50 13.28 -3.80 2.10
N ASP A 51 12.17 -3.70 1.35
CA ASP A 51 10.84 -4.02 1.90
C ASP A 51 10.63 -5.54 2.03
N GLN A 52 11.52 -6.34 1.41
CA GLN A 52 11.44 -7.81 1.48
C GLN A 52 10.00 -8.31 1.21
N VAL A 53 9.39 -7.76 0.16
CA VAL A 53 8.02 -8.12 -0.22
C VAL A 53 8.01 -9.22 -1.28
N GLN A 54 7.04 -10.15 -1.16
CA GLN A 54 6.93 -11.29 -2.08
C GLN A 54 5.72 -11.16 -3.00
N ALA A 55 4.53 -10.99 -2.41
CA ALA A 55 3.29 -10.87 -3.19
C ALA A 55 2.79 -9.43 -3.18
N THR A 56 2.50 -8.92 -4.38
CA THR A 56 2.06 -7.53 -4.57
C THR A 56 0.51 -7.35 -4.48
N PRO A 57 0.03 -6.14 -4.19
CA PRO A 57 0.85 -4.89 -3.82
C PRO A 57 1.30 -5.01 -2.36
N THR A 58 2.18 -4.10 -1.93
CA THR A 58 2.59 -4.06 -0.52
C THR A 58 2.21 -2.71 0.05
N LEU A 59 1.46 -2.73 1.17
CA LEU A 59 1.03 -1.50 1.81
C LEU A 59 1.99 -1.13 2.91
N VAL A 60 2.74 -0.05 2.69
CA VAL A 60 3.67 0.45 3.70
C VAL A 60 3.08 1.73 4.29
N ARG A 61 2.67 1.65 5.56
CA ARG A 61 2.00 2.76 6.22
C ARG A 61 2.86 3.32 7.34
N VAL A 62 3.18 4.62 7.24
CA VAL A 62 4.02 5.30 8.26
C VAL A 62 3.15 6.31 9.05
N TYR A 63 1.88 5.95 9.27
CA TYR A 63 0.97 6.77 10.07
C TYR A 63 -0.04 5.88 10.87
N PRO A 64 0.11 5.70 12.21
CA PRO A 64 1.25 6.21 13.06
C PRO A 64 2.37 5.16 13.10
N GLN A 65 3.56 5.56 13.55
CA GLN A 65 4.68 4.60 13.67
C GLN A 65 4.41 3.61 14.84
N PRO A 66 5.02 2.39 14.84
CA PRO A 66 5.96 1.86 13.78
C PRO A 66 5.26 1.60 12.44
N VAL A 67 6.07 1.45 11.40
CA VAL A 67 5.57 1.21 10.03
C VAL A 67 4.95 -0.19 9.91
N ARG A 68 3.86 -0.28 9.15
CA ARG A 68 3.16 -1.55 8.91
C ARG A 68 3.39 -2.05 7.49
N ARG A 69 3.62 -3.36 7.35
CA ARG A 69 3.82 -3.98 6.03
C ARG A 69 2.83 -5.11 5.80
N LEU A 70 2.08 -4.99 4.71
CA LEU A 70 1.13 -6.03 4.32
C LEU A 70 1.59 -6.62 2.99
N VAL A 71 1.83 -7.94 2.98
CA VAL A 71 2.32 -8.61 1.77
C VAL A 71 1.38 -9.74 1.37
N GLY A 72 0.84 -9.64 0.15
CA GLY A 72 -0.04 -10.67 -0.38
C GLY A 72 -0.72 -10.18 -1.64
N GLN A 73 -1.42 -11.09 -2.33
CA GLN A 73 -2.18 -10.71 -3.51
C GLN A 73 -3.35 -9.87 -3.03
N LEU A 74 -3.10 -8.56 -2.89
CA LEU A 74 -4.13 -7.65 -2.31
C LEU A 74 -5.26 -7.39 -3.32
N ASP A 75 -6.03 -8.45 -3.61
CA ASP A 75 -7.16 -8.37 -4.54
C ASP A 75 -8.52 -8.30 -3.81
N HIS A 76 -8.51 -8.34 -2.46
CA HIS A 76 -9.76 -8.29 -1.68
C HIS A 76 -9.67 -7.33 -0.50
N ARG A 77 -10.84 -6.93 -0.02
CA ARG A 77 -10.98 -5.93 1.05
C ARG A 77 -10.74 -6.48 2.46
N TYR A 78 -10.79 -7.80 2.63
CA TYR A 78 -10.67 -8.40 3.98
C TYR A 78 -9.34 -8.03 4.65
N ARG A 79 -8.24 -8.09 3.90
CA ARG A 79 -6.93 -7.72 4.44
C ARG A 79 -6.91 -6.24 4.85
N LEU A 80 -7.49 -5.41 4.00
CA LEU A 80 -7.58 -3.97 4.25
C LEU A 80 -8.46 -3.70 5.48
N GLN A 81 -9.54 -4.48 5.61
CA GLN A 81 -10.50 -4.31 6.70
C GLN A 81 -9.81 -4.40 8.07
N HIS A 82 -9.12 -5.52 8.35
CA HIS A 82 -8.44 -5.67 9.64
C HIS A 82 -7.31 -4.60 9.77
N LEU A 83 -6.72 -4.26 8.62
CA LEU A 83 -5.63 -3.31 8.56
C LEU A 83 -6.08 -1.94 9.05
N LEU A 84 -7.26 -1.51 8.58
CA LEU A 84 -7.83 -0.22 8.99
C LEU A 84 -8.38 -0.27 10.41
N SER A 85 -8.76 -1.48 10.87
CA SER A 85 -9.32 -1.67 12.21
C SER A 85 -8.25 -1.33 13.29
N PRO A 86 -8.59 -0.53 14.34
CA PRO A 86 -7.61 -0.16 15.41
C PRO A 86 -6.85 -1.37 15.92
N MET A 1 5.48 13.69 11.64
CA MET A 1 6.27 12.89 10.67
C MET A 1 5.51 11.61 10.31
N TYR A 2 4.94 11.57 9.10
CA TYR A 2 4.19 10.41 8.63
C TYR A 2 4.33 10.24 7.11
N VAL A 3 4.29 8.98 6.63
CA VAL A 3 4.41 8.70 5.19
C VAL A 3 3.55 7.50 4.77
N PHE A 4 2.85 7.63 3.62
CA PHE A 4 2.10 6.48 3.07
C PHE A 4 2.82 5.99 1.81
N ARG A 5 3.15 4.69 1.80
CA ARG A 5 3.89 4.08 0.71
C ARG A 5 3.17 2.82 0.22
N LEU A 6 3.10 2.66 -1.12
CA LEU A 6 2.45 1.47 -1.70
C LEU A 6 3.26 0.95 -2.89
N TYR A 7 3.39 -0.38 -2.95
CA TYR A 7 4.15 -1.05 -4.02
C TYR A 7 3.22 -1.66 -5.06
N VAL A 8 3.66 -1.66 -6.33
CA VAL A 8 2.86 -2.24 -7.43
C VAL A 8 3.70 -3.20 -8.28
N ARG A 9 3.02 -4.12 -8.97
CA ARG A 9 3.69 -5.11 -9.82
C ARG A 9 3.27 -4.93 -11.29
N GLY A 10 4.24 -4.56 -12.14
CA GLY A 10 3.99 -4.39 -13.58
C GLY A 10 3.33 -3.04 -13.90
N GLU A 11 3.06 -2.21 -12.87
CA GLU A 11 2.42 -0.89 -13.04
C GLU A 11 1.34 -0.91 -14.15
N THR A 12 0.55 -2.00 -14.18
CA THR A 12 -0.51 -2.17 -15.18
C THR A 12 -1.70 -1.26 -14.87
N HIS A 13 -2.59 -1.09 -15.85
CA HIS A 13 -3.78 -0.24 -15.68
C HIS A 13 -4.67 -0.77 -14.54
N ALA A 14 -4.68 -2.10 -14.36
CA ALA A 14 -5.46 -2.72 -13.30
C ALA A 14 -4.98 -2.25 -11.93
N ALA A 15 -3.64 -2.14 -11.79
CA ALA A 15 -3.03 -1.70 -10.54
C ALA A 15 -3.46 -0.28 -10.20
N GLU A 16 -3.55 0.59 -11.22
CA GLU A 16 -3.95 1.98 -11.03
C GLU A 16 -5.39 2.09 -10.52
N VAL A 17 -6.29 1.28 -11.10
CA VAL A 17 -7.70 1.27 -10.69
C VAL A 17 -7.79 0.81 -9.23
N ALA A 18 -7.07 -0.26 -8.92
CA ALA A 18 -6.99 -0.80 -7.56
C ALA A 18 -6.40 0.23 -6.62
N LEU A 19 -5.38 0.97 -7.12
CA LEU A 19 -4.72 2.00 -6.34
C LEU A 19 -5.71 3.09 -5.97
N LYS A 20 -6.51 3.51 -6.96
CA LYS A 20 -7.52 4.54 -6.73
C LYS A 20 -8.58 4.05 -5.74
N ASN A 21 -8.95 2.76 -5.86
CA ASN A 21 -9.95 2.13 -4.98
C ASN A 21 -9.41 2.04 -3.55
N LEU A 22 -8.14 1.64 -3.43
CA LEU A 22 -7.49 1.48 -2.12
C LEU A 22 -7.29 2.86 -1.49
N HIS A 23 -6.85 3.80 -2.33
CA HIS A 23 -6.65 5.19 -1.91
C HIS A 23 -7.98 5.79 -1.46
N ASP A 24 -9.01 5.52 -2.25
CA ASP A 24 -10.35 5.98 -2.00
C ASP A 24 -10.88 5.46 -0.67
N LEU A 25 -10.65 4.17 -0.41
CA LEU A 25 -11.10 3.56 0.85
C LEU A 25 -10.37 4.21 2.03
N LEU A 26 -9.06 4.43 1.87
CA LEU A 26 -8.24 5.02 2.93
C LEU A 26 -8.68 6.44 3.26
N SER A 27 -9.01 7.23 2.23
CA SER A 27 -9.42 8.61 2.43
C SER A 27 -10.71 8.68 3.22
N SER A 28 -11.66 7.81 2.87
CA SER A 28 -12.94 7.75 3.57
C SER A 28 -12.77 7.18 4.97
N ALA A 29 -11.91 6.18 5.10
CA ALA A 29 -11.64 5.53 6.38
C ALA A 29 -10.98 6.49 7.36
N LEU A 30 -10.07 7.33 6.85
CA LEU A 30 -9.33 8.27 7.68
C LEU A 30 -9.71 9.72 7.38
N LYS A 31 -10.15 10.44 8.42
CA LYS A 31 -10.51 11.85 8.29
C LYS A 31 -9.29 12.69 7.92
N VAL A 32 -8.16 12.39 8.58
CA VAL A 32 -6.90 13.14 8.36
C VAL A 32 -6.33 12.86 6.93
N PRO A 33 -5.75 13.88 6.24
CA PRO A 33 -5.13 13.68 4.89
C PRO A 33 -3.80 12.92 4.98
N TYR A 34 -3.41 12.30 3.86
CA TYR A 34 -2.15 11.53 3.78
C TYR A 34 -1.58 11.57 2.36
N THR A 35 -0.27 11.23 2.25
CA THR A 35 0.39 11.22 0.95
C THR A 35 0.80 9.78 0.59
N LEU A 36 0.31 9.31 -0.56
CA LEU A 36 0.59 7.96 -1.04
C LEU A 36 1.42 8.01 -2.32
N LYS A 37 2.56 7.31 -2.31
CA LYS A 37 3.44 7.24 -3.47
C LYS A 37 3.49 5.82 -4.03
N VAL A 38 3.67 5.71 -5.35
CA VAL A 38 3.67 4.40 -6.01
C VAL A 38 5.10 4.00 -6.39
N VAL A 39 5.50 2.80 -5.95
CA VAL A 39 6.84 2.27 -6.23
C VAL A 39 6.70 0.91 -6.93
N ASP A 40 7.40 0.75 -8.07
CA ASP A 40 7.34 -0.49 -8.84
C ASP A 40 8.28 -1.54 -8.26
N VAL A 41 7.71 -2.70 -7.92
CA VAL A 41 8.46 -3.81 -7.34
C VAL A 41 9.51 -4.36 -8.32
N THR A 42 9.11 -4.53 -9.58
CA THR A 42 9.98 -5.14 -10.59
C THR A 42 10.99 -4.16 -11.20
N LYS A 43 10.75 -2.84 -11.07
CA LYS A 43 11.65 -1.86 -11.68
C LYS A 43 12.74 -1.35 -10.71
N GLN A 44 12.36 -1.03 -9.46
CA GLN A 44 13.35 -0.58 -8.45
C GLN A 44 13.70 -1.72 -7.45
N PRO A 45 14.85 -2.44 -7.61
CA PRO A 45 15.27 -3.50 -6.63
C PRO A 45 15.49 -2.98 -5.22
N ASP A 46 16.04 -1.76 -5.10
CA ASP A 46 16.39 -1.23 -3.78
C ASP A 46 15.16 -1.10 -2.88
N LEU A 47 14.07 -0.58 -3.43
CA LEU A 47 12.84 -0.41 -2.67
C LEU A 47 12.16 -1.76 -2.38
N ALA A 48 12.00 -2.57 -3.43
CA ALA A 48 11.33 -3.87 -3.30
C ALA A 48 12.11 -4.86 -2.41
N GLU A 49 13.43 -4.89 -2.61
CA GLU A 49 14.29 -5.82 -1.87
C GLU A 49 14.27 -5.48 -0.41
N LYS A 50 14.46 -4.19 -0.10
CA LYS A 50 14.48 -3.73 1.27
C LYS A 50 13.11 -3.93 1.92
N ASP A 51 12.06 -3.73 1.14
CA ASP A 51 10.69 -3.89 1.65
C ASP A 51 10.32 -5.37 1.86
N GLN A 52 11.11 -6.29 1.26
CA GLN A 52 10.90 -7.74 1.44
C GLN A 52 9.42 -8.12 1.26
N VAL A 53 8.84 -7.73 0.13
CA VAL A 53 7.42 -8.01 -0.16
C VAL A 53 7.22 -9.42 -0.74
N GLN A 54 6.55 -10.28 0.03
CA GLN A 54 6.31 -11.67 -0.39
C GLN A 54 5.36 -11.72 -1.60
N ALA A 55 4.31 -10.88 -1.58
CA ALA A 55 3.34 -10.83 -2.69
C ALA A 55 2.76 -9.42 -2.85
N THR A 56 2.61 -8.99 -4.11
CA THR A 56 2.16 -7.63 -4.43
C THR A 56 0.59 -7.50 -4.54
N PRO A 57 0.05 -6.27 -4.40
CA PRO A 57 0.79 -5.00 -4.04
C PRO A 57 1.13 -5.02 -2.56
N THR A 58 1.93 -4.07 -2.10
CA THR A 58 2.25 -3.97 -0.68
C THR A 58 1.75 -2.65 -0.12
N LEU A 59 0.91 -2.74 0.91
CA LEU A 59 0.38 -1.56 1.56
C LEU A 59 1.23 -1.25 2.77
N VAL A 60 2.02 -0.19 2.66
CA VAL A 60 2.91 0.22 3.74
C VAL A 60 2.38 1.53 4.35
N ARG A 61 2.03 1.47 5.64
CA ARG A 61 1.46 2.63 6.32
C ARG A 61 2.38 3.10 7.44
N VAL A 62 2.83 4.37 7.34
CA VAL A 62 3.70 4.96 8.37
C VAL A 62 2.94 6.09 9.08
N TYR A 63 1.69 5.80 9.43
CA TYR A 63 0.84 6.75 10.15
C TYR A 63 -0.05 6.00 11.20
N PRO A 64 0.23 6.06 12.52
CA PRO A 64 1.44 6.72 13.14
C PRO A 64 2.60 5.72 13.22
N GLN A 65 3.72 6.13 13.82
CA GLN A 65 4.87 5.23 14.00
C GLN A 65 4.51 4.14 15.04
N PRO A 66 5.11 2.93 14.99
CA PRO A 66 6.17 2.51 13.98
C PRO A 66 5.58 2.19 12.60
N VAL A 67 6.48 1.93 11.65
CA VAL A 67 6.10 1.62 10.26
C VAL A 67 5.32 0.29 10.19
N ARG A 68 4.21 0.30 9.44
CA ARG A 68 3.38 -0.90 9.25
C ARG A 68 3.57 -1.43 7.83
N ARG A 69 3.80 -2.74 7.71
CA ARG A 69 4.01 -3.37 6.40
C ARG A 69 3.09 -4.57 6.21
N LEU A 70 2.26 -4.51 5.16
CA LEU A 70 1.36 -5.61 4.82
C LEU A 70 1.63 -6.07 3.39
N VAL A 71 1.99 -7.34 3.23
CA VAL A 71 2.32 -7.89 1.91
C VAL A 71 1.45 -9.08 1.56
N GLY A 72 1.03 -9.16 0.29
CA GLY A 72 0.22 -10.29 -0.16
C GLY A 72 -0.48 -9.97 -1.46
N GLN A 73 -1.10 -10.98 -2.06
CA GLN A 73 -1.86 -10.78 -3.28
C GLN A 73 -3.10 -9.98 -2.92
N LEU A 74 -2.93 -8.64 -2.93
CA LEU A 74 -4.04 -7.75 -2.46
C LEU A 74 -5.21 -7.71 -3.46
N ASP A 75 -5.94 -8.84 -3.52
CA ASP A 75 -7.12 -8.96 -4.38
C ASP A 75 -8.44 -8.92 -3.57
N HIS A 76 -8.34 -8.78 -2.22
CA HIS A 76 -9.53 -8.77 -1.36
C HIS A 76 -9.46 -7.66 -0.30
N ARG A 77 -10.63 -7.29 0.22
CA ARG A 77 -10.76 -6.21 1.22
C ARG A 77 -10.42 -6.66 2.66
N TYR A 78 -10.42 -7.99 2.90
CA TYR A 78 -10.20 -8.52 4.26
C TYR A 78 -8.83 -8.12 4.84
N ARG A 79 -7.80 -8.13 3.99
CA ARG A 79 -6.45 -7.75 4.44
C ARG A 79 -6.46 -6.33 5.00
N LEU A 80 -7.09 -5.41 4.28
CA LEU A 80 -7.23 -4.02 4.73
C LEU A 80 -8.20 -3.91 5.91
N GLN A 81 -9.16 -4.84 5.98
CA GLN A 81 -10.17 -4.81 7.02
C GLN A 81 -9.52 -4.89 8.40
N HIS A 82 -8.53 -5.80 8.56
CA HIS A 82 -7.81 -5.93 9.84
C HIS A 82 -6.72 -4.85 9.97
N LEU A 83 -6.15 -4.42 8.83
CA LEU A 83 -5.07 -3.43 8.82
C LEU A 83 -5.53 -2.11 9.42
N LEU A 84 -6.73 -1.67 9.02
CA LEU A 84 -7.29 -0.41 9.53
C LEU A 84 -7.68 -0.53 11.01
N SER A 85 -7.98 -1.75 11.45
CA SER A 85 -8.36 -2.02 12.84
C SER A 85 -7.13 -1.93 13.77
N PRO A 86 -7.31 -1.55 15.07
CA PRO A 86 -6.16 -1.45 16.03
C PRO A 86 -5.21 -2.65 15.92
N MET A 1 0.14 13.11 12.27
CA MET A 1 0.25 12.93 10.80
C MET A 1 0.96 11.61 10.48
N TYR A 2 0.60 11.00 9.36
CA TYR A 2 1.18 9.72 8.94
C TYR A 2 1.61 9.79 7.47
N VAL A 3 2.66 9.03 7.11
CA VAL A 3 3.13 8.98 5.73
C VAL A 3 2.84 7.60 5.16
N PHE A 4 2.24 7.56 3.96
CA PHE A 4 1.87 6.28 3.34
C PHE A 4 2.75 5.94 2.13
N ARG A 5 2.98 4.64 1.94
CA ARG A 5 3.75 4.13 0.82
C ARG A 5 3.08 2.89 0.24
N LEU A 6 2.86 2.89 -1.08
CA LEU A 6 2.20 1.75 -1.75
C LEU A 6 3.10 1.16 -2.85
N TYR A 7 3.26 -0.16 -2.82
CA TYR A 7 4.07 -0.87 -3.83
C TYR A 7 3.17 -1.59 -4.81
N VAL A 8 3.45 -1.40 -6.11
CA VAL A 8 2.65 -2.05 -7.16
C VAL A 8 3.45 -2.24 -8.46
N ARG A 9 3.08 -3.29 -9.21
CA ARG A 9 3.71 -3.58 -10.50
C ARG A 9 2.76 -3.20 -11.63
N GLY A 10 3.32 -2.76 -12.76
CA GLY A 10 2.53 -2.35 -13.93
C GLY A 10 2.20 -3.52 -14.85
N GLU A 11 2.31 -4.76 -14.33
CA GLU A 11 2.04 -5.96 -15.11
C GLU A 11 0.59 -5.98 -15.62
N THR A 12 -0.36 -5.62 -14.75
CA THR A 12 -1.78 -5.63 -15.11
C THR A 12 -2.50 -4.39 -14.56
N HIS A 13 -3.45 -3.86 -15.34
CA HIS A 13 -4.20 -2.65 -14.94
C HIS A 13 -5.05 -2.86 -13.67
N ALA A 14 -5.25 -4.13 -13.28
CA ALA A 14 -6.02 -4.47 -12.09
C ALA A 14 -5.39 -3.83 -10.85
N ALA A 15 -4.06 -3.83 -10.80
CA ALA A 15 -3.33 -3.25 -9.69
C ALA A 15 -3.60 -1.74 -9.56
N GLU A 16 -3.70 -1.06 -10.72
CA GLU A 16 -3.94 0.39 -10.77
C GLU A 16 -5.30 0.73 -10.17
N VAL A 17 -6.33 -0.05 -10.52
CA VAL A 17 -7.66 0.17 -9.96
C VAL A 17 -7.71 -0.21 -8.49
N ALA A 18 -6.88 -1.21 -8.13
CA ALA A 18 -6.73 -1.62 -6.74
C ALA A 18 -6.15 -0.46 -5.93
N LEU A 19 -5.21 0.27 -6.55
CA LEU A 19 -4.57 1.43 -5.90
C LEU A 19 -5.62 2.47 -5.58
N LYS A 20 -6.49 2.76 -6.55
CA LYS A 20 -7.58 3.69 -6.34
C LYS A 20 -8.57 3.15 -5.29
N ASN A 21 -8.78 1.82 -5.33
CA ASN A 21 -9.69 1.13 -4.42
C ASN A 21 -9.23 1.23 -2.96
N LEU A 22 -7.93 1.03 -2.72
CA LEU A 22 -7.39 1.13 -1.36
C LEU A 22 -7.18 2.58 -0.96
N HIS A 23 -6.80 3.41 -1.95
CA HIS A 23 -6.64 4.85 -1.74
C HIS A 23 -7.99 5.42 -1.31
N ASP A 24 -9.02 5.06 -2.06
CA ASP A 24 -10.38 5.50 -1.84
C ASP A 24 -10.92 5.04 -0.48
N LEU A 25 -10.72 3.76 -0.16
CA LEU A 25 -11.23 3.19 1.09
C LEU A 25 -10.60 3.86 2.32
N LEU A 26 -9.27 4.07 2.27
CA LEU A 26 -8.56 4.68 3.40
C LEU A 26 -8.72 6.21 3.44
N SER A 27 -8.94 6.83 2.27
CA SER A 27 -9.15 8.27 2.21
C SER A 27 -10.42 8.63 2.96
N SER A 28 -11.47 7.84 2.74
CA SER A 28 -12.74 8.06 3.41
C SER A 28 -12.66 7.70 4.89
N ALA A 29 -11.90 6.64 5.18
CA ALA A 29 -11.73 6.18 6.56
C ALA A 29 -11.00 7.20 7.41
N LEU A 30 -9.99 7.87 6.82
CA LEU A 30 -9.18 8.85 7.56
C LEU A 30 -9.35 10.26 7.00
N LYS A 31 -9.69 11.21 7.88
CA LYS A 31 -9.85 12.61 7.49
C LYS A 31 -8.60 13.46 7.83
N VAL A 32 -7.70 12.90 8.66
CA VAL A 32 -6.46 13.60 9.06
C VAL A 32 -5.49 13.69 7.86
N PRO A 33 -4.62 14.73 7.78
CA PRO A 33 -3.66 14.88 6.63
C PRO A 33 -2.72 13.68 6.47
N TYR A 34 -2.52 13.25 5.20
CA TYR A 34 -1.62 12.15 4.88
C TYR A 34 -1.20 12.22 3.40
N THR A 35 -0.16 11.48 3.03
CA THR A 35 0.29 11.45 1.63
C THR A 35 0.47 10.02 1.13
N LEU A 36 0.22 9.82 -0.17
CA LEU A 36 0.40 8.50 -0.81
C LEU A 36 1.36 8.63 -1.99
N LYS A 37 2.15 7.59 -2.21
CA LYS A 37 3.12 7.58 -3.31
C LYS A 37 3.18 6.20 -3.96
N VAL A 38 3.47 6.18 -5.26
CA VAL A 38 3.55 4.93 -6.02
C VAL A 38 5.02 4.57 -6.25
N VAL A 39 5.41 3.39 -5.75
CA VAL A 39 6.79 2.91 -5.90
C VAL A 39 6.80 1.61 -6.70
N ASP A 40 7.60 1.59 -7.77
CA ASP A 40 7.69 0.41 -8.63
C ASP A 40 8.67 -0.60 -8.04
N VAL A 41 8.15 -1.78 -7.71
CA VAL A 41 8.95 -2.85 -7.11
C VAL A 41 10.04 -3.32 -8.08
N THR A 42 9.67 -3.49 -9.35
CA THR A 42 10.60 -3.99 -10.36
C THR A 42 11.70 -2.98 -10.72
N LYS A 43 11.35 -1.69 -10.72
CA LYS A 43 12.30 -0.64 -11.12
C LYS A 43 13.37 -0.39 -10.03
N GLN A 44 12.94 -0.27 -8.77
CA GLN A 44 13.88 -0.01 -7.66
C GLN A 44 14.17 -1.29 -6.82
N PRO A 45 15.33 -1.98 -7.02
CA PRO A 45 15.70 -3.18 -6.20
C PRO A 45 15.84 -2.86 -4.72
N ASP A 46 16.33 -1.66 -4.40
CA ASP A 46 16.63 -1.32 -3.00
C ASP A 46 15.37 -1.41 -2.13
N LEU A 47 14.27 -0.80 -2.58
CA LEU A 47 13.02 -0.84 -1.81
C LEU A 47 12.35 -2.22 -1.86
N ALA A 48 12.33 -2.83 -3.05
CA ALA A 48 11.69 -4.14 -3.26
C ALA A 48 12.42 -5.24 -2.48
N GLU A 49 13.75 -5.19 -2.51
CA GLU A 49 14.58 -6.19 -1.88
C GLU A 49 14.44 -6.11 -0.36
N LYS A 50 14.52 -4.88 0.17
CA LYS A 50 14.40 -4.68 1.62
C LYS A 50 13.00 -5.03 2.13
N ASP A 51 12.01 -4.88 1.24
CA ASP A 51 10.61 -5.15 1.59
C ASP A 51 10.28 -6.66 1.63
N GLN A 52 11.18 -7.50 1.08
CA GLN A 52 10.96 -8.94 1.04
C GLN A 52 9.55 -9.26 0.49
N VAL A 53 9.17 -8.52 -0.57
CA VAL A 53 7.86 -8.65 -1.18
C VAL A 53 7.75 -9.93 -2.04
N GLN A 54 6.65 -10.68 -1.86
CA GLN A 54 6.40 -11.89 -2.63
C GLN A 54 5.14 -11.73 -3.50
N ALA A 55 4.13 -11.02 -2.98
CA ALA A 55 2.88 -10.81 -3.72
C ALA A 55 2.51 -9.31 -3.77
N THR A 56 2.18 -8.85 -4.97
CA THR A 56 1.80 -7.45 -5.21
C THR A 56 0.29 -7.19 -4.99
N PRO A 57 -0.12 -6.04 -4.45
CA PRO A 57 0.72 -4.90 -3.94
C PRO A 57 1.00 -5.07 -2.45
N THR A 58 1.81 -4.19 -1.87
CA THR A 58 2.04 -4.20 -0.42
C THR A 58 1.72 -2.85 0.16
N LEU A 59 1.07 -2.84 1.32
CA LEU A 59 0.72 -1.60 2.00
C LEU A 59 1.74 -1.32 3.07
N VAL A 60 2.56 -0.30 2.85
CA VAL A 60 3.60 0.07 3.80
C VAL A 60 3.28 1.43 4.44
N ARG A 61 3.09 1.42 5.75
CA ARG A 61 2.81 2.62 6.49
C ARG A 61 4.10 3.25 6.97
N VAL A 62 4.41 4.41 6.41
CA VAL A 62 5.62 5.17 6.72
C VAL A 62 5.40 6.07 7.94
N TYR A 63 6.50 6.37 8.63
CA TYR A 63 6.48 7.19 9.83
C TYR A 63 5.84 8.58 9.59
N PRO A 64 5.41 9.34 10.63
CA PRO A 64 5.54 8.98 12.12
C PRO A 64 4.89 7.64 12.49
N GLN A 65 5.37 7.08 13.60
CA GLN A 65 4.92 5.77 14.09
C GLN A 65 3.41 5.79 14.47
N PRO A 66 2.73 4.62 14.52
CA PRO A 66 3.30 3.24 14.22
C PRO A 66 3.40 2.94 12.72
N VAL A 67 4.48 2.23 12.34
CA VAL A 67 4.69 1.80 10.95
C VAL A 67 4.18 0.36 10.75
N ARG A 68 3.89 -0.01 9.49
CA ARG A 68 3.38 -1.37 9.19
C ARG A 68 3.74 -1.81 7.77
N ARG A 69 4.00 -3.12 7.61
CA ARG A 69 4.28 -3.70 6.28
C ARG A 69 3.32 -4.87 6.02
N LEU A 70 2.53 -4.75 4.95
CA LEU A 70 1.57 -5.80 4.57
C LEU A 70 1.79 -6.22 3.12
N VAL A 71 1.99 -7.53 2.91
CA VAL A 71 2.26 -8.05 1.58
C VAL A 71 1.30 -9.20 1.22
N GLY A 72 0.72 -9.10 0.02
CA GLY A 72 -0.19 -10.12 -0.47
C GLY A 72 -0.87 -9.65 -1.74
N GLN A 73 -1.63 -10.55 -2.37
CA GLN A 73 -2.37 -10.20 -3.57
C GLN A 73 -3.57 -9.36 -3.17
N LEU A 74 -3.62 -8.11 -3.65
CA LEU A 74 -4.76 -7.22 -3.23
C LEU A 74 -5.89 -7.19 -4.27
N ASP A 75 -6.78 -8.18 -4.15
CA ASP A 75 -7.95 -8.28 -5.03
C ASP A 75 -9.27 -8.17 -4.24
N HIS A 76 -9.19 -8.23 -2.88
CA HIS A 76 -10.39 -8.12 -2.03
C HIS A 76 -10.16 -7.20 -0.83
N ARG A 77 -11.26 -6.67 -0.29
CA ARG A 77 -11.23 -5.71 0.82
C ARG A 77 -11.05 -6.35 2.20
N TYR A 78 -11.25 -7.68 2.30
CA TYR A 78 -11.21 -8.37 3.61
C TYR A 78 -9.85 -8.14 4.32
N ARG A 79 -8.74 -8.33 3.58
CA ARG A 79 -7.40 -8.14 4.15
C ARG A 79 -7.22 -6.70 4.64
N LEU A 80 -7.72 -5.75 3.84
CA LEU A 80 -7.68 -4.34 4.20
C LEU A 80 -8.54 -4.09 5.44
N GLN A 81 -9.68 -4.79 5.53
CA GLN A 81 -10.62 -4.61 6.62
C GLN A 81 -9.95 -4.86 7.97
N HIS A 82 -9.19 -5.98 8.09
CA HIS A 82 -8.48 -6.25 9.37
C HIS A 82 -7.31 -5.26 9.56
N LEU A 83 -6.77 -4.77 8.43
CA LEU A 83 -5.65 -3.85 8.44
C LEU A 83 -6.01 -2.54 9.14
N LEU A 84 -7.23 -2.05 8.91
CA LEU A 84 -7.70 -0.79 9.52
C LEU A 84 -7.91 -0.94 11.04
N SER A 85 -7.99 -2.18 11.53
CA SER A 85 -8.22 -2.43 12.96
C SER A 85 -7.03 -1.92 13.81
N PRO A 86 -7.27 -1.47 15.07
CA PRO A 86 -6.17 -0.96 15.95
C PRO A 86 -4.94 -1.85 15.91
N MET A 1 -0.50 13.58 11.73
CA MET A 1 -0.07 13.35 10.32
C MET A 1 0.60 11.98 10.23
N TYR A 2 0.32 11.27 9.13
CA TYR A 2 0.89 9.94 8.89
C TYR A 2 1.51 9.86 7.50
N VAL A 3 2.56 9.03 7.36
CA VAL A 3 3.20 8.85 6.06
C VAL A 3 2.80 7.49 5.52
N PHE A 4 2.33 7.43 4.27
CA PHE A 4 1.82 6.18 3.69
C PHE A 4 2.62 5.78 2.46
N ARG A 5 3.09 4.52 2.46
CA ARG A 5 3.88 4.00 1.33
C ARG A 5 3.22 2.72 0.78
N LEU A 6 3.02 2.68 -0.55
CA LEU A 6 2.36 1.53 -1.20
C LEU A 6 3.04 1.16 -2.54
N TYR A 7 3.27 -0.15 -2.71
CA TYR A 7 3.94 -0.67 -3.91
C TYR A 7 2.93 -1.30 -4.87
N VAL A 8 3.13 -1.04 -6.17
CA VAL A 8 2.23 -1.57 -7.22
C VAL A 8 3.03 -2.23 -8.36
N ARG A 9 2.33 -3.07 -9.14
CA ARG A 9 2.93 -3.75 -10.28
C ARG A 9 2.47 -3.06 -11.58
N GLY A 10 3.43 -2.52 -12.35
CA GLY A 10 3.11 -1.78 -13.59
C GLY A 10 2.91 -2.71 -14.81
N GLU A 11 2.94 -4.01 -14.58
CA GLU A 11 2.76 -5.00 -15.64
C GLU A 11 1.37 -4.86 -16.27
N THR A 12 0.36 -4.62 -15.42
CA THR A 12 -1.03 -4.50 -15.89
C THR A 12 -1.70 -3.23 -15.38
N HIS A 13 -2.79 -2.85 -16.05
CA HIS A 13 -3.57 -1.65 -15.69
C HIS A 13 -4.33 -1.84 -14.36
N ALA A 14 -4.56 -3.11 -13.98
CA ALA A 14 -5.33 -3.44 -12.78
C ALA A 14 -4.69 -2.84 -11.53
N ALA A 15 -3.36 -2.87 -11.48
CA ALA A 15 -2.62 -2.34 -10.33
C ALA A 15 -2.91 -0.85 -10.14
N GLU A 16 -3.00 -0.11 -11.26
CA GLU A 16 -3.30 1.32 -11.23
C GLU A 16 -4.69 1.57 -10.68
N VAL A 17 -5.64 0.72 -11.11
CA VAL A 17 -7.02 0.80 -10.63
C VAL A 17 -7.03 0.50 -9.12
N ALA A 18 -6.27 -0.53 -8.74
CA ALA A 18 -6.14 -0.92 -7.34
C ALA A 18 -5.55 0.22 -6.54
N LEU A 19 -4.56 0.92 -7.11
CA LEU A 19 -3.92 2.04 -6.42
C LEU A 19 -4.97 3.08 -6.06
N LYS A 20 -5.85 3.36 -7.02
CA LYS A 20 -6.97 4.25 -6.80
C LYS A 20 -7.86 3.69 -5.68
N ASN A 21 -8.04 2.35 -5.68
CA ASN A 21 -8.86 1.67 -4.68
C ASN A 21 -8.29 1.81 -3.27
N LEU A 22 -6.96 1.59 -3.12
CA LEU A 22 -6.31 1.73 -1.81
C LEU A 22 -6.33 3.19 -1.39
N HIS A 23 -6.07 4.07 -2.35
CA HIS A 23 -6.06 5.50 -2.09
C HIS A 23 -7.44 5.95 -1.63
N ASP A 24 -8.44 5.49 -2.37
CA ASP A 24 -9.84 5.79 -2.10
C ASP A 24 -10.30 5.25 -0.74
N LEU A 25 -10.01 3.97 -0.49
CA LEU A 25 -10.40 3.31 0.77
C LEU A 25 -9.68 3.95 1.96
N LEU A 26 -8.39 4.26 1.78
CA LEU A 26 -7.58 4.88 2.84
C LEU A 26 -8.08 6.28 3.19
N SER A 27 -8.47 7.05 2.17
CA SER A 27 -8.94 8.43 2.38
C SER A 27 -10.28 8.45 3.11
N SER A 28 -11.16 7.52 2.73
CA SER A 28 -12.48 7.44 3.34
C SER A 28 -12.40 6.94 4.78
N ALA A 29 -11.52 5.97 5.00
CA ALA A 29 -11.34 5.37 6.32
C ALA A 29 -10.77 6.37 7.32
N LEU A 30 -9.85 7.23 6.86
CA LEU A 30 -9.18 8.20 7.74
C LEU A 30 -9.47 9.64 7.31
N LYS A 31 -10.11 10.40 8.22
CA LYS A 31 -10.39 11.82 7.99
C LYS A 31 -9.08 12.60 7.84
N VAL A 32 -8.11 12.29 8.72
CA VAL A 32 -6.81 12.98 8.72
C VAL A 32 -6.08 12.78 7.36
N PRO A 33 -5.48 13.85 6.77
CA PRO A 33 -4.75 13.72 5.47
C PRO A 33 -3.44 12.96 5.60
N TYR A 34 -3.00 12.36 4.50
CA TYR A 34 -1.76 11.57 4.47
C TYR A 34 -1.11 11.62 3.09
N THR A 35 0.19 11.28 3.04
CA THR A 35 0.93 11.28 1.77
C THR A 35 1.11 9.85 1.28
N LEU A 36 0.65 9.59 0.06
CA LEU A 36 0.73 8.27 -0.55
C LEU A 36 1.86 8.22 -1.56
N LYS A 37 2.74 7.21 -1.42
CA LYS A 37 3.89 7.05 -2.32
C LYS A 37 3.55 6.08 -3.44
N VAL A 38 3.94 6.45 -4.66
CA VAL A 38 3.72 5.58 -5.82
C VAL A 38 5.06 4.96 -6.21
N VAL A 39 5.22 3.68 -5.87
CA VAL A 39 6.46 2.96 -6.15
C VAL A 39 6.16 1.64 -6.86
N ASP A 40 6.87 1.39 -7.96
CA ASP A 40 6.72 0.16 -8.72
C ASP A 40 7.73 -0.88 -8.26
N VAL A 41 7.22 -1.95 -7.63
CA VAL A 41 8.06 -3.00 -7.06
C VAL A 41 8.89 -3.74 -8.13
N THR A 42 8.29 -3.94 -9.30
CA THR A 42 8.95 -4.69 -10.39
C THR A 42 10.04 -3.89 -11.11
N LYS A 43 10.11 -2.57 -10.85
CA LYS A 43 11.08 -1.71 -11.54
C LYS A 43 12.25 -1.26 -10.64
N GLN A 44 11.97 -0.84 -9.39
CA GLN A 44 13.06 -0.37 -8.48
C GLN A 44 13.48 -1.50 -7.48
N PRO A 45 14.63 -2.17 -7.68
CA PRO A 45 15.12 -3.25 -6.74
C PRO A 45 15.37 -2.77 -5.32
N ASP A 46 15.82 -1.52 -5.17
CA ASP A 46 16.23 -1.02 -3.85
C ASP A 46 15.09 -1.10 -2.83
N LEU A 47 13.92 -0.57 -3.20
CA LEU A 47 12.76 -0.62 -2.30
C LEU A 47 12.14 -2.03 -2.26
N ALA A 48 12.04 -2.66 -3.43
CA ALA A 48 11.41 -4.00 -3.54
C ALA A 48 12.20 -5.05 -2.76
N GLU A 49 13.53 -5.00 -2.86
CA GLU A 49 14.41 -5.96 -2.21
C GLU A 49 14.40 -5.75 -0.71
N LYS A 50 14.53 -4.48 -0.30
CA LYS A 50 14.55 -4.13 1.11
C LYS A 50 13.23 -4.48 1.79
N ASP A 51 12.14 -4.28 1.05
CA ASP A 51 10.79 -4.54 1.59
C ASP A 51 10.42 -6.04 1.58
N GLN A 52 11.24 -6.87 0.89
CA GLN A 52 10.99 -8.33 0.84
C GLN A 52 9.57 -8.61 0.32
N VAL A 53 9.19 -7.91 -0.75
CA VAL A 53 7.87 -8.08 -1.36
C VAL A 53 7.83 -9.31 -2.27
N GLN A 54 6.85 -10.19 -2.02
CA GLN A 54 6.65 -11.41 -2.80
C GLN A 54 5.36 -11.32 -3.63
N ALA A 55 4.26 -10.94 -2.96
CA ALA A 55 2.96 -10.80 -3.62
C ALA A 55 2.49 -9.34 -3.58
N THR A 56 2.06 -8.82 -4.75
CA THR A 56 1.64 -7.42 -4.85
C THR A 56 0.12 -7.21 -4.54
N PRO A 57 -0.28 -6.01 -4.08
CA PRO A 57 0.61 -4.83 -3.75
C PRO A 57 1.15 -4.99 -2.33
N THR A 58 2.03 -4.09 -1.93
CA THR A 58 2.56 -4.11 -0.55
C THR A 58 2.08 -2.88 0.19
N LEU A 59 1.31 -3.11 1.26
CA LEU A 59 0.76 -2.01 2.06
C LEU A 59 1.69 -1.67 3.18
N VAL A 60 2.30 -0.48 3.09
CA VAL A 60 3.30 -0.06 4.09
C VAL A 60 2.86 1.26 4.75
N ARG A 61 2.75 1.22 6.07
CA ARG A 61 2.41 2.41 6.85
C ARG A 61 3.68 3.02 7.40
N VAL A 62 4.00 4.22 6.93
CA VAL A 62 5.23 4.93 7.30
C VAL A 62 5.00 5.89 8.49
N TYR A 63 6.07 6.06 9.25
CA TYR A 63 6.07 6.88 10.46
C TYR A 63 5.38 8.26 10.23
N PRO A 64 4.88 8.94 11.29
CA PRO A 64 4.94 8.48 12.76
C PRO A 64 4.14 7.20 13.02
N GLN A 65 4.38 6.62 14.20
CA GLN A 65 3.79 5.33 14.57
C GLN A 65 2.24 5.37 14.53
N PRO A 66 1.55 4.21 14.38
CA PRO A 66 2.19 2.83 14.22
C PRO A 66 2.68 2.54 12.80
N VAL A 67 3.85 1.87 12.72
CA VAL A 67 4.42 1.43 11.43
C VAL A 67 3.99 -0.02 11.16
N ARG A 68 3.66 -0.34 9.90
CA ARG A 68 3.19 -1.71 9.56
C ARG A 68 3.46 -2.07 8.10
N ARG A 69 3.87 -3.33 7.87
CA ARG A 69 4.11 -3.83 6.51
C ARG A 69 3.21 -5.04 6.23
N LEU A 70 2.47 -4.99 5.12
CA LEU A 70 1.59 -6.09 4.71
C LEU A 70 1.88 -6.48 3.27
N VAL A 71 2.28 -7.73 3.07
CA VAL A 71 2.63 -8.23 1.72
C VAL A 71 1.73 -9.41 1.35
N GLY A 72 1.01 -9.27 0.23
CA GLY A 72 0.15 -10.37 -0.26
C GLY A 72 -0.61 -9.97 -1.52
N GLN A 73 -1.29 -10.95 -2.12
CA GLN A 73 -2.11 -10.71 -3.30
C GLN A 73 -3.42 -10.10 -2.88
N LEU A 74 -3.71 -8.87 -3.35
CA LEU A 74 -4.98 -8.20 -2.93
C LEU A 74 -6.21 -8.86 -3.56
N ASP A 75 -6.59 -10.00 -3.00
CA ASP A 75 -7.80 -10.72 -3.43
C ASP A 75 -8.83 -10.83 -2.29
N HIS A 76 -8.53 -10.19 -1.13
CA HIS A 76 -9.42 -10.25 0.04
C HIS A 76 -9.61 -8.87 0.66
N ARG A 77 -10.87 -8.49 0.92
CA ARG A 77 -11.17 -7.26 1.65
C ARG A 77 -11.03 -7.45 3.16
N TYR A 78 -11.05 -8.72 3.61
CA TYR A 78 -10.91 -9.01 5.03
C TYR A 78 -9.58 -8.49 5.56
N ARG A 79 -8.51 -8.68 4.77
CA ARG A 79 -7.18 -8.20 5.16
C ARG A 79 -7.14 -6.67 5.24
N LEU A 80 -7.74 -6.01 4.24
CA LEU A 80 -7.79 -4.54 4.19
C LEU A 80 -8.67 -3.98 5.29
N GLN A 81 -9.79 -4.66 5.57
CA GLN A 81 -10.76 -4.20 6.56
C GLN A 81 -10.17 -4.11 7.97
N HIS A 82 -9.43 -5.15 8.42
CA HIS A 82 -8.79 -5.06 9.75
C HIS A 82 -7.57 -4.13 9.73
N LEU A 83 -6.94 -4.01 8.54
CA LEU A 83 -5.79 -3.13 8.35
C LEU A 83 -6.19 -1.67 8.59
N LEU A 84 -7.37 -1.30 8.08
CA LEU A 84 -7.88 0.07 8.22
C LEU A 84 -8.27 0.40 9.66
N SER A 85 -8.59 -0.64 10.45
CA SER A 85 -9.00 -0.46 11.85
C SER A 85 -7.83 0.11 12.69
N PRO A 86 -8.11 0.92 13.75
CA PRO A 86 -7.03 1.51 14.62
C PRO A 86 -6.03 0.45 15.06
N MET A 1 4.58 14.70 10.38
CA MET A 1 5.36 13.71 9.60
C MET A 1 4.49 12.48 9.33
N TYR A 2 3.87 12.46 8.14
CA TYR A 2 3.01 11.34 7.74
C TYR A 2 3.20 10.99 6.27
N VAL A 3 3.42 9.70 5.99
CA VAL A 3 3.63 9.25 4.59
C VAL A 3 3.02 7.85 4.38
N PHE A 4 2.37 7.65 3.22
CA PHE A 4 1.82 6.32 2.86
C PHE A 4 2.53 5.82 1.61
N ARG A 5 2.60 4.48 1.45
CA ARG A 5 3.32 3.89 0.31
C ARG A 5 2.62 2.62 -0.20
N LEU A 6 2.59 2.48 -1.53
CA LEU A 6 1.99 1.30 -2.17
C LEU A 6 2.92 0.76 -3.26
N TYR A 7 3.14 -0.56 -3.24
CA TYR A 7 4.04 -1.21 -4.20
C TYR A 7 3.26 -1.92 -5.29
N VAL A 8 3.71 -1.71 -6.54
CA VAL A 8 3.07 -2.31 -7.72
C VAL A 8 4.14 -2.72 -8.76
N ARG A 9 3.87 -3.82 -9.48
CA ARG A 9 4.78 -4.31 -10.53
C ARG A 9 4.15 -4.15 -11.91
N GLY A 10 4.86 -3.46 -12.81
CA GLY A 10 4.38 -3.26 -14.19
C GLY A 10 3.34 -2.12 -14.32
N GLU A 11 3.03 -1.46 -13.19
CA GLU A 11 2.07 -0.35 -13.17
C GLU A 11 0.65 -0.84 -13.56
N THR A 12 0.41 -1.04 -14.87
CA THR A 12 -0.89 -1.50 -15.43
C THR A 12 -2.11 -0.71 -14.90
N HIS A 13 -3.19 -0.74 -15.70
CA HIS A 13 -4.42 0.00 -15.37
C HIS A 13 -5.12 -0.55 -14.13
N ALA A 14 -5.13 -1.88 -14.00
CA ALA A 14 -5.82 -2.54 -12.87
C ALA A 14 -5.25 -2.12 -11.54
N ALA A 15 -3.92 -2.02 -11.47
CA ALA A 15 -3.23 -1.61 -10.25
C ALA A 15 -3.62 -0.20 -9.85
N GLU A 16 -3.76 0.69 -10.85
CA GLU A 16 -4.12 2.09 -10.60
C GLU A 16 -5.50 2.18 -9.96
N VAL A 17 -6.43 1.36 -10.46
CA VAL A 17 -7.79 1.32 -9.90
C VAL A 17 -7.71 0.86 -8.44
N ALA A 18 -6.90 -0.18 -8.20
CA ALA A 18 -6.69 -0.71 -6.86
C ALA A 18 -6.05 0.34 -5.98
N LEU A 19 -5.10 1.11 -6.55
CA LEU A 19 -4.42 2.17 -5.81
C LEU A 19 -5.44 3.22 -5.38
N LYS A 20 -6.33 3.58 -6.29
CA LYS A 20 -7.39 4.54 -6.01
C LYS A 20 -8.32 3.96 -4.92
N ASN A 21 -8.59 2.65 -5.01
CA ASN A 21 -9.44 1.97 -4.04
C ASN A 21 -8.80 1.95 -2.66
N LEU A 22 -7.47 1.71 -2.63
CA LEU A 22 -6.71 1.69 -1.37
C LEU A 22 -6.68 3.09 -0.79
N HIS A 23 -6.44 4.07 -1.66
CA HIS A 23 -6.41 5.47 -1.26
C HIS A 23 -7.78 5.88 -0.72
N ASP A 24 -8.82 5.46 -1.44
CA ASP A 24 -10.20 5.74 -1.10
C ASP A 24 -10.59 5.12 0.24
N LEU A 25 -10.27 3.83 0.41
CA LEU A 25 -10.59 3.11 1.66
C LEU A 25 -9.84 3.72 2.84
N LEU A 26 -8.56 4.05 2.61
CA LEU A 26 -7.73 4.68 3.64
C LEU A 26 -8.25 6.08 3.98
N SER A 27 -8.66 6.81 2.94
CA SER A 27 -9.21 8.16 3.09
C SER A 27 -10.48 8.11 3.93
N SER A 28 -11.32 7.11 3.66
CA SER A 28 -12.57 6.96 4.37
C SER A 28 -12.32 6.77 5.86
N ALA A 29 -11.31 5.98 6.19
CA ALA A 29 -10.96 5.73 7.59
C ALA A 29 -10.49 7.02 8.27
N LEU A 30 -9.72 7.84 7.54
CA LEU A 30 -9.19 9.10 8.10
C LEU A 30 -9.59 10.32 7.26
N LYS A 31 -10.36 11.23 7.86
CA LYS A 31 -10.81 12.46 7.20
C LYS A 31 -9.65 13.41 6.91
N VAL A 32 -8.63 13.39 7.78
CA VAL A 32 -7.48 14.29 7.66
C VAL A 32 -6.68 14.04 6.34
N PRO A 33 -5.87 15.02 5.87
CA PRO A 33 -5.11 14.89 4.59
C PRO A 33 -4.33 13.59 4.51
N TYR A 34 -4.32 12.98 3.32
CA TYR A 34 -3.67 11.68 3.12
C TYR A 34 -2.73 11.75 1.90
N THR A 35 -1.49 11.24 2.06
CA THR A 35 -0.52 11.22 0.97
C THR A 35 -0.07 9.79 0.63
N LEU A 36 -0.10 9.46 -0.66
CA LEU A 36 0.29 8.13 -1.14
C LEU A 36 1.57 8.19 -1.97
N LYS A 37 2.53 7.32 -1.63
CA LYS A 37 3.82 7.25 -2.31
C LYS A 37 3.82 6.07 -3.31
N VAL A 38 4.23 6.36 -4.55
CA VAL A 38 4.31 5.32 -5.59
C VAL A 38 5.76 4.90 -5.81
N VAL A 39 6.00 3.58 -5.73
CA VAL A 39 7.35 3.03 -5.86
C VAL A 39 7.37 1.89 -6.89
N ASP A 40 8.33 1.95 -7.82
CA ASP A 40 8.50 0.90 -8.82
C ASP A 40 9.34 -0.25 -8.27
N VAL A 41 8.68 -1.36 -7.98
CA VAL A 41 9.33 -2.53 -7.39
C VAL A 41 10.38 -3.12 -8.36
N THR A 42 10.02 -3.23 -9.63
CA THR A 42 10.89 -3.83 -10.64
C THR A 42 12.11 -2.95 -10.96
N LYS A 43 11.90 -1.63 -10.97
CA LYS A 43 12.98 -0.70 -11.33
C LYS A 43 14.01 -0.55 -10.20
N GLN A 44 13.53 -0.40 -8.94
CA GLN A 44 14.44 -0.22 -7.79
C GLN A 44 14.58 -1.53 -6.96
N PRO A 45 15.69 -2.30 -7.11
CA PRO A 45 15.94 -3.52 -6.27
C PRO A 45 16.05 -3.19 -4.78
N ASP A 46 16.54 -1.99 -4.47
CA ASP A 46 16.80 -1.61 -3.07
C ASP A 46 15.52 -1.67 -2.23
N LEU A 47 14.47 -1.02 -2.72
CA LEU A 47 13.18 -1.00 -2.00
C LEU A 47 12.48 -2.36 -2.12
N ALA A 48 12.46 -2.91 -3.34
CA ALA A 48 11.77 -4.19 -3.59
C ALA A 48 12.37 -5.35 -2.80
N GLU A 49 13.70 -5.40 -2.76
CA GLU A 49 14.42 -6.47 -2.08
C GLU A 49 14.25 -6.35 -0.57
N LYS A 50 14.38 -5.12 -0.07
CA LYS A 50 14.26 -4.86 1.36
C LYS A 50 12.83 -5.11 1.86
N ASP A 51 11.85 -4.99 0.95
CA ASP A 51 10.44 -5.19 1.33
C ASP A 51 10.10 -6.69 1.56
N GLN A 52 10.98 -7.59 1.08
CA GLN A 52 10.79 -9.04 1.28
C GLN A 52 9.33 -9.47 0.98
N VAL A 53 8.78 -8.97 -0.13
CA VAL A 53 7.39 -9.26 -0.51
C VAL A 53 7.28 -10.44 -1.47
N GLN A 54 6.15 -11.16 -1.38
CA GLN A 54 5.90 -12.33 -2.24
C GLN A 54 4.64 -12.14 -3.09
N ALA A 55 3.64 -11.41 -2.55
CA ALA A 55 2.36 -11.20 -3.25
C ALA A 55 2.10 -9.72 -3.52
N THR A 56 1.72 -9.40 -4.77
CA THR A 56 1.45 -8.02 -5.18
C THR A 56 -0.04 -7.59 -4.95
N PRO A 57 -0.31 -6.33 -4.52
CA PRO A 57 0.69 -5.25 -4.18
C PRO A 57 1.12 -5.35 -2.72
N THR A 58 2.07 -4.53 -2.32
CA THR A 58 2.52 -4.49 -0.91
C THR A 58 2.17 -3.15 -0.30
N LEU A 59 1.46 -3.18 0.83
CA LEU A 59 1.06 -1.98 1.52
C LEU A 59 1.99 -1.66 2.67
N VAL A 60 2.70 -0.55 2.54
CA VAL A 60 3.62 -0.06 3.56
C VAL A 60 3.18 1.33 3.98
N ARG A 61 3.02 1.53 5.30
CA ARG A 61 2.53 2.82 5.81
C ARG A 61 3.49 3.49 6.78
N VAL A 62 3.53 4.81 6.72
CA VAL A 62 4.30 5.64 7.65
C VAL A 62 3.37 6.69 8.31
N TYR A 63 2.06 6.36 8.36
CA TYR A 63 1.06 7.21 9.00
C TYR A 63 -0.06 6.34 9.69
N PRO A 64 -0.15 6.26 11.03
CA PRO A 64 0.80 6.90 12.03
C PRO A 64 2.01 5.99 12.28
N GLN A 65 3.09 6.57 12.83
CA GLN A 65 4.29 5.79 13.15
C GLN A 65 4.01 4.85 14.37
N PRO A 66 4.74 3.72 14.52
CA PRO A 66 5.84 3.26 13.60
C PRO A 66 5.31 2.73 12.27
N VAL A 67 6.23 2.49 11.33
CA VAL A 67 5.88 2.02 9.98
C VAL A 67 5.38 0.55 10.03
N ARG A 68 4.24 0.28 9.35
CA ARG A 68 3.69 -1.08 9.29
C ARG A 68 3.81 -1.65 7.88
N ARG A 69 4.32 -2.89 7.78
CA ARG A 69 4.49 -3.56 6.49
C ARG A 69 3.47 -4.70 6.33
N LEU A 70 2.67 -4.63 5.26
CA LEU A 70 1.68 -5.66 4.96
C LEU A 70 1.80 -6.08 3.50
N VAL A 71 2.00 -7.39 3.27
CA VAL A 71 2.16 -7.91 1.93
C VAL A 71 1.16 -9.04 1.66
N GLY A 72 0.43 -8.95 0.54
CA GLY A 72 -0.53 -9.97 0.16
C GLY A 72 -1.15 -9.67 -1.19
N GLN A 73 -1.76 -10.68 -1.79
CA GLN A 73 -2.46 -10.51 -3.06
C GLN A 73 -3.73 -9.74 -2.82
N LEU A 74 -3.98 -8.69 -3.62
CA LEU A 74 -5.19 -7.84 -3.41
C LEU A 74 -6.51 -8.54 -3.84
N ASP A 75 -6.65 -9.83 -3.52
CA ASP A 75 -7.90 -10.56 -3.79
C ASP A 75 -8.74 -10.74 -2.51
N HIS A 76 -8.26 -10.17 -1.37
CA HIS A 76 -8.97 -10.31 -0.08
C HIS A 76 -9.22 -8.94 0.57
N ARG A 77 -10.49 -8.60 0.77
CA ARG A 77 -10.86 -7.38 1.50
C ARG A 77 -10.76 -7.59 3.02
N TYR A 78 -10.74 -8.87 3.46
CA TYR A 78 -10.68 -9.19 4.89
C TYR A 78 -9.37 -8.67 5.51
N ARG A 79 -8.24 -8.91 4.81
CA ARG A 79 -6.94 -8.43 5.28
C ARG A 79 -6.92 -6.90 5.32
N LEU A 80 -7.51 -6.30 4.29
CA LEU A 80 -7.63 -4.86 4.19
C LEU A 80 -8.55 -4.33 5.32
N GLN A 81 -9.58 -5.11 5.66
CA GLN A 81 -10.56 -4.70 6.67
C GLN A 81 -9.90 -4.44 8.02
N HIS A 82 -9.05 -5.37 8.49
CA HIS A 82 -8.36 -5.14 9.78
C HIS A 82 -7.31 -4.02 9.64
N LEU A 83 -6.73 -3.92 8.43
CA LEU A 83 -5.75 -2.89 8.12
C LEU A 83 -6.37 -1.50 8.24
N LEU A 84 -7.60 -1.36 7.72
CA LEU A 84 -8.33 -0.09 7.76
C LEU A 84 -8.78 0.26 9.19
N SER A 85 -8.96 -0.77 10.03
CA SER A 85 -9.42 -0.58 11.41
C SER A 85 -8.44 0.31 12.21
N PRO A 86 -8.94 1.31 13.00
CA PRO A 86 -8.04 2.22 13.80
C PRO A 86 -7.45 1.51 15.01
N MET A 1 0.40 14.35 9.85
CA MET A 1 1.87 14.22 10.06
C MET A 1 2.28 12.75 9.99
N TYR A 2 1.77 12.05 8.97
CA TYR A 2 2.05 10.63 8.76
C TYR A 2 2.53 10.38 7.34
N VAL A 3 3.36 9.34 7.16
CA VAL A 3 3.89 9.00 5.84
C VAL A 3 3.31 7.65 5.41
N PHE A 4 2.76 7.60 4.19
CA PHE A 4 2.12 6.37 3.69
C PHE A 4 2.81 5.90 2.41
N ARG A 5 3.07 4.60 2.33
CA ARG A 5 3.75 4.02 1.17
C ARG A 5 2.96 2.82 0.61
N LEU A 6 2.77 2.81 -0.71
CA LEU A 6 2.04 1.73 -1.39
C LEU A 6 2.86 1.21 -2.57
N TYR A 7 2.95 -0.12 -2.68
CA TYR A 7 3.68 -0.76 -3.78
C TYR A 7 2.69 -1.30 -4.81
N VAL A 8 2.94 -0.99 -6.08
CA VAL A 8 2.06 -1.43 -7.17
C VAL A 8 2.85 -1.77 -8.44
N ARG A 9 2.35 -2.75 -9.19
CA ARG A 9 2.98 -3.19 -10.43
C ARG A 9 2.44 -2.37 -11.61
N GLY A 10 3.30 -1.58 -12.24
CA GLY A 10 2.91 -0.75 -13.39
C GLY A 10 2.67 -1.59 -14.67
N GLU A 11 3.06 -2.87 -14.62
CA GLU A 11 2.93 -3.78 -15.78
C GLU A 11 1.48 -3.96 -16.20
N THR A 12 0.57 -4.05 -15.21
CA THR A 12 -0.86 -4.30 -15.49
C THR A 12 -1.76 -3.18 -14.98
N HIS A 13 -2.92 -3.03 -15.62
CA HIS A 13 -3.92 -2.02 -15.26
C HIS A 13 -4.57 -2.33 -13.91
N ALA A 14 -4.73 -3.62 -13.62
CA ALA A 14 -5.39 -4.07 -12.38
C ALA A 14 -4.69 -3.53 -11.14
N ALA A 15 -3.36 -3.52 -11.17
CA ALA A 15 -2.56 -3.04 -10.04
C ALA A 15 -2.90 -1.58 -9.74
N GLU A 16 -3.06 -0.78 -10.80
CA GLU A 16 -3.44 0.63 -10.67
C GLU A 16 -4.82 0.76 -10.04
N VAL A 17 -5.73 -0.12 -10.47
CA VAL A 17 -7.09 -0.14 -9.93
C VAL A 17 -7.02 -0.44 -8.44
N ALA A 18 -6.18 -1.42 -8.08
CA ALA A 18 -5.97 -1.79 -6.70
C ALA A 18 -5.39 -0.62 -5.92
N LEU A 19 -4.45 0.11 -6.55
CA LEU A 19 -3.82 1.27 -5.91
C LEU A 19 -4.87 2.33 -5.60
N LYS A 20 -5.71 2.61 -6.59
CA LYS A 20 -6.79 3.59 -6.43
C LYS A 20 -7.81 3.12 -5.40
N ASN A 21 -8.09 1.81 -5.42
CA ASN A 21 -9.06 1.21 -4.49
C ASN A 21 -8.54 1.25 -3.05
N LEU A 22 -7.24 1.00 -2.89
CA LEU A 22 -6.58 1.05 -1.58
C LEU A 22 -6.50 2.49 -1.12
N HIS A 23 -6.13 3.37 -2.06
CA HIS A 23 -6.04 4.81 -1.79
C HIS A 23 -7.40 5.34 -1.37
N ASP A 24 -8.40 4.98 -2.15
CA ASP A 24 -9.77 5.40 -1.95
C ASP A 24 -10.34 4.87 -0.62
N LEU A 25 -10.13 3.58 -0.38
CA LEU A 25 -10.65 2.93 0.83
C LEU A 25 -10.06 3.56 2.10
N LEU A 26 -8.74 3.77 2.10
CA LEU A 26 -8.05 4.34 3.26
C LEU A 26 -8.28 5.86 3.37
N SER A 27 -8.57 6.52 2.23
CA SER A 27 -8.88 7.96 2.24
C SER A 27 -10.14 8.20 3.05
N SER A 28 -11.14 7.35 2.82
CA SER A 28 -12.41 7.45 3.53
C SER A 28 -12.23 7.09 5.00
N ALA A 29 -11.40 6.08 5.27
CA ALA A 29 -11.12 5.65 6.63
C ALA A 29 -10.40 6.73 7.42
N LEU A 30 -9.48 7.44 6.75
CA LEU A 30 -8.69 8.49 7.41
C LEU A 30 -9.28 9.88 7.16
N LYS A 31 -9.48 10.62 8.25
CA LYS A 31 -10.02 11.99 8.17
C LYS A 31 -8.90 13.06 8.25
N VAL A 32 -7.64 12.62 8.40
CA VAL A 32 -6.49 13.54 8.51
C VAL A 32 -5.62 13.49 7.21
N PRO A 33 -5.14 14.65 6.70
CA PRO A 33 -4.29 14.69 5.44
C PRO A 33 -3.05 13.78 5.57
N TYR A 34 -2.68 13.15 4.45
CA TYR A 34 -1.54 12.24 4.42
C TYR A 34 -0.94 12.19 3.00
N THR A 35 0.25 11.59 2.88
CA THR A 35 0.91 11.44 1.56
C THR A 35 1.08 9.97 1.21
N LEU A 36 0.96 9.66 -0.09
CA LEU A 36 1.11 8.29 -0.59
C LEU A 36 2.09 8.26 -1.76
N LYS A 37 3.07 7.35 -1.69
CA LYS A 37 4.10 7.24 -2.74
C LYS A 37 3.75 6.17 -3.75
N VAL A 38 4.08 6.44 -5.01
CA VAL A 38 3.91 5.45 -6.08
C VAL A 38 5.26 4.79 -6.32
N VAL A 39 5.36 3.50 -5.97
CA VAL A 39 6.63 2.77 -6.04
C VAL A 39 6.47 1.54 -6.94
N ASP A 40 7.37 1.41 -7.93
CA ASP A 40 7.33 0.29 -8.86
C ASP A 40 8.10 -0.91 -8.31
N VAL A 41 7.37 -2.01 -8.10
CA VAL A 41 7.94 -3.24 -7.56
C VAL A 41 8.98 -3.82 -8.54
N THR A 42 8.64 -3.82 -9.84
CA THR A 42 9.50 -4.40 -10.87
C THR A 42 10.65 -3.47 -11.30
N LYS A 43 10.37 -2.17 -11.39
CA LYS A 43 11.36 -1.21 -11.89
C LYS A 43 12.48 -0.92 -10.88
N GLN A 44 12.11 -0.72 -9.60
CA GLN A 44 13.12 -0.41 -8.56
C GLN A 44 13.46 -1.64 -7.67
N PRO A 45 14.60 -2.35 -7.90
CA PRO A 45 15.04 -3.48 -7.00
C PRO A 45 15.32 -3.00 -5.59
N ASP A 46 15.81 -1.76 -5.46
CA ASP A 46 16.21 -1.24 -4.15
C ASP A 46 15.04 -1.26 -3.16
N LEU A 47 13.91 -0.64 -3.53
CA LEU A 47 12.74 -0.61 -2.65
C LEU A 47 12.07 -1.99 -2.53
N ALA A 48 11.95 -2.70 -3.67
CA ALA A 48 11.28 -4.02 -3.70
C ALA A 48 12.05 -5.08 -2.90
N GLU A 49 13.38 -5.11 -3.08
CA GLU A 49 14.23 -6.08 -2.43
C GLU A 49 14.32 -5.80 -0.94
N LYS A 50 14.52 -4.52 -0.62
CA LYS A 50 14.64 -4.08 0.76
C LYS A 50 13.32 -4.30 1.49
N ASP A 51 12.22 -4.07 0.78
CA ASP A 51 10.87 -4.22 1.35
C ASP A 51 10.48 -5.71 1.51
N GLN A 52 11.24 -6.62 0.87
CA GLN A 52 10.95 -8.06 0.94
C GLN A 52 9.51 -8.33 0.48
N VAL A 53 9.24 -7.99 -0.80
CA VAL A 53 7.90 -8.16 -1.37
C VAL A 53 7.77 -9.51 -2.11
N GLN A 54 6.77 -10.30 -1.69
CA GLN A 54 6.53 -11.63 -2.31
C GLN A 54 5.38 -11.56 -3.30
N ALA A 55 4.30 -10.87 -2.92
CA ALA A 55 3.13 -10.71 -3.79
C ALA A 55 2.54 -9.31 -3.65
N THR A 56 2.25 -8.69 -4.80
CA THR A 56 1.74 -7.32 -4.85
C THR A 56 0.18 -7.23 -4.75
N PRO A 57 -0.37 -6.05 -4.38
CA PRO A 57 0.39 -4.81 -3.93
C PRO A 57 0.85 -4.98 -2.49
N THR A 58 1.72 -4.07 -2.01
CA THR A 58 2.16 -4.10 -0.61
C THR A 58 1.87 -2.76 0.04
N LEU A 59 1.13 -2.81 1.15
CA LEU A 59 0.76 -1.59 1.87
C LEU A 59 1.67 -1.39 3.07
N VAL A 60 2.47 -0.32 3.02
CA VAL A 60 3.37 0.00 4.12
C VAL A 60 3.03 1.37 4.69
N ARG A 61 2.63 1.41 5.97
CA ARG A 61 2.29 2.67 6.63
C ARG A 61 3.52 3.19 7.37
N VAL A 62 4.11 4.24 6.80
CA VAL A 62 5.35 4.85 7.32
C VAL A 62 5.08 5.78 8.53
N TYR A 63 5.96 5.66 9.53
CA TYR A 63 5.88 6.39 10.81
C TYR A 63 5.45 7.87 10.63
N PRO A 64 5.02 8.59 11.71
CA PRO A 64 4.91 8.09 13.17
C PRO A 64 3.98 6.89 13.35
N GLN A 65 4.10 6.27 14.52
CA GLN A 65 3.32 5.07 14.87
C GLN A 65 1.79 5.34 14.81
N PRO A 66 0.94 4.30 14.61
CA PRO A 66 1.36 2.84 14.45
C PRO A 66 1.92 2.53 13.06
N VAL A 67 2.97 1.70 13.03
CA VAL A 67 3.63 1.31 11.77
C VAL A 67 3.01 0.00 11.24
N ARG A 68 2.68 -0.01 9.94
CA ARG A 68 2.05 -1.20 9.33
C ARG A 68 2.78 -1.67 8.08
N ARG A 69 2.74 -3.00 7.86
CA ARG A 69 3.31 -3.60 6.66
C ARG A 69 2.49 -4.82 6.25
N LEU A 70 1.90 -4.74 5.05
CA LEU A 70 1.08 -5.83 4.53
C LEU A 70 1.55 -6.20 3.13
N VAL A 71 1.92 -7.47 2.95
CA VAL A 71 2.44 -7.95 1.65
C VAL A 71 1.72 -9.24 1.19
N GLY A 72 1.20 -9.21 -0.04
CA GLY A 72 0.55 -10.38 -0.62
C GLY A 72 -0.32 -10.00 -1.80
N GLN A 73 -0.99 -11.01 -2.39
CA GLN A 73 -1.92 -10.75 -3.48
C GLN A 73 -3.11 -10.03 -2.89
N LEU A 74 -2.98 -8.70 -2.81
CA LEU A 74 -4.01 -7.89 -2.12
C LEU A 74 -5.26 -7.69 -3.00
N ASP A 75 -5.96 -8.79 -3.26
CA ASP A 75 -7.20 -8.77 -4.03
C ASP A 75 -8.44 -8.93 -3.12
N HIS A 76 -8.23 -8.89 -1.78
CA HIS A 76 -9.32 -9.05 -0.81
C HIS A 76 -9.51 -7.81 0.03
N ARG A 77 -10.77 -7.38 0.15
CA ARG A 77 -11.12 -6.25 1.01
C ARG A 77 -11.03 -6.65 2.50
N TYR A 78 -11.09 -7.97 2.78
CA TYR A 78 -11.04 -8.47 4.16
C TYR A 78 -9.71 -8.11 4.83
N ARG A 79 -8.61 -8.28 4.09
CA ARG A 79 -7.28 -7.96 4.61
C ARG A 79 -7.19 -6.46 4.94
N LEU A 80 -7.72 -5.65 4.03
CA LEU A 80 -7.77 -4.20 4.19
C LEU A 80 -8.69 -3.82 5.34
N GLN A 81 -9.80 -4.57 5.49
CA GLN A 81 -10.82 -4.27 6.48
C GLN A 81 -10.23 -4.24 7.89
N HIS A 82 -9.46 -5.30 8.25
CA HIS A 82 -8.81 -5.33 9.57
C HIS A 82 -7.63 -4.34 9.62
N LEU A 83 -7.02 -4.08 8.45
CA LEU A 83 -5.87 -3.19 8.36
C LEU A 83 -6.22 -1.78 8.83
N LEU A 84 -7.37 -1.29 8.37
CA LEU A 84 -7.83 0.05 8.75
C LEU A 84 -8.29 0.11 10.21
N SER A 85 -8.72 -1.05 10.75
CA SER A 85 -9.21 -1.12 12.13
C SER A 85 -8.05 -0.91 13.13
N PRO A 86 -8.32 -0.34 14.33
CA PRO A 86 -7.27 -0.08 15.35
C PRO A 86 -6.97 -1.34 16.19
N MET A 1 -0.05 13.91 11.20
CA MET A 1 0.13 13.58 9.75
C MET A 1 0.78 12.21 9.63
N TYR A 2 0.45 11.51 8.53
CA TYR A 2 1.01 10.18 8.27
C TYR A 2 1.59 10.10 6.87
N VAL A 3 2.62 9.25 6.69
CA VAL A 3 3.24 9.05 5.39
C VAL A 3 2.89 7.66 4.89
N PHE A 4 2.43 7.55 3.63
CA PHE A 4 2.01 6.26 3.07
C PHE A 4 2.82 5.89 1.83
N ARG A 5 3.00 4.57 1.62
CA ARG A 5 3.74 4.05 0.49
C ARG A 5 3.02 2.83 -0.12
N LEU A 6 2.92 2.80 -1.45
CA LEU A 6 2.27 1.69 -2.16
C LEU A 6 3.18 1.14 -3.26
N TYR A 7 3.27 -0.18 -3.35
CA TYR A 7 4.11 -0.84 -4.37
C TYR A 7 3.26 -1.50 -5.44
N VAL A 8 3.66 -1.29 -6.70
CA VAL A 8 2.97 -1.89 -7.84
C VAL A 8 3.98 -2.22 -8.97
N ARG A 9 3.72 -3.31 -9.69
CA ARG A 9 4.60 -3.75 -10.77
C ARG A 9 4.20 -3.07 -12.09
N GLY A 10 5.15 -2.30 -12.66
CA GLY A 10 4.92 -1.62 -13.93
C GLY A 10 3.66 -0.77 -13.88
N GLU A 11 2.81 -0.93 -14.91
CA GLU A 11 1.54 -0.20 -14.97
C GLU A 11 0.42 -1.11 -15.48
N THR A 12 -0.61 -1.28 -14.65
CA THR A 12 -1.75 -2.13 -14.99
C THR A 12 -3.05 -1.41 -14.62
N HIS A 13 -4.04 -1.48 -15.52
CA HIS A 13 -5.33 -0.81 -15.28
C HIS A 13 -5.98 -1.34 -14.02
N ALA A 14 -5.93 -2.67 -13.83
CA ALA A 14 -6.47 -3.32 -12.65
C ALA A 14 -5.74 -2.85 -11.39
N ALA A 15 -4.41 -2.71 -11.50
CA ALA A 15 -3.58 -2.26 -10.39
C ALA A 15 -3.96 -0.85 -9.97
N GLU A 16 -4.24 0.00 -10.95
CA GLU A 16 -4.65 1.39 -10.71
C GLU A 16 -5.97 1.43 -9.95
N VAL A 17 -6.88 0.52 -10.33
CA VAL A 17 -8.18 0.41 -9.67
C VAL A 17 -7.96 0.02 -8.20
N ALA A 18 -7.06 -0.96 -7.98
CA ALA A 18 -6.72 -1.42 -6.65
C ALA A 18 -6.09 -0.29 -5.84
N LEU A 19 -5.21 0.48 -6.49
CA LEU A 19 -4.54 1.60 -5.82
C LEU A 19 -5.55 2.65 -5.42
N LYS A 20 -6.46 2.96 -6.35
CA LYS A 20 -7.49 3.96 -6.12
C LYS A 20 -8.45 3.49 -5.02
N ASN A 21 -8.78 2.19 -5.04
CA ASN A 21 -9.69 1.59 -4.05
C ASN A 21 -9.04 1.56 -2.67
N LEU A 22 -7.74 1.22 -2.64
CA LEU A 22 -6.98 1.19 -1.37
C LEU A 22 -6.83 2.60 -0.83
N HIS A 23 -6.54 3.54 -1.73
CA HIS A 23 -6.39 4.94 -1.38
C HIS A 23 -7.73 5.49 -0.88
N ASP A 24 -8.78 5.13 -1.60
CA ASP A 24 -10.13 5.55 -1.31
C ASP A 24 -10.62 5.04 0.05
N LEU A 25 -10.45 3.74 0.30
CA LEU A 25 -10.89 3.13 1.57
C LEU A 25 -10.11 3.71 2.75
N LEU A 26 -8.80 3.87 2.56
CA LEU A 26 -7.93 4.39 3.62
C LEU A 26 -8.26 5.85 3.92
N SER A 27 -8.54 6.63 2.87
CA SER A 27 -8.83 8.04 3.01
C SER A 27 -10.09 8.26 3.81
N SER A 28 -11.13 7.47 3.49
CA SER A 28 -12.41 7.58 4.17
C SER A 28 -12.29 7.20 5.64
N ALA A 29 -11.47 6.19 5.92
CA ALA A 29 -11.25 5.72 7.29
C ALA A 29 -10.56 6.79 8.14
N LEU A 30 -9.61 7.52 7.53
CA LEU A 30 -8.83 8.52 8.24
C LEU A 30 -9.27 9.96 7.89
N LYS A 31 -9.69 10.70 8.92
CA LYS A 31 -10.11 12.10 8.76
C LYS A 31 -8.92 12.96 8.30
N VAL A 32 -7.74 12.67 8.86
CA VAL A 32 -6.51 13.42 8.56
C VAL A 32 -6.12 13.27 7.06
N PRO A 33 -5.34 14.23 6.49
CA PRO A 33 -4.92 14.16 5.04
C PRO A 33 -4.08 12.93 4.75
N TYR A 34 -4.07 12.52 3.47
CA TYR A 34 -3.39 11.30 3.06
C TYR A 34 -2.25 11.60 2.08
N THR A 35 -1.07 11.02 2.34
CA THR A 35 0.10 11.21 1.46
C THR A 35 0.50 9.85 0.89
N LEU A 36 0.56 9.77 -0.45
CA LEU A 36 0.91 8.52 -1.13
C LEU A 36 1.95 8.75 -2.23
N LYS A 37 2.99 7.93 -2.23
CA LYS A 37 4.05 7.99 -3.24
C LYS A 37 4.08 6.70 -4.04
N VAL A 38 4.46 6.80 -5.33
CA VAL A 38 4.46 5.64 -6.24
C VAL A 38 5.88 5.04 -6.34
N VAL A 39 6.00 3.75 -6.03
CA VAL A 39 7.28 3.03 -6.10
C VAL A 39 7.09 1.74 -6.92
N ASP A 40 7.98 1.53 -7.89
CA ASP A 40 7.93 0.31 -8.72
C ASP A 40 8.86 -0.75 -8.15
N VAL A 41 8.31 -1.94 -7.90
CA VAL A 41 9.06 -3.05 -7.34
C VAL A 41 10.20 -3.49 -8.29
N THR A 42 9.89 -3.58 -9.58
CA THR A 42 10.86 -4.04 -10.58
C THR A 42 11.98 -3.02 -10.83
N LYS A 43 11.64 -1.73 -10.82
CA LYS A 43 12.62 -0.68 -11.11
C LYS A 43 13.59 -0.46 -9.94
N GLN A 44 13.06 -0.40 -8.71
CA GLN A 44 13.90 -0.18 -7.51
C GLN A 44 14.14 -1.48 -6.69
N PRO A 45 15.31 -2.16 -6.84
CA PRO A 45 15.64 -3.36 -5.99
C PRO A 45 15.72 -3.04 -4.51
N ASP A 46 16.12 -1.81 -4.18
CA ASP A 46 16.34 -1.44 -2.77
C ASP A 46 15.08 -1.64 -1.93
N LEU A 47 13.97 -1.02 -2.35
CA LEU A 47 12.70 -1.15 -1.63
C LEU A 47 12.08 -2.55 -1.84
N ALA A 48 12.16 -3.05 -3.07
CA ALA A 48 11.59 -4.35 -3.44
C ALA A 48 12.26 -5.51 -2.68
N GLU A 49 13.57 -5.43 -2.54
CA GLU A 49 14.34 -6.48 -1.88
C GLU A 49 14.07 -6.49 -0.38
N LYS A 50 14.13 -5.30 0.22
CA LYS A 50 13.94 -5.16 1.66
C LYS A 50 12.53 -5.50 2.10
N ASP A 51 11.55 -5.16 1.26
CA ASP A 51 10.13 -5.37 1.63
C ASP A 51 9.72 -6.85 1.59
N GLN A 52 10.56 -7.71 0.98
CA GLN A 52 10.31 -9.16 0.93
C GLN A 52 8.85 -9.45 0.53
N VAL A 53 8.37 -8.76 -0.50
CA VAL A 53 6.99 -8.92 -0.97
C VAL A 53 6.73 -10.34 -1.51
N GLN A 54 5.87 -11.08 -0.79
CA GLN A 54 5.47 -12.42 -1.23
C GLN A 54 4.64 -12.32 -2.52
N ALA A 55 3.75 -11.31 -2.55
CA ALA A 55 2.91 -11.05 -3.72
C ALA A 55 2.45 -9.58 -3.72
N THR A 56 2.24 -9.04 -4.93
CA THR A 56 1.87 -7.62 -5.09
C THR A 56 0.33 -7.38 -4.99
N PRO A 57 -0.12 -6.14 -4.71
CA PRO A 57 0.74 -4.92 -4.37
C PRO A 57 1.19 -5.00 -2.90
N THR A 58 2.09 -4.10 -2.49
CA THR A 58 2.52 -4.05 -1.08
C THR A 58 2.10 -2.73 -0.45
N LEU A 59 1.36 -2.83 0.66
CA LEU A 59 0.93 -1.65 1.39
C LEU A 59 1.85 -1.43 2.57
N VAL A 60 2.60 -0.33 2.53
CA VAL A 60 3.53 0.00 3.61
C VAL A 60 3.15 1.38 4.20
N ARG A 61 2.82 1.39 5.51
CA ARG A 61 2.47 2.64 6.17
C ARG A 61 3.71 3.25 6.82
N VAL A 62 4.11 4.40 6.27
CA VAL A 62 5.30 5.13 6.72
C VAL A 62 4.95 6.04 7.91
N TYR A 63 5.92 6.18 8.82
CA TYR A 63 5.77 6.98 10.03
C TYR A 63 5.36 8.44 9.68
N PRO A 64 4.91 9.29 10.66
CA PRO A 64 4.81 8.96 12.15
C PRO A 64 4.01 7.69 12.47
N GLN A 65 4.32 7.11 13.63
CA GLN A 65 3.70 5.86 14.08
C GLN A 65 2.15 5.99 14.20
N PRO A 66 1.39 4.87 14.15
CA PRO A 66 1.91 3.44 13.95
C PRO A 66 2.23 3.13 12.49
N VAL A 67 3.33 2.39 12.28
CA VAL A 67 3.73 1.95 10.94
C VAL A 67 3.22 0.52 10.67
N ARG A 68 3.05 0.17 9.38
CA ARG A 68 2.60 -1.18 9.02
C ARG A 68 3.29 -1.70 7.76
N ARG A 69 3.38 -3.03 7.68
CA ARG A 69 3.91 -3.69 6.49
C ARG A 69 2.99 -4.86 6.11
N LEU A 70 2.41 -4.79 4.92
CA LEU A 70 1.50 -5.84 4.44
C LEU A 70 1.89 -6.25 3.02
N VAL A 71 2.21 -7.53 2.84
CA VAL A 71 2.64 -8.04 1.52
C VAL A 71 1.81 -9.24 1.07
N GLY A 72 1.43 -9.25 -0.22
CA GLY A 72 0.72 -10.39 -0.79
C GLY A 72 -0.23 -9.96 -1.89
N GLN A 73 -0.99 -10.93 -2.43
CA GLN A 73 -2.00 -10.61 -3.43
C GLN A 73 -3.05 -9.75 -2.76
N LEU A 74 -2.85 -8.44 -2.84
CA LEU A 74 -3.73 -7.50 -2.12
C LEU A 74 -5.01 -7.19 -2.91
N ASP A 75 -5.66 -8.26 -3.40
CA ASP A 75 -6.92 -8.15 -4.12
C ASP A 75 -8.14 -8.52 -3.21
N HIS A 76 -7.86 -8.77 -1.91
CA HIS A 76 -8.91 -9.16 -0.96
C HIS A 76 -9.22 -8.02 -0.01
N ARG A 77 -10.52 -7.76 0.17
CA ARG A 77 -10.98 -6.74 1.12
C ARG A 77 -10.74 -7.16 2.57
N TYR A 78 -10.67 -8.49 2.80
CA TYR A 78 -10.49 -9.02 4.17
C TYR A 78 -9.15 -8.59 4.78
N ARG A 79 -8.07 -8.67 4.00
CA ARG A 79 -6.75 -8.23 4.48
C ARG A 79 -6.78 -6.74 4.83
N LEU A 80 -7.38 -5.97 3.95
CA LEU A 80 -7.56 -4.54 4.14
C LEU A 80 -8.46 -4.25 5.33
N GLN A 81 -9.47 -5.12 5.53
CA GLN A 81 -10.46 -4.93 6.58
C GLN A 81 -9.78 -4.88 7.95
N HIS A 82 -8.85 -5.83 8.23
CA HIS A 82 -8.12 -5.81 9.51
C HIS A 82 -7.09 -4.65 9.52
N LEU A 83 -6.61 -4.28 8.32
CA LEU A 83 -5.64 -3.19 8.17
C LEU A 83 -6.24 -1.86 8.67
N LEU A 84 -7.53 -1.65 8.37
CA LEU A 84 -8.22 -0.42 8.77
C LEU A 84 -8.40 -0.36 10.29
N SER A 85 -8.44 -1.54 10.95
CA SER A 85 -8.61 -1.62 12.40
C SER A 85 -7.35 -1.08 13.12
N PRO A 86 -7.50 -0.23 14.17
CA PRO A 86 -6.33 0.34 14.91
C PRO A 86 -5.76 -0.65 15.93
N MET A 1 -1.60 12.63 10.59
CA MET A 1 -0.48 12.68 9.62
C MET A 1 0.10 11.29 9.44
N TYR A 2 -0.06 10.74 8.23
CA TYR A 2 0.45 9.39 7.91
C TYR A 2 1.17 9.39 6.57
N VAL A 3 2.17 8.51 6.42
CA VAL A 3 2.90 8.39 5.15
C VAL A 3 2.67 7.00 4.57
N PHE A 4 2.31 6.94 3.28
CA PHE A 4 2.00 5.65 2.64
C PHE A 4 2.94 5.35 1.47
N ARG A 5 3.19 4.06 1.29
CA ARG A 5 3.96 3.55 0.15
C ARG A 5 3.21 2.39 -0.47
N LEU A 6 3.21 2.32 -1.80
CA LEU A 6 2.52 1.25 -2.52
C LEU A 6 3.44 0.54 -3.49
N TYR A 7 3.38 -0.79 -3.48
CA TYR A 7 4.21 -1.61 -4.37
C TYR A 7 3.34 -2.40 -5.33
N VAL A 8 3.70 -2.36 -6.62
CA VAL A 8 2.95 -3.06 -7.66
C VAL A 8 3.86 -3.43 -8.83
N ARG A 9 3.61 -4.60 -9.43
CA ARG A 9 4.40 -5.08 -10.57
C ARG A 9 3.80 -4.56 -11.87
N GLY A 10 4.60 -3.82 -12.65
CA GLY A 10 4.15 -3.26 -13.92
C GLY A 10 3.37 -1.96 -13.71
N GLU A 11 3.00 -1.32 -14.83
CA GLU A 11 2.25 -0.06 -14.79
C GLU A 11 0.80 -0.23 -15.28
N THR A 12 0.30 -1.48 -15.29
CA THR A 12 -1.07 -1.78 -15.74
C THR A 12 -2.09 -0.79 -15.16
N HIS A 13 -3.14 -0.49 -15.94
CA HIS A 13 -4.19 0.47 -15.51
C HIS A 13 -4.92 -0.01 -14.26
N ALA A 14 -5.12 -1.32 -14.16
CA ALA A 14 -5.83 -1.92 -13.04
C ALA A 14 -5.16 -1.56 -11.71
N ALA A 15 -3.82 -1.46 -11.74
CA ALA A 15 -3.06 -1.14 -10.53
C ALA A 15 -3.48 0.21 -9.96
N GLU A 16 -3.67 1.21 -10.85
CA GLU A 16 -4.11 2.55 -10.42
C GLU A 16 -5.50 2.49 -9.82
N VAL A 17 -6.38 1.67 -10.43
CA VAL A 17 -7.75 1.51 -9.93
C VAL A 17 -7.70 0.95 -8.51
N ALA A 18 -6.85 -0.08 -8.33
CA ALA A 18 -6.64 -0.69 -7.03
C ALA A 18 -6.06 0.32 -6.05
N LEU A 19 -5.12 1.15 -6.53
CA LEU A 19 -4.52 2.19 -5.70
C LEU A 19 -5.58 3.18 -5.23
N LYS A 20 -6.46 3.56 -6.16
CA LYS A 20 -7.57 4.46 -5.85
C LYS A 20 -8.52 3.82 -4.84
N ASN A 21 -8.74 2.51 -4.99
CA ASN A 21 -9.63 1.77 -4.08
C ASN A 21 -9.08 1.76 -2.67
N LEU A 22 -7.77 1.50 -2.53
CA LEU A 22 -7.12 1.48 -1.21
C LEU A 22 -7.01 2.91 -0.66
N HIS A 23 -6.68 3.84 -1.55
CA HIS A 23 -6.56 5.26 -1.18
C HIS A 23 -7.90 5.77 -0.69
N ASP A 24 -8.93 5.41 -1.44
CA ASP A 24 -10.31 5.78 -1.16
C ASP A 24 -10.78 5.24 0.19
N LEU A 25 -10.50 3.95 0.46
CA LEU A 25 -10.91 3.33 1.72
C LEU A 25 -10.22 4.00 2.91
N LEU A 26 -8.93 4.29 2.76
CA LEU A 26 -8.16 4.95 3.82
C LEU A 26 -8.66 6.36 4.09
N SER A 27 -9.00 7.08 3.02
CA SER A 27 -9.46 8.46 3.13
C SER A 27 -10.77 8.52 3.90
N SER A 28 -11.66 7.57 3.62
CA SER A 28 -12.95 7.51 4.31
C SER A 28 -12.75 7.25 5.79
N ALA A 29 -11.84 6.31 6.10
CA ALA A 29 -11.54 5.94 7.47
C ALA A 29 -10.90 7.11 8.23
N LEU A 30 -10.04 7.86 7.54
CA LEU A 30 -9.31 8.98 8.19
C LEU A 30 -9.83 10.33 7.71
N LYS A 31 -10.30 11.14 8.68
CA LYS A 31 -10.79 12.49 8.39
C LYS A 31 -9.65 13.36 7.85
N VAL A 32 -8.46 13.21 8.44
CA VAL A 32 -7.28 13.97 8.04
C VAL A 32 -6.64 13.35 6.76
N PRO A 33 -6.36 14.14 5.69
CA PRO A 33 -5.74 13.59 4.43
C PRO A 33 -4.28 13.20 4.65
N TYR A 34 -3.76 12.34 3.76
CA TYR A 34 -2.39 11.86 3.85
C TYR A 34 -1.75 11.77 2.45
N THR A 35 -0.41 11.62 2.42
CA THR A 35 0.31 11.53 1.15
C THR A 35 0.66 10.08 0.83
N LEU A 36 0.61 9.74 -0.47
CA LEU A 36 0.89 8.38 -0.92
C LEU A 36 1.84 8.39 -2.12
N LYS A 37 2.89 7.57 -2.05
CA LYS A 37 3.86 7.45 -3.15
C LYS A 37 3.81 6.06 -3.77
N VAL A 38 4.06 5.99 -5.08
CA VAL A 38 4.02 4.73 -5.83
C VAL A 38 5.43 4.32 -6.28
N VAL A 39 5.80 3.08 -5.95
CA VAL A 39 7.13 2.56 -6.30
C VAL A 39 6.99 1.25 -7.07
N ASP A 40 7.64 1.17 -8.23
CA ASP A 40 7.63 -0.05 -9.03
C ASP A 40 8.63 -1.05 -8.47
N VAL A 41 8.14 -2.26 -8.18
CA VAL A 41 8.98 -3.31 -7.59
C VAL A 41 10.12 -3.69 -8.55
N THR A 42 9.79 -3.83 -9.83
CA THR A 42 10.77 -4.22 -10.84
C THR A 42 11.77 -3.11 -11.16
N LYS A 43 11.32 -1.86 -11.12
CA LYS A 43 12.18 -0.72 -11.49
C LYS A 43 13.20 -0.39 -10.39
N GLN A 44 12.76 -0.35 -9.12
CA GLN A 44 13.65 -0.03 -7.99
C GLN A 44 14.05 -1.30 -7.18
N PRO A 45 15.25 -1.89 -7.39
CA PRO A 45 15.71 -3.06 -6.57
C PRO A 45 15.85 -2.73 -5.10
N ASP A 46 16.25 -1.48 -4.80
CA ASP A 46 16.51 -1.09 -3.42
C ASP A 46 15.29 -1.28 -2.51
N LEU A 47 14.16 -0.69 -2.91
CA LEU A 47 12.93 -0.81 -2.11
C LEU A 47 12.33 -2.22 -2.18
N ALA A 48 12.32 -2.80 -3.39
CA ALA A 48 11.73 -4.14 -3.59
C ALA A 48 12.52 -5.24 -2.86
N GLU A 49 13.84 -5.19 -2.97
CA GLU A 49 14.72 -6.18 -2.35
C GLU A 49 14.74 -6.02 -0.84
N LYS A 50 14.86 -4.77 -0.42
CA LYS A 50 14.92 -4.44 1.00
C LYS A 50 13.63 -4.87 1.70
N ASP A 51 12.51 -4.68 1.01
CA ASP A 51 11.19 -5.01 1.58
C ASP A 51 10.94 -6.53 1.64
N GLN A 52 11.76 -7.32 0.92
CA GLN A 52 11.63 -8.78 0.92
C GLN A 52 10.17 -9.20 0.63
N VAL A 53 9.56 -8.56 -0.37
CA VAL A 53 8.17 -8.82 -0.74
C VAL A 53 7.98 -10.23 -1.34
N GLN A 54 6.81 -10.83 -1.05
CA GLN A 54 6.49 -12.18 -1.56
C GLN A 54 5.32 -12.13 -2.55
N ALA A 55 4.16 -11.62 -2.10
CA ALA A 55 2.97 -11.52 -2.97
C ALA A 55 2.50 -10.06 -3.08
N THR A 56 2.27 -9.63 -4.31
CA THR A 56 1.87 -8.24 -4.60
C THR A 56 0.33 -7.99 -4.59
N PRO A 57 -0.12 -6.73 -4.43
CA PRO A 57 0.75 -5.51 -4.13
C PRO A 57 1.13 -5.53 -2.65
N THR A 58 2.04 -4.63 -2.24
CA THR A 58 2.40 -4.54 -0.83
C THR A 58 2.01 -3.18 -0.30
N LEU A 59 1.13 -3.18 0.71
CA LEU A 59 0.69 -1.96 1.32
C LEU A 59 1.54 -1.69 2.54
N VAL A 60 2.42 -0.69 2.43
CA VAL A 60 3.38 -0.39 3.50
C VAL A 60 2.99 0.92 4.18
N ARG A 61 2.71 0.83 5.49
CA ARG A 61 2.31 2.00 6.28
C ARG A 61 3.54 2.65 6.91
N VAL A 62 3.87 3.83 6.41
CA VAL A 62 5.02 4.61 6.89
C VAL A 62 4.58 5.59 7.99
N TYR A 63 5.54 5.94 8.83
CA TYR A 63 5.31 6.85 9.96
C TYR A 63 4.78 8.22 9.47
N PRO A 64 4.17 9.07 10.34
CA PRO A 64 3.94 8.84 11.84
C PRO A 64 3.19 7.55 12.16
N GLN A 65 3.35 7.11 13.41
CA GLN A 65 2.77 5.86 13.90
C GLN A 65 1.23 5.86 13.77
N PRO A 66 0.57 4.67 13.71
CA PRO A 66 1.24 3.30 13.77
C PRO A 66 1.87 2.88 12.44
N VAL A 67 3.05 2.23 12.53
CA VAL A 67 3.75 1.71 11.35
C VAL A 67 3.38 0.22 11.17
N ARG A 68 3.17 -0.20 9.91
CA ARG A 68 2.79 -1.60 9.64
C ARG A 68 3.18 -2.02 8.22
N ARG A 69 3.58 -3.28 8.08
CA ARG A 69 3.92 -3.86 6.78
C ARG A 69 3.01 -5.06 6.48
N LEU A 70 2.22 -4.94 5.40
CA LEU A 70 1.30 -5.99 4.98
C LEU A 70 1.60 -6.41 3.55
N VAL A 71 1.86 -7.72 3.35
CA VAL A 71 2.19 -8.23 2.03
C VAL A 71 1.35 -9.48 1.69
N GLY A 72 0.86 -9.54 0.44
CA GLY A 72 0.10 -10.69 -0.03
C GLY A 72 -0.68 -10.35 -1.27
N GLN A 73 -1.40 -11.34 -1.81
CA GLN A 73 -2.26 -11.10 -2.97
C GLN A 73 -3.35 -10.16 -2.50
N LEU A 74 -3.13 -8.86 -2.67
CA LEU A 74 -4.07 -7.86 -2.13
C LEU A 74 -5.31 -7.67 -3.00
N ASP A 75 -5.93 -8.79 -3.37
CA ASP A 75 -7.20 -8.78 -4.11
C ASP A 75 -8.40 -9.06 -3.17
N HIS A 76 -8.16 -8.99 -1.84
CA HIS A 76 -9.19 -9.24 -0.84
C HIS A 76 -9.39 -8.01 0.04
N ARG A 77 -10.66 -7.64 0.24
CA ARG A 77 -10.99 -6.52 1.14
C ARG A 77 -10.75 -6.88 2.61
N TYR A 78 -10.73 -8.20 2.91
CA TYR A 78 -10.57 -8.69 4.27
C TYR A 78 -9.20 -8.29 4.86
N ARG A 79 -8.14 -8.41 4.05
CA ARG A 79 -6.78 -8.06 4.51
C ARG A 79 -6.70 -6.58 4.90
N LEU A 80 -7.24 -5.72 4.03
CA LEU A 80 -7.25 -4.28 4.32
C LEU A 80 -8.32 -3.93 5.37
N GLN A 81 -9.33 -4.81 5.53
CA GLN A 81 -10.39 -4.59 6.51
C GLN A 81 -9.81 -4.52 7.92
N HIS A 82 -8.95 -5.51 8.27
CA HIS A 82 -8.29 -5.51 9.58
C HIS A 82 -7.16 -4.47 9.65
N LEU A 83 -6.56 -4.18 8.48
CA LEU A 83 -5.48 -3.20 8.39
C LEU A 83 -5.98 -1.81 8.79
N LEU A 84 -7.19 -1.46 8.34
CA LEU A 84 -7.79 -0.15 8.63
C LEU A 84 -8.19 -0.01 10.13
N SER A 85 -8.06 -1.10 10.90
CA SER A 85 -8.41 -1.06 12.33
C SER A 85 -7.47 -0.11 13.11
N PRO A 86 -7.94 0.56 14.19
CA PRO A 86 -7.10 1.50 14.98
C PRO A 86 -5.74 0.89 15.35
N MET A 1 2.20 14.36 11.83
CA MET A 1 1.56 13.89 10.57
C MET A 1 1.95 12.42 10.33
N TYR A 2 1.50 11.87 9.19
CA TYR A 2 1.79 10.48 8.83
C TYR A 2 2.25 10.39 7.37
N VAL A 3 3.10 9.39 7.08
CA VAL A 3 3.58 9.18 5.70
C VAL A 3 3.05 7.83 5.21
N PHE A 4 2.42 7.82 4.04
CA PHE A 4 1.82 6.60 3.50
C PHE A 4 2.57 6.14 2.24
N ARG A 5 2.75 4.82 2.11
CA ARG A 5 3.49 4.24 0.97
C ARG A 5 2.76 3.02 0.41
N LEU A 6 2.80 2.87 -0.92
CA LEU A 6 2.14 1.74 -1.60
C LEU A 6 3.07 1.14 -2.66
N TYR A 7 3.14 -0.20 -2.67
CA TYR A 7 3.97 -0.92 -3.63
C TYR A 7 3.09 -1.69 -4.61
N VAL A 8 3.25 -1.39 -5.90
CA VAL A 8 2.48 -2.07 -6.94
C VAL A 8 3.24 -2.07 -8.27
N ARG A 9 3.06 -3.13 -9.06
CA ARG A 9 3.72 -3.25 -10.37
C ARG A 9 3.21 -2.15 -11.30
N GLY A 10 4.15 -1.44 -11.94
CA GLY A 10 3.81 -0.33 -12.84
C GLY A 10 3.25 -0.80 -14.17
N GLU A 11 2.71 0.15 -14.94
CA GLU A 11 2.13 -0.14 -16.26
C GLU A 11 1.03 -1.22 -16.16
N THR A 12 0.29 -1.21 -15.04
CA THR A 12 -0.80 -2.17 -14.84
C THR A 12 -2.13 -1.44 -14.63
N HIS A 13 -3.14 -1.82 -15.40
CA HIS A 13 -4.47 -1.22 -15.30
C HIS A 13 -5.06 -1.49 -13.91
N ALA A 14 -4.89 -2.73 -13.44
CA ALA A 14 -5.39 -3.14 -12.13
C ALA A 14 -4.76 -2.30 -11.02
N ALA A 15 -3.45 -2.01 -11.18
CA ALA A 15 -2.71 -1.23 -10.19
C ALA A 15 -3.29 0.18 -10.02
N GLU A 16 -3.63 0.81 -11.15
CA GLU A 16 -4.17 2.18 -11.14
C GLU A 16 -5.52 2.24 -10.44
N VAL A 17 -6.38 1.25 -10.73
CA VAL A 17 -7.71 1.19 -10.10
C VAL A 17 -7.60 0.78 -8.63
N ALA A 18 -6.69 -0.14 -8.38
CA ALA A 18 -6.40 -0.60 -7.03
C ALA A 18 -5.88 0.54 -6.18
N LEU A 19 -5.02 1.39 -6.79
CA LEU A 19 -4.44 2.54 -6.08
C LEU A 19 -5.53 3.52 -5.67
N LYS A 20 -6.44 3.81 -6.61
CA LYS A 20 -7.56 4.71 -6.32
C LYS A 20 -8.52 4.08 -5.31
N ASN A 21 -8.71 2.75 -5.43
CA ASN A 21 -9.58 2.01 -4.53
C ASN A 21 -9.02 2.02 -3.11
N LEU A 22 -7.71 1.81 -3.01
CA LEU A 22 -7.01 1.82 -1.71
C LEU A 22 -7.00 3.22 -1.15
N HIS A 23 -6.71 4.19 -2.01
CA HIS A 23 -6.68 5.60 -1.61
C HIS A 23 -8.07 6.02 -1.12
N ASP A 24 -9.07 5.61 -1.89
CA ASP A 24 -10.46 5.89 -1.60
C ASP A 24 -10.91 5.26 -0.28
N LEU A 25 -10.60 3.97 -0.10
CA LEU A 25 -10.96 3.25 1.13
C LEU A 25 -10.24 3.84 2.35
N LEU A 26 -8.96 4.18 2.17
CA LEU A 26 -8.16 4.76 3.24
C LEU A 26 -8.69 6.12 3.67
N SER A 27 -9.11 6.92 2.69
CA SER A 27 -9.62 8.26 2.97
C SER A 27 -10.87 8.19 3.82
N SER A 28 -11.79 7.31 3.43
CA SER A 28 -13.04 7.14 4.15
C SER A 28 -12.80 6.62 5.56
N ALA A 29 -11.89 5.64 5.66
CA ALA A 29 -11.55 5.04 6.94
C ALA A 29 -10.87 6.05 7.86
N LEU A 30 -10.00 6.90 7.28
CA LEU A 30 -9.25 7.91 8.03
C LEU A 30 -9.52 9.32 7.53
N LYS A 31 -10.14 10.13 8.39
CA LYS A 31 -10.42 11.53 8.07
C LYS A 31 -9.14 12.33 7.90
N VAL A 32 -8.14 12.02 8.73
CA VAL A 32 -6.86 12.75 8.75
C VAL A 32 -6.13 12.67 7.36
N PRO A 33 -5.57 13.80 6.84
CA PRO A 33 -4.84 13.80 5.53
C PRO A 33 -3.60 12.89 5.53
N TYR A 34 -3.27 12.36 4.36
CA TYR A 34 -2.08 11.50 4.19
C TYR A 34 -1.57 11.56 2.75
N THR A 35 -0.31 11.16 2.54
CA THR A 35 0.29 11.19 1.18
C THR A 35 0.69 9.79 0.72
N LEU A 36 0.51 9.54 -0.57
CA LEU A 36 0.82 8.24 -1.19
C LEU A 36 1.82 8.38 -2.34
N LYS A 37 2.66 7.37 -2.51
CA LYS A 37 3.64 7.34 -3.60
C LYS A 37 3.62 5.99 -4.31
N VAL A 38 3.91 5.99 -5.61
CA VAL A 38 3.90 4.76 -6.42
C VAL A 38 5.31 4.21 -6.58
N VAL A 39 5.51 2.96 -6.14
CA VAL A 39 6.81 2.31 -6.22
C VAL A 39 6.68 0.94 -6.92
N ASP A 40 7.53 0.71 -7.93
CA ASP A 40 7.51 -0.56 -8.67
C ASP A 40 8.48 -1.55 -8.03
N VAL A 41 7.91 -2.65 -7.50
CA VAL A 41 8.70 -3.68 -6.81
C VAL A 41 9.66 -4.38 -7.79
N THR A 42 9.14 -4.73 -8.97
CA THR A 42 9.92 -5.46 -9.97
C THR A 42 11.01 -4.61 -10.62
N LYS A 43 10.70 -3.32 -10.86
CA LYS A 43 11.66 -2.44 -11.54
C LYS A 43 12.82 -2.02 -10.62
N GLN A 44 12.50 -1.64 -9.37
CA GLN A 44 13.54 -1.20 -8.41
C GLN A 44 13.88 -2.33 -7.37
N PRO A 45 15.00 -3.07 -7.54
CA PRO A 45 15.42 -4.12 -6.54
C PRO A 45 15.69 -3.54 -5.15
N ASP A 46 16.19 -2.30 -5.11
CA ASP A 46 16.60 -1.71 -3.83
C ASP A 46 15.44 -1.66 -2.83
N LEU A 47 14.30 -1.11 -3.27
CA LEU A 47 13.13 -1.02 -2.40
C LEU A 47 12.46 -2.38 -2.20
N ALA A 48 12.30 -3.14 -3.30
CA ALA A 48 11.63 -4.44 -3.24
C ALA A 48 12.39 -5.44 -2.37
N GLU A 49 13.71 -5.47 -2.52
CA GLU A 49 14.56 -6.38 -1.77
C GLU A 49 14.56 -6.01 -0.29
N LYS A 50 14.72 -4.72 -0.03
CA LYS A 50 14.75 -4.20 1.33
C LYS A 50 13.42 -4.41 2.03
N ASP A 51 12.34 -4.26 1.26
CA ASP A 51 10.97 -4.37 1.80
C ASP A 51 10.54 -5.83 2.04
N GLN A 52 11.30 -6.80 1.51
CA GLN A 52 10.97 -8.22 1.66
C GLN A 52 9.52 -8.48 1.18
N VAL A 53 9.14 -7.81 0.09
CA VAL A 53 7.81 -7.96 -0.49
C VAL A 53 7.74 -9.17 -1.45
N GLN A 54 6.77 -10.07 -1.20
CA GLN A 54 6.60 -11.28 -2.01
C GLN A 54 5.41 -11.16 -2.98
N ALA A 55 4.25 -10.74 -2.45
CA ALA A 55 3.02 -10.64 -3.25
C ALA A 55 2.54 -9.18 -3.38
N THR A 56 2.14 -8.80 -4.60
CA THR A 56 1.71 -7.44 -4.91
C THR A 56 0.17 -7.19 -4.65
N PRO A 57 -0.23 -6.01 -4.14
CA PRO A 57 0.66 -4.86 -3.71
C PRO A 57 1.01 -4.98 -2.23
N THR A 58 1.93 -4.14 -1.76
CA THR A 58 2.24 -4.07 -0.34
C THR A 58 1.93 -2.69 0.17
N LEU A 59 1.07 -2.62 1.17
CA LEU A 59 0.70 -1.36 1.78
C LEU A 59 1.57 -1.12 2.98
N VAL A 60 2.42 -0.09 2.89
CA VAL A 60 3.36 0.22 3.96
C VAL A 60 3.02 1.58 4.58
N ARG A 61 2.76 1.58 5.89
CA ARG A 61 2.45 2.80 6.60
C ARG A 61 3.74 3.39 7.17
N VAL A 62 4.22 4.45 6.52
CA VAL A 62 5.48 5.11 6.87
C VAL A 62 5.31 6.07 8.05
N TYR A 63 6.41 6.22 8.79
CA TYR A 63 6.45 7.07 9.99
C TYR A 63 6.10 8.55 9.64
N PRO A 64 5.77 9.43 10.62
CA PRO A 64 5.73 9.14 12.13
C PRO A 64 4.86 7.95 12.52
N GLN A 65 5.15 7.41 13.71
CA GLN A 65 4.47 6.23 14.22
C GLN A 65 2.93 6.43 14.28
N PRO A 66 2.14 5.34 14.26
CA PRO A 66 2.62 3.89 14.20
C PRO A 66 3.01 3.46 12.77
N VAL A 67 4.12 2.70 12.68
CA VAL A 67 4.58 2.14 11.40
C VAL A 67 4.06 0.69 11.26
N ARG A 68 3.46 0.38 10.10
CA ARG A 68 2.89 -0.96 9.86
C ARG A 68 2.72 -1.23 8.37
N ARG A 69 2.99 -2.49 7.94
CA ARG A 69 2.81 -2.87 6.52
C ARG A 69 2.17 -4.26 6.36
N LEU A 70 1.50 -4.44 5.22
CA LEU A 70 0.86 -5.72 4.87
C LEU A 70 1.24 -6.09 3.43
N VAL A 71 1.65 -7.34 3.22
CA VAL A 71 2.05 -7.80 1.88
C VAL A 71 1.24 -9.04 1.47
N GLY A 72 0.65 -8.98 0.28
CA GLY A 72 -0.13 -10.10 -0.26
C GLY A 72 -0.82 -9.72 -1.56
N GLN A 73 -1.42 -10.71 -2.21
CA GLN A 73 -2.18 -10.48 -3.43
C GLN A 73 -3.50 -9.87 -3.07
N LEU A 74 -3.69 -8.56 -3.37
CA LEU A 74 -4.97 -7.90 -2.96
C LEU A 74 -6.15 -8.31 -3.87
N ASP A 75 -6.51 -9.60 -3.77
CA ASP A 75 -7.68 -10.12 -4.48
C ASP A 75 -8.90 -10.24 -3.53
N HIS A 76 -8.70 -9.88 -2.24
CA HIS A 76 -9.76 -9.96 -1.23
C HIS A 76 -9.81 -8.69 -0.40
N ARG A 77 -11.02 -8.25 -0.06
CA ARG A 77 -11.20 -7.12 0.84
C ARG A 77 -10.96 -7.52 2.31
N TYR A 78 -11.00 -8.85 2.58
CA TYR A 78 -10.82 -9.36 3.94
C TYR A 78 -9.43 -9.05 4.50
N ARG A 79 -8.39 -9.23 3.66
CA ARG A 79 -7.01 -8.92 4.08
C ARG A 79 -6.88 -7.44 4.39
N LEU A 80 -7.48 -6.62 3.54
CA LEU A 80 -7.47 -5.17 3.72
C LEU A 80 -8.34 -4.78 4.93
N GLN A 81 -9.39 -5.59 5.20
CA GLN A 81 -10.30 -5.31 6.30
C GLN A 81 -9.55 -5.29 7.64
N HIS A 82 -8.69 -6.32 7.88
CA HIS A 82 -7.89 -6.32 9.11
C HIS A 82 -6.78 -5.26 9.06
N LEU A 83 -6.32 -4.94 7.83
CA LEU A 83 -5.31 -3.91 7.63
C LEU A 83 -5.83 -2.57 8.13
N LEU A 84 -7.09 -2.27 7.78
CA LEU A 84 -7.73 -1.03 8.19
C LEU A 84 -8.03 -1.02 9.70
N SER A 85 -8.19 -2.21 10.29
CA SER A 85 -8.46 -2.34 11.72
C SER A 85 -7.28 -1.79 12.56
N PRO A 86 -7.53 -1.05 13.67
CA PRO A 86 -6.42 -0.49 14.51
C PRO A 86 -5.68 -1.58 15.29
N MET A 1 1.51 14.48 11.01
CA MET A 1 2.14 14.12 9.70
C MET A 1 2.41 12.62 9.67
N TYR A 2 1.88 11.95 8.65
CA TYR A 2 2.08 10.49 8.47
C TYR A 2 2.63 10.21 7.09
N VAL A 3 3.46 9.15 6.96
CA VAL A 3 4.05 8.81 5.66
C VAL A 3 3.47 7.47 5.19
N PHE A 4 2.99 7.45 3.95
CA PHE A 4 2.34 6.26 3.37
C PHE A 4 3.09 5.80 2.11
N ARG A 5 3.23 4.49 1.95
CA ARG A 5 3.89 3.91 0.78
C ARG A 5 3.10 2.72 0.24
N LEU A 6 2.91 2.70 -1.09
CA LEU A 6 2.19 1.61 -1.76
C LEU A 6 3.00 1.08 -2.94
N TYR A 7 3.14 -0.24 -3.00
CA TYR A 7 3.89 -0.89 -4.08
C TYR A 7 2.94 -1.48 -5.12
N VAL A 8 3.22 -1.19 -6.40
CA VAL A 8 2.39 -1.71 -7.50
C VAL A 8 3.23 -2.22 -8.68
N ARG A 9 2.60 -3.04 -9.53
CA ARG A 9 3.24 -3.59 -10.71
C ARG A 9 2.92 -2.75 -11.94
N GLY A 10 3.96 -2.20 -12.56
CA GLY A 10 3.79 -1.37 -13.77
C GLY A 10 3.16 -2.15 -14.91
N GLU A 11 3.57 -3.41 -15.06
CA GLU A 11 3.09 -4.28 -16.14
C GLU A 11 1.57 -4.51 -16.05
N THR A 12 1.06 -4.71 -14.82
CA THR A 12 -0.36 -5.00 -14.62
C THR A 12 -1.11 -3.75 -14.15
N HIS A 13 -2.18 -3.40 -14.89
CA HIS A 13 -3.01 -2.23 -14.57
C HIS A 13 -3.89 -2.48 -13.31
N ALA A 14 -4.03 -3.75 -12.93
CA ALA A 14 -4.85 -4.12 -11.76
C ALA A 14 -4.31 -3.49 -10.49
N ALA A 15 -2.99 -3.45 -10.36
CA ALA A 15 -2.34 -2.89 -9.17
C ALA A 15 -2.72 -1.43 -8.99
N GLU A 16 -2.78 -0.68 -10.09
CA GLU A 16 -3.16 0.73 -10.07
C GLU A 16 -4.62 0.89 -9.64
N VAL A 17 -5.48 0.00 -10.14
CA VAL A 17 -6.90 0.02 -9.76
C VAL A 17 -7.01 -0.22 -8.26
N ALA A 18 -6.25 -1.20 -7.78
CA ALA A 18 -6.20 -1.53 -6.36
C ALA A 18 -5.66 -0.35 -5.57
N LEU A 19 -4.66 0.34 -6.15
CA LEU A 19 -4.06 1.50 -5.49
C LEU A 19 -5.11 2.58 -5.26
N LYS A 20 -5.92 2.83 -6.29
CA LYS A 20 -6.98 3.82 -6.20
C LYS A 20 -8.02 3.40 -5.17
N ASN A 21 -8.33 2.09 -5.14
CA ASN A 21 -9.31 1.54 -4.20
C ASN A 21 -8.81 1.63 -2.75
N LEU A 22 -7.51 1.32 -2.57
CA LEU A 22 -6.88 1.38 -1.25
C LEU A 22 -6.75 2.82 -0.81
N HIS A 23 -6.36 3.68 -1.75
CA HIS A 23 -6.25 5.11 -1.50
C HIS A 23 -7.62 5.67 -1.13
N ASP A 24 -8.62 5.24 -1.89
CA ASP A 24 -10.00 5.64 -1.69
C ASP A 24 -10.50 5.20 -0.31
N LEU A 25 -10.23 3.94 0.05
CA LEU A 25 -10.64 3.40 1.35
C LEU A 25 -9.95 4.13 2.50
N LEU A 26 -8.65 4.42 2.33
CA LEU A 26 -7.87 5.11 3.37
C LEU A 26 -8.40 6.52 3.62
N SER A 27 -8.75 7.22 2.54
CA SER A 27 -9.25 8.58 2.63
C SER A 27 -10.56 8.61 3.38
N SER A 28 -11.45 7.69 3.03
CA SER A 28 -12.77 7.62 3.65
C SER A 28 -12.67 7.22 5.11
N ALA A 29 -11.75 6.30 5.42
CA ALA A 29 -11.55 5.83 6.78
C ALA A 29 -11.02 6.96 7.67
N LEU A 30 -10.11 7.77 7.12
CA LEU A 30 -9.51 8.88 7.86
C LEU A 30 -9.71 10.21 7.12
N LYS A 31 -10.48 11.12 7.74
CA LYS A 31 -10.68 12.45 7.16
C LYS A 31 -9.36 13.25 7.14
N VAL A 32 -8.45 12.92 8.07
CA VAL A 32 -7.15 13.59 8.18
C VAL A 32 -6.32 13.35 6.88
N PRO A 33 -5.68 14.39 6.30
CA PRO A 33 -4.87 14.22 5.04
C PRO A 33 -3.57 13.44 5.30
N TYR A 34 -3.10 12.78 4.25
CA TYR A 34 -1.86 11.99 4.32
C TYR A 34 -1.15 11.95 2.96
N THR A 35 0.13 11.59 2.97
CA THR A 35 0.94 11.56 1.75
C THR A 35 1.12 10.13 1.25
N LEU A 36 0.75 9.91 -0.03
CA LEU A 36 0.88 8.61 -0.66
C LEU A 36 1.59 8.75 -2.01
N LYS A 37 2.62 7.93 -2.22
CA LYS A 37 3.39 7.95 -3.46
C LYS A 37 3.45 6.57 -4.11
N VAL A 38 3.52 6.55 -5.46
CA VAL A 38 3.54 5.29 -6.21
C VAL A 38 4.96 4.76 -6.35
N VAL A 39 5.12 3.45 -6.15
CA VAL A 39 6.41 2.79 -6.28
C VAL A 39 6.28 1.57 -7.20
N ASP A 40 7.15 1.50 -8.21
CA ASP A 40 7.16 0.37 -9.13
C ASP A 40 8.16 -0.69 -8.68
N VAL A 41 7.63 -1.83 -8.25
CA VAL A 41 8.45 -2.92 -7.73
C VAL A 41 9.45 -3.43 -8.80
N THR A 42 8.98 -3.58 -10.03
CA THR A 42 9.82 -4.11 -11.11
C THR A 42 10.95 -3.15 -11.51
N LYS A 43 10.69 -1.83 -11.44
CA LYS A 43 11.69 -0.84 -11.88
C LYS A 43 12.83 -0.65 -10.85
N GLN A 44 12.49 -0.49 -9.56
CA GLN A 44 13.52 -0.25 -8.52
C GLN A 44 13.80 -1.55 -7.66
N PRO A 45 14.87 -2.33 -7.94
CA PRO A 45 15.22 -3.52 -7.10
C PRO A 45 15.59 -3.17 -5.66
N ASP A 46 16.29 -2.04 -5.47
CA ASP A 46 16.80 -1.69 -4.14
C ASP A 46 15.69 -1.55 -3.10
N LEU A 47 14.64 -0.79 -3.45
CA LEU A 47 13.51 -0.60 -2.54
C LEU A 47 12.66 -1.87 -2.42
N ALA A 48 12.35 -2.49 -3.57
CA ALA A 48 11.51 -3.69 -3.60
C ALA A 48 12.16 -4.88 -2.88
N GLU A 49 13.45 -5.08 -3.14
CA GLU A 49 14.22 -6.17 -2.53
C GLU A 49 14.33 -5.94 -1.03
N LYS A 50 14.66 -4.70 -0.68
CA LYS A 50 14.79 -4.30 0.71
C LYS A 50 13.47 -4.48 1.45
N ASP A 51 12.38 -4.19 0.74
CA ASP A 51 11.02 -4.29 1.32
C ASP A 51 10.58 -5.75 1.51
N GLN A 52 11.29 -6.70 0.87
CA GLN A 52 10.98 -8.13 0.99
C GLN A 52 9.49 -8.40 0.68
N VAL A 53 9.11 -8.16 -0.57
CA VAL A 53 7.72 -8.35 -1.01
C VAL A 53 7.50 -9.79 -1.54
N GLN A 54 6.54 -10.51 -0.93
CA GLN A 54 6.23 -11.88 -1.35
C GLN A 54 5.17 -11.90 -2.45
N ALA A 55 4.15 -11.03 -2.31
CA ALA A 55 3.08 -10.92 -3.31
C ALA A 55 2.51 -9.49 -3.33
N THR A 56 2.28 -8.97 -4.53
CA THR A 56 1.83 -7.59 -4.72
C THR A 56 0.27 -7.41 -4.67
N PRO A 57 -0.23 -6.19 -4.41
CA PRO A 57 0.59 -4.95 -4.05
C PRO A 57 1.05 -5.05 -2.60
N THR A 58 1.94 -4.13 -2.19
CA THR A 58 2.38 -4.09 -0.79
C THR A 58 2.03 -2.73 -0.19
N LEU A 59 1.29 -2.77 0.92
CA LEU A 59 0.92 -1.55 1.63
C LEU A 59 1.81 -1.37 2.85
N VAL A 60 2.60 -0.31 2.83
CA VAL A 60 3.51 -0.01 3.93
C VAL A 60 3.15 1.33 4.56
N ARG A 61 2.79 1.30 5.84
CA ARG A 61 2.44 2.51 6.59
C ARG A 61 3.68 3.04 7.27
N VAL A 62 4.25 4.08 6.69
CA VAL A 62 5.50 4.67 7.16
C VAL A 62 5.27 5.64 8.35
N TYR A 63 6.22 5.58 9.28
CA TYR A 63 6.20 6.35 10.52
C TYR A 63 5.91 7.85 10.26
N PRO A 64 5.46 8.63 11.30
CA PRO A 64 5.25 8.18 12.74
C PRO A 64 4.17 7.11 12.91
N GLN A 65 4.12 6.53 14.11
CA GLN A 65 3.21 5.42 14.41
C GLN A 65 1.73 5.79 14.16
N PRO A 66 0.84 4.79 13.90
CA PRO A 66 1.19 3.31 13.84
C PRO A 66 1.84 2.92 12.50
N VAL A 67 2.93 2.15 12.61
CA VAL A 67 3.63 1.62 11.43
C VAL A 67 3.14 0.20 11.14
N ARG A 68 2.97 -0.13 9.85
CA ARG A 68 2.47 -1.47 9.47
C ARG A 68 3.01 -1.91 8.11
N ARG A 69 3.33 -3.21 8.00
CA ARG A 69 3.81 -3.79 6.74
C ARG A 69 2.95 -4.99 6.33
N LEU A 70 2.29 -4.87 5.18
CA LEU A 70 1.40 -5.93 4.68
C LEU A 70 1.78 -6.33 3.24
N VAL A 71 2.12 -7.60 3.05
CA VAL A 71 2.48 -8.12 1.71
C VAL A 71 1.62 -9.32 1.34
N GLY A 72 1.10 -9.33 0.10
CA GLY A 72 0.31 -10.47 -0.39
C GLY A 72 -0.59 -10.05 -1.53
N GLN A 73 -1.20 -11.04 -2.20
CA GLN A 73 -2.13 -10.76 -3.28
C GLN A 73 -3.29 -9.95 -2.73
N LEU A 74 -3.18 -8.63 -2.87
CA LEU A 74 -4.21 -7.73 -2.27
C LEU A 74 -5.42 -7.56 -3.21
N ASP A 75 -6.20 -8.63 -3.34
CA ASP A 75 -7.41 -8.62 -4.18
C ASP A 75 -8.68 -8.90 -3.34
N HIS A 76 -8.60 -8.68 -2.02
CA HIS A 76 -9.73 -8.93 -1.11
C HIS A 76 -9.98 -7.76 -0.18
N ARG A 77 -11.26 -7.40 0.00
CA ARG A 77 -11.66 -6.36 0.94
C ARG A 77 -11.47 -6.84 2.39
N TYR A 78 -11.55 -8.17 2.59
CA TYR A 78 -11.44 -8.76 3.94
C TYR A 78 -10.09 -8.46 4.57
N ARG A 79 -9.01 -8.60 3.78
CA ARG A 79 -7.66 -8.33 4.28
C ARG A 79 -7.53 -6.85 4.67
N LEU A 80 -8.10 -5.99 3.82
CA LEU A 80 -8.15 -4.56 4.07
C LEU A 80 -9.02 -4.24 5.28
N GLN A 81 -10.10 -5.02 5.45
CA GLN A 81 -11.06 -4.78 6.51
C GLN A 81 -10.40 -4.81 7.88
N HIS A 82 -9.60 -5.87 8.14
CA HIS A 82 -8.88 -5.95 9.44
C HIS A 82 -7.72 -4.94 9.48
N LEU A 83 -7.15 -4.63 8.30
CA LEU A 83 -6.05 -3.67 8.19
C LEU A 83 -6.51 -2.29 8.67
N LEU A 84 -7.69 -1.87 8.22
CA LEU A 84 -8.26 -0.57 8.60
C LEU A 84 -8.71 -0.55 10.07
N SER A 85 -9.04 -1.73 10.61
CA SER A 85 -9.49 -1.85 11.99
C SER A 85 -8.40 -1.37 12.98
N PRO A 86 -8.73 -0.52 14.00
CA PRO A 86 -7.72 -0.03 14.98
C PRO A 86 -6.84 -1.16 15.52
#